data_2L0A
#
_entry.id   2L0A
#
_entity_poly.entity_id   1
_entity_poly.type   'polypeptide(L)'
_entity_poly.pdbx_seq_one_letter_code
;MGHHHHHHSHMNHQHEARKVRAIYDFEAAEDNELTFKAGEIITVLDDSDPNWWKGETHQGIGLFPSNFVTAD
;
_entity_poly.pdbx_strand_id   A
#
# COMPACT_ATOMS: atom_id res chain seq x y z
N MET A 1 5.71 -21.51 -30.40
CA MET A 1 5.23 -21.57 -28.98
C MET A 1 5.43 -20.21 -28.28
N GLY A 2 4.94 -20.11 -27.05
CA GLY A 2 5.09 -18.87 -26.27
C GLY A 2 3.80 -18.04 -26.19
N HIS A 3 3.15 -18.05 -25.03
CA HIS A 3 1.94 -17.25 -24.81
C HIS A 3 2.03 -16.42 -23.52
N HIS A 4 1.65 -17.01 -22.38
CA HIS A 4 1.71 -16.31 -21.08
C HIS A 4 1.98 -17.28 -19.93
N HIS A 5 2.92 -16.92 -19.06
CA HIS A 5 3.20 -17.69 -17.84
C HIS A 5 3.51 -16.78 -16.64
N HIS A 6 2.89 -17.08 -15.51
CA HIS A 6 3.13 -16.37 -14.25
C HIS A 6 3.17 -17.36 -13.07
N HIS A 7 4.37 -17.79 -12.70
CA HIS A 7 4.55 -18.74 -11.59
C HIS A 7 5.68 -18.32 -10.65
N HIS A 8 5.34 -18.00 -9.41
CA HIS A 8 6.35 -17.62 -8.40
C HIS A 8 6.88 -18.85 -7.67
N SER A 9 8.17 -18.88 -7.39
CA SER A 9 8.77 -19.95 -6.58
C SER A 9 8.43 -19.75 -5.09
N HIS A 10 8.49 -20.82 -4.31
CA HIS A 10 8.17 -20.74 -2.89
C HIS A 10 9.23 -19.93 -2.12
N MET A 11 9.06 -18.61 -2.14
CA MET A 11 9.99 -17.70 -1.45
C MET A 11 9.62 -17.55 0.03
N ASN A 12 10.07 -18.48 0.85
CA ASN A 12 9.78 -18.46 2.29
C ASN A 12 10.52 -17.29 2.99
N HIS A 13 9.86 -16.15 3.08
CA HIS A 13 10.41 -14.97 3.76
C HIS A 13 9.35 -14.30 4.63
N GLN A 14 9.78 -13.41 5.53
CA GLN A 14 8.86 -12.66 6.37
C GLN A 14 8.12 -11.58 5.55
N HIS A 15 7.10 -12.00 4.82
CA HIS A 15 6.34 -11.11 3.96
C HIS A 15 5.48 -10.14 4.78
N GLU A 16 6.10 -9.05 5.23
CA GLU A 16 5.44 -8.08 6.11
C GLU A 16 4.86 -6.88 5.32
N ALA A 17 3.54 -6.70 5.40
CA ALA A 17 2.90 -5.51 4.84
C ALA A 17 3.18 -4.28 5.72
N ARG A 18 3.87 -3.29 5.17
CA ARG A 18 4.31 -2.11 5.92
C ARG A 18 3.41 -0.89 5.65
N LYS A 19 3.46 0.11 6.54
CA LYS A 19 2.55 1.26 6.46
C LYS A 19 3.29 2.60 6.25
N VAL A 20 2.68 3.48 5.46
CA VAL A 20 3.23 4.83 5.22
C VAL A 20 2.14 5.90 5.34
N ARG A 21 2.47 7.02 5.99
CA ARG A 21 1.52 8.12 6.18
C ARG A 21 1.70 9.21 5.12
N ALA A 22 0.60 9.68 4.54
CA ALA A 22 0.66 10.75 3.54
C ALA A 22 0.82 12.13 4.21
N ILE A 23 1.71 12.96 3.66
CA ILE A 23 1.84 14.35 4.11
C ILE A 23 1.22 15.32 3.09
N TYR A 24 1.10 14.88 1.84
CA TYR A 24 0.45 15.67 0.79
C TYR A 24 -0.67 14.86 0.12
N ASP A 25 -1.60 15.55 -0.54
CA ASP A 25 -2.81 14.91 -1.10
C ASP A 25 -2.74 14.76 -2.63
N PHE A 26 -3.33 13.68 -3.14
CA PHE A 26 -3.35 13.41 -4.58
C PHE A 26 -4.35 12.30 -4.93
N GLU A 27 -5.29 12.60 -5.83
CA GLU A 27 -6.24 11.59 -6.33
C GLU A 27 -5.67 10.87 -7.56
N ALA A 28 -6.02 9.59 -7.71
CA ALA A 28 -5.49 8.76 -8.79
C ALA A 28 -5.78 9.32 -10.18
N ALA A 29 -4.76 9.86 -10.84
CA ALA A 29 -4.87 10.33 -12.21
C ALA A 29 -5.10 9.16 -13.18
N GLU A 30 -4.35 8.07 -12.97
CA GLU A 30 -4.53 6.84 -13.75
C GLU A 30 -5.18 5.73 -12.91
N ASP A 31 -5.72 4.71 -13.57
CA ASP A 31 -6.35 3.58 -12.86
C ASP A 31 -5.33 2.80 -12.01
N ASN A 32 -4.06 2.86 -12.41
CA ASN A 32 -2.97 2.20 -11.67
C ASN A 32 -2.52 3.03 -10.46
N GLU A 33 -2.93 4.29 -10.41
CA GLU A 33 -2.52 5.21 -9.33
C GLU A 33 -3.43 5.07 -8.09
N LEU A 34 -2.97 5.58 -6.96
CA LEU A 34 -3.71 5.47 -5.69
C LEU A 34 -4.36 6.81 -5.30
N THR A 35 -5.65 6.75 -4.92
CA THR A 35 -6.39 7.94 -4.48
C THR A 35 -6.38 8.09 -2.95
N PHE A 36 -5.83 9.19 -2.45
CA PHE A 36 -5.87 9.50 -1.01
C PHE A 36 -5.47 10.96 -0.72
N LYS A 37 -5.91 11.47 0.44
CA LYS A 37 -5.59 12.84 0.87
C LYS A 37 -4.43 12.87 1.88
N ALA A 38 -4.11 14.07 2.39
CA ALA A 38 -3.03 14.25 3.35
C ALA A 38 -3.40 13.73 4.75
N GLY A 39 -2.45 13.08 5.41
CA GLY A 39 -2.68 12.55 6.77
C GLY A 39 -3.14 11.09 6.79
N GLU A 40 -3.46 10.54 5.62
CA GLU A 40 -3.98 9.17 5.53
C GLU A 40 -2.90 8.11 5.79
N ILE A 41 -3.34 6.92 6.23
CA ILE A 41 -2.43 5.80 6.46
C ILE A 41 -2.51 4.78 5.31
N ILE A 42 -1.49 4.78 4.44
CA ILE A 42 -1.47 3.89 3.28
C ILE A 42 -0.64 2.63 3.57
N THR A 43 -1.28 1.46 3.56
CA THR A 43 -0.56 0.20 3.71
C THR A 43 0.07 -0.22 2.38
N VAL A 44 1.40 -0.11 2.27
CA VAL A 44 2.10 -0.48 1.03
C VAL A 44 2.45 -1.97 1.03
N LEU A 45 1.76 -2.72 0.16
CA LEU A 45 1.84 -4.18 0.16
C LEU A 45 3.09 -4.72 -0.56
N ASP A 46 3.66 -3.92 -1.44
CA ASP A 46 4.85 -4.33 -2.19
C ASP A 46 5.61 -3.12 -2.73
N ASP A 47 6.83 -2.90 -2.23
CA ASP A 47 7.70 -1.85 -2.73
C ASP A 47 8.98 -2.43 -3.35
N SER A 48 8.91 -2.80 -4.64
CA SER A 48 10.06 -3.36 -5.36
C SER A 48 11.13 -2.29 -5.59
N ASP A 49 10.70 -1.12 -6.06
CA ASP A 49 11.60 0.00 -6.33
C ASP A 49 11.11 1.28 -5.64
N PRO A 50 12.02 2.14 -5.15
CA PRO A 50 11.64 3.41 -4.49
C PRO A 50 10.97 4.40 -5.45
N ASN A 51 10.84 4.00 -6.72
CA ASN A 51 10.18 4.81 -7.73
C ASN A 51 8.68 4.47 -7.86
N TRP A 52 8.32 3.22 -7.56
CA TRP A 52 6.93 2.76 -7.71
C TRP A 52 6.49 1.90 -6.51
N TRP A 53 5.63 2.44 -5.67
CA TRP A 53 5.11 1.73 -4.48
C TRP A 53 3.61 1.39 -4.64
N LYS A 54 3.24 0.14 -4.33
CA LYS A 54 1.85 -0.30 -4.39
C LYS A 54 1.21 -0.33 -2.98
N GLY A 55 0.21 0.52 -2.77
CA GLY A 55 -0.40 0.62 -1.44
C GLY A 55 -1.92 0.48 -1.43
N GLU A 56 -2.50 0.47 -0.23
CA GLU A 56 -3.94 0.30 -0.06
C GLU A 56 -4.58 1.46 0.74
N THR A 57 -5.67 2.02 0.21
CA THR A 57 -6.54 2.91 0.98
C THR A 57 -8.00 2.49 0.79
N HIS A 58 -8.90 3.00 1.63
CA HIS A 58 -10.33 2.70 1.46
C HIS A 58 -10.93 3.49 0.29
N GLN A 59 -10.13 4.39 -0.28
CA GLN A 59 -10.50 5.10 -1.50
C GLN A 59 -10.11 4.30 -2.75
N GLY A 60 -9.09 3.45 -2.60
CA GLY A 60 -8.66 2.59 -3.70
C GLY A 60 -7.30 1.94 -3.46
N ILE A 61 -6.95 0.96 -4.29
CA ILE A 61 -5.63 0.30 -4.23
C ILE A 61 -4.84 0.60 -5.52
N GLY A 62 -3.60 1.05 -5.39
CA GLY A 62 -2.81 1.41 -6.56
C GLY A 62 -1.39 1.85 -6.24
N LEU A 63 -0.81 2.66 -7.13
CA LEU A 63 0.57 3.12 -7.02
C LEU A 63 0.63 4.61 -6.63
N PHE A 64 1.69 4.99 -5.92
CA PHE A 64 1.93 6.41 -5.61
C PHE A 64 3.42 6.76 -5.77
N PRO A 65 3.89 6.89 -7.04
CA PRO A 65 5.33 7.11 -7.36
C PRO A 65 5.85 8.48 -6.90
N SER A 66 4.95 9.42 -6.62
CA SER A 66 5.33 10.78 -6.19
C SER A 66 6.03 10.77 -4.82
N ASN A 67 5.79 9.72 -4.03
CA ASN A 67 6.47 9.52 -2.74
C ASN A 67 6.33 10.71 -1.76
N PHE A 68 5.22 11.43 -1.85
CA PHE A 68 4.93 12.52 -0.90
C PHE A 68 4.44 11.98 0.46
N VAL A 69 5.10 10.94 0.96
CA VAL A 69 4.66 10.23 2.17
C VAL A 69 5.83 9.98 3.14
N THR A 70 5.50 9.46 4.32
CA THR A 70 6.50 9.08 5.33
C THR A 70 6.20 7.66 5.85
N ALA A 71 7.14 7.07 6.59
CA ALA A 71 7.01 5.67 7.00
C ALA A 71 6.70 5.50 8.50
N ASP A 72 5.51 4.99 8.81
CA ASP A 72 5.12 4.67 10.19
C ASP A 72 3.98 3.61 10.25
N MET A 1 -22.97 -24.89 8.48
CA MET A 1 -24.04 -24.18 7.72
C MET A 1 -23.44 -23.28 6.63
N GLY A 2 -23.74 -23.60 5.37
CA GLY A 2 -23.17 -22.84 4.25
C GLY A 2 -23.95 -21.57 3.91
N HIS A 3 -23.56 -20.46 4.54
CA HIS A 3 -24.13 -19.13 4.22
C HIS A 3 -23.01 -18.12 3.95
N HIS A 4 -22.18 -17.88 4.96
CA HIS A 4 -21.00 -17.03 4.81
C HIS A 4 -19.81 -17.81 4.24
N HIS A 5 -18.86 -17.10 3.63
CA HIS A 5 -17.63 -17.72 3.14
C HIS A 5 -16.59 -17.83 4.27
N HIS A 6 -16.54 -18.99 4.92
CA HIS A 6 -15.57 -19.21 6.00
C HIS A 6 -14.14 -19.35 5.44
N HIS A 7 -13.57 -18.20 5.09
CA HIS A 7 -12.24 -18.14 4.46
C HIS A 7 -11.16 -17.72 5.49
N HIS A 8 -10.30 -18.66 5.85
CA HIS A 8 -9.19 -18.37 6.76
C HIS A 8 -7.92 -18.01 5.97
N SER A 9 -7.15 -17.05 6.47
CA SER A 9 -5.95 -16.58 5.78
C SER A 9 -4.74 -17.50 6.03
N HIS A 10 -3.67 -17.28 5.27
CA HIS A 10 -2.42 -18.05 5.44
C HIS A 10 -1.43 -17.26 6.32
N MET A 11 -0.65 -17.97 7.13
CA MET A 11 0.26 -17.31 8.08
C MET A 11 1.48 -16.70 7.37
N ASN A 12 1.31 -15.50 6.83
CA ASN A 12 2.41 -14.77 6.20
C ASN A 12 3.28 -14.07 7.25
N HIS A 13 3.85 -14.86 8.16
CA HIS A 13 4.65 -14.32 9.27
C HIS A 13 5.90 -13.56 8.76
N GLN A 14 6.20 -12.43 9.42
CA GLN A 14 7.33 -11.57 9.04
C GLN A 14 7.10 -10.86 7.68
N HIS A 15 5.90 -11.00 7.12
CA HIS A 15 5.54 -10.31 5.88
C HIS A 15 4.13 -9.72 5.97
N GLU A 16 3.98 -8.68 6.78
CA GLU A 16 2.73 -7.92 6.85
C GLU A 16 2.97 -6.51 6.26
N ALA A 17 2.20 -6.17 5.24
CA ALA A 17 2.42 -4.94 4.46
C ALA A 17 2.64 -3.70 5.35
N ARG A 18 3.87 -3.18 5.32
CA ARG A 18 4.23 -1.98 6.08
C ARG A 18 3.43 -0.75 5.64
N LYS A 19 3.36 0.26 6.51
CA LYS A 19 2.44 1.39 6.30
C LYS A 19 3.15 2.75 6.44
N VAL A 20 2.72 3.72 5.64
CA VAL A 20 3.31 5.07 5.64
C VAL A 20 2.23 6.16 5.86
N ARG A 21 2.66 7.30 6.39
CA ARG A 21 1.75 8.42 6.67
C ARG A 21 1.70 9.41 5.49
N ALA A 22 0.49 9.79 5.07
CA ALA A 22 0.31 10.76 3.99
C ALA A 22 0.48 12.20 4.47
N ILE A 23 1.40 12.95 3.83
CA ILE A 23 1.61 14.37 4.16
C ILE A 23 1.06 15.29 3.05
N TYR A 24 1.11 14.82 1.80
CA TYR A 24 0.51 15.56 0.68
C TYR A 24 -0.55 14.69 -0.03
N ASP A 25 -1.59 15.33 -0.56
CA ASP A 25 -2.69 14.60 -1.19
C ASP A 25 -2.52 14.47 -2.70
N PHE A 26 -3.09 13.42 -3.27
CA PHE A 26 -2.99 13.15 -4.70
C PHE A 26 -4.17 12.30 -5.19
N GLU A 27 -4.65 12.56 -6.40
CA GLU A 27 -5.78 11.83 -6.97
C GLU A 27 -5.38 11.08 -8.25
N ALA A 28 -5.88 9.86 -8.37
CA ALA A 28 -5.51 8.96 -9.47
C ALA A 28 -5.99 9.45 -10.85
N ALA A 29 -5.06 9.91 -11.67
CA ALA A 29 -5.37 10.25 -13.06
C ALA A 29 -5.65 8.98 -13.88
N GLU A 30 -4.77 8.00 -13.75
CA GLU A 30 -4.94 6.70 -14.39
C GLU A 30 -5.37 5.64 -13.36
N ASP A 31 -5.64 4.41 -13.83
CA ASP A 31 -6.00 3.30 -12.95
C ASP A 31 -4.79 2.79 -12.13
N ASN A 32 -3.62 3.37 -12.38
CA ASN A 32 -2.39 2.99 -11.68
C ASN A 32 -2.23 3.74 -10.35
N GLU A 33 -2.41 5.07 -10.39
CA GLU A 33 -2.23 5.91 -9.19
C GLU A 33 -3.29 5.65 -8.12
N LEU A 34 -3.02 6.09 -6.88
CA LEU A 34 -3.96 5.93 -5.76
C LEU A 34 -4.55 7.29 -5.33
N THR A 35 -5.86 7.35 -5.15
CA THR A 35 -6.54 8.59 -4.72
C THR A 35 -6.69 8.67 -3.19
N PHE A 36 -6.02 9.63 -2.56
CA PHE A 36 -6.15 9.86 -1.11
C PHE A 36 -5.61 11.24 -0.69
N LYS A 37 -5.78 11.59 0.59
CA LYS A 37 -5.33 12.89 1.09
C LYS A 37 -4.47 12.76 2.36
N ALA A 38 -4.02 13.90 2.88
CA ALA A 38 -3.16 13.92 4.08
C ALA A 38 -3.85 13.31 5.30
N GLY A 39 -3.06 12.62 6.13
CA GLY A 39 -3.61 11.94 7.30
C GLY A 39 -3.89 10.46 7.06
N GLU A 40 -4.09 10.10 5.80
CA GLU A 40 -4.31 8.71 5.41
C GLU A 40 -3.07 7.85 5.66
N ILE A 41 -3.27 6.63 6.16
CA ILE A 41 -2.17 5.68 6.35
C ILE A 41 -2.20 4.62 5.24
N ILE A 42 -1.19 4.66 4.37
CA ILE A 42 -1.16 3.79 3.19
C ILE A 42 -0.43 2.48 3.48
N THR A 43 -1.17 1.37 3.44
CA THR A 43 -0.56 0.04 3.60
C THR A 43 0.05 -0.42 2.28
N VAL A 44 1.38 -0.42 2.19
CA VAL A 44 2.06 -0.76 0.92
C VAL A 44 2.15 -2.28 0.72
N LEU A 45 1.38 -2.78 -0.25
CA LEU A 45 1.34 -4.20 -0.55
C LEU A 45 2.58 -4.65 -1.33
N ASP A 46 3.12 -3.73 -2.13
CA ASP A 46 4.24 -4.04 -3.02
C ASP A 46 5.20 -2.86 -3.17
N ASP A 47 6.35 -2.92 -2.51
CA ASP A 47 7.41 -1.93 -2.73
C ASP A 47 8.47 -2.47 -3.71
N SER A 48 8.01 -2.75 -4.94
CA SER A 48 8.85 -3.28 -6.03
C SER A 48 10.25 -2.63 -6.06
N ASP A 49 10.29 -1.31 -6.12
CA ASP A 49 11.54 -0.57 -6.20
C ASP A 49 11.37 0.84 -5.61
N PRO A 50 12.46 1.46 -5.12
CA PRO A 50 12.40 2.79 -4.47
C PRO A 50 11.65 3.87 -5.28
N ASN A 51 11.38 3.60 -6.56
CA ASN A 51 10.67 4.57 -7.41
C ASN A 51 9.14 4.28 -7.45
N TRP A 52 8.76 3.00 -7.35
CA TRP A 52 7.34 2.60 -7.48
C TRP A 52 6.85 1.77 -6.30
N TRP A 53 5.88 2.33 -5.56
CA TRP A 53 5.26 1.65 -4.40
C TRP A 53 3.75 1.48 -4.62
N LYS A 54 3.24 0.28 -4.35
CA LYS A 54 1.80 -0.02 -4.47
C LYS A 54 1.16 -0.19 -3.08
N GLY A 55 0.15 0.62 -2.77
CA GLY A 55 -0.46 0.59 -1.44
C GLY A 55 -1.98 0.48 -1.45
N GLU A 56 -2.56 0.28 -0.27
CA GLU A 56 -4.02 0.19 -0.09
C GLU A 56 -4.50 1.21 0.95
N THR A 57 -5.60 1.89 0.64
CA THR A 57 -6.23 2.85 1.56
C THR A 57 -7.72 2.54 1.74
N HIS A 58 -8.46 3.45 2.36
CA HIS A 58 -9.92 3.32 2.50
C HIS A 58 -10.62 3.53 1.15
N GLN A 59 -9.92 4.14 0.20
CA GLN A 59 -10.47 4.42 -1.13
C GLN A 59 -10.22 3.26 -2.12
N GLY A 60 -9.04 2.64 -2.03
CA GLY A 60 -8.72 1.53 -2.92
C GLY A 60 -7.23 1.19 -2.96
N ILE A 61 -6.82 0.46 -4.00
CA ILE A 61 -5.41 0.04 -4.16
C ILE A 61 -4.79 0.70 -5.41
N GLY A 62 -3.59 1.26 -5.25
CA GLY A 62 -2.93 1.92 -6.37
C GLY A 62 -1.46 2.21 -6.12
N LEU A 63 -0.89 3.11 -6.93
CA LEU A 63 0.53 3.47 -6.87
C LEU A 63 0.72 4.92 -6.39
N PHE A 64 1.87 5.19 -5.75
CA PHE A 64 2.24 6.54 -5.33
C PHE A 64 3.75 6.79 -5.53
N PRO A 65 4.23 6.74 -6.79
CA PRO A 65 5.68 6.82 -7.11
C PRO A 65 6.32 8.17 -6.75
N SER A 66 5.53 9.25 -6.79
CA SER A 66 6.04 10.59 -6.45
C SER A 66 6.51 10.68 -4.99
N ASN A 67 6.06 9.73 -4.16
CA ASN A 67 6.42 9.67 -2.74
C ASN A 67 6.01 10.97 -2.00
N PHE A 68 4.73 11.27 -2.04
CA PHE A 68 4.15 12.39 -1.27
C PHE A 68 3.72 11.92 0.14
N VAL A 69 4.33 10.82 0.57
CA VAL A 69 4.09 10.24 1.88
C VAL A 69 5.43 9.96 2.59
N THR A 70 5.37 9.49 3.84
CA THR A 70 6.59 9.11 4.58
C THR A 70 6.26 8.33 5.85
N ALA A 71 7.18 7.47 6.26
CA ALA A 71 7.03 6.69 7.49
C ALA A 71 7.79 7.35 8.66
N ASP A 72 7.06 7.72 9.71
CA ASP A 72 7.66 8.36 10.89
C ASP A 72 8.11 7.32 11.95
N MET A 1 7.89 -44.65 26.64
CA MET A 1 6.78 -44.23 25.73
C MET A 1 6.08 -42.97 26.25
N GLY A 2 6.57 -42.42 27.37
CA GLY A 2 5.92 -41.27 28.00
C GLY A 2 5.81 -40.04 27.10
N HIS A 3 4.64 -39.39 27.11
CA HIS A 3 4.36 -38.25 26.23
C HIS A 3 5.19 -37.00 26.62
N HIS A 4 5.78 -37.01 27.82
CA HIS A 4 6.63 -35.89 28.26
C HIS A 4 7.85 -35.72 27.33
N HIS A 5 8.15 -36.75 26.54
CA HIS A 5 9.21 -36.66 25.52
C HIS A 5 8.61 -36.35 24.14
N HIS A 6 9.05 -35.25 23.53
CA HIS A 6 8.52 -34.82 22.22
C HIS A 6 9.60 -34.13 21.37
N HIS A 7 9.20 -33.58 20.22
CA HIS A 7 10.14 -32.93 19.29
C HIS A 7 10.30 -31.42 19.60
N HIS A 8 11.01 -30.70 18.73
CA HIS A 8 11.26 -29.26 18.94
C HIS A 8 10.06 -28.40 18.51
N SER A 9 10.10 -27.11 18.86
CA SER A 9 9.03 -26.17 18.52
C SER A 9 9.58 -24.73 18.44
N HIS A 10 8.81 -23.83 17.83
CA HIS A 10 9.22 -22.42 17.68
C HIS A 10 8.06 -21.46 17.91
N MET A 11 8.37 -20.16 18.00
CA MET A 11 7.34 -19.12 18.11
C MET A 11 7.28 -18.31 16.80
N ASN A 12 6.44 -18.74 15.87
CA ASN A 12 6.31 -18.10 14.57
C ASN A 12 5.38 -16.89 14.65
N HIS A 13 5.89 -15.71 14.29
CA HIS A 13 5.15 -14.45 14.45
C HIS A 13 4.56 -13.98 13.12
N GLN A 14 3.25 -13.72 13.12
CA GLN A 14 2.54 -13.19 11.95
C GLN A 14 3.01 -11.76 11.63
N HIS A 15 3.00 -11.39 10.35
CA HIS A 15 3.46 -10.05 9.95
C HIS A 15 2.55 -9.44 8.88
N GLU A 16 2.25 -8.15 9.03
CA GLU A 16 1.49 -7.40 8.01
C GLU A 16 2.45 -6.77 6.99
N ALA A 17 1.92 -5.88 6.16
CA ALA A 17 2.75 -5.09 5.23
C ALA A 17 3.02 -3.69 5.83
N ARG A 18 4.24 -3.18 5.62
CA ARG A 18 4.66 -1.91 6.24
C ARG A 18 3.72 -0.74 5.84
N LYS A 19 3.52 0.20 6.77
CA LYS A 19 2.53 1.27 6.59
C LYS A 19 3.17 2.66 6.63
N VAL A 20 2.60 3.59 5.86
CA VAL A 20 3.08 4.97 5.79
C VAL A 20 1.91 5.98 5.91
N ARG A 21 2.20 7.18 6.39
CA ARG A 21 1.18 8.23 6.51
C ARG A 21 1.36 9.32 5.44
N ALA A 22 0.26 9.74 4.82
CA ALA A 22 0.30 10.74 3.75
C ALA A 22 0.54 12.16 4.28
N ILE A 23 1.44 12.90 3.63
CA ILE A 23 1.68 14.31 3.97
C ILE A 23 1.14 15.26 2.89
N TYR A 24 0.82 14.72 1.72
CA TYR A 24 0.27 15.51 0.62
C TYR A 24 -1.00 14.89 0.04
N ASP A 25 -1.85 15.73 -0.54
CA ASP A 25 -3.08 15.28 -1.21
C ASP A 25 -2.81 15.01 -2.70
N PHE A 26 -3.36 13.91 -3.23
CA PHE A 26 -3.16 13.57 -4.64
C PHE A 26 -4.32 12.75 -5.22
N GLU A 27 -4.85 13.20 -6.37
CA GLU A 27 -5.88 12.48 -7.10
C GLU A 27 -5.26 11.61 -8.21
N ALA A 28 -5.70 10.36 -8.31
CA ALA A 28 -5.11 9.40 -9.27
C ALA A 28 -5.13 9.92 -10.72
N ALA A 29 -3.95 10.20 -11.27
CA ALA A 29 -3.83 10.63 -12.66
C ALA A 29 -4.25 9.51 -13.64
N GLU A 30 -4.11 8.27 -13.18
CA GLU A 30 -4.49 7.10 -13.98
C GLU A 30 -5.20 6.04 -13.11
N ASP A 31 -5.88 5.09 -13.76
CA ASP A 31 -6.68 4.06 -13.07
C ASP A 31 -5.90 3.36 -11.94
N ASN A 32 -4.63 3.04 -12.19
CA ASN A 32 -3.83 2.25 -11.23
C ASN A 32 -3.06 3.13 -10.23
N GLU A 33 -3.22 4.45 -10.33
CA GLU A 33 -2.67 5.38 -9.32
C GLU A 33 -3.56 5.38 -8.06
N LEU A 34 -3.05 5.87 -6.94
CA LEU A 34 -3.82 5.89 -5.68
C LEU A 34 -4.35 7.29 -5.34
N THR A 35 -5.66 7.41 -5.19
CA THR A 35 -6.31 8.69 -4.81
C THR A 35 -6.51 8.75 -3.28
N PHE A 36 -5.94 9.78 -2.64
CA PHE A 36 -6.15 9.99 -1.20
C PHE A 36 -5.68 11.39 -0.75
N LYS A 37 -6.08 11.75 0.47
CA LYS A 37 -5.72 13.05 1.06
C LYS A 37 -4.68 12.87 2.18
N ALA A 38 -4.09 13.99 2.61
CA ALA A 38 -3.10 13.98 3.69
C ALA A 38 -3.69 13.41 4.99
N GLY A 39 -2.86 12.72 5.78
CA GLY A 39 -3.31 12.13 7.03
C GLY A 39 -3.67 10.65 6.92
N GLU A 40 -4.04 10.21 5.72
CA GLU A 40 -4.43 8.82 5.49
C GLU A 40 -3.25 7.85 5.73
N ILE A 41 -3.57 6.65 6.21
CA ILE A 41 -2.57 5.60 6.43
C ILE A 41 -2.57 4.61 5.25
N ILE A 42 -1.54 4.67 4.42
CA ILE A 42 -1.42 3.79 3.25
C ILE A 42 -0.57 2.56 3.57
N THR A 43 -1.15 1.37 3.43
CA THR A 43 -0.38 0.13 3.56
C THR A 43 0.30 -0.20 2.24
N VAL A 44 1.62 -0.05 2.18
CA VAL A 44 2.36 -0.31 0.93
C VAL A 44 2.60 -1.82 0.73
N LEU A 45 1.83 -2.40 -0.18
CA LEU A 45 1.86 -3.85 -0.43
C LEU A 45 3.09 -4.25 -1.26
N ASP A 46 3.62 -3.31 -2.05
CA ASP A 46 4.79 -3.57 -2.89
C ASP A 46 5.73 -2.36 -2.96
N ASP A 47 6.75 -2.36 -2.11
CA ASP A 47 7.80 -1.33 -2.14
C ASP A 47 9.09 -1.88 -2.81
N SER A 48 8.91 -2.89 -3.67
CA SER A 48 10.04 -3.61 -4.28
C SER A 48 10.95 -2.70 -5.10
N ASP A 49 10.41 -1.61 -5.63
CA ASP A 49 11.19 -0.68 -6.44
C ASP A 49 10.99 0.77 -5.98
N PRO A 50 12.07 1.55 -5.83
CA PRO A 50 12.01 2.94 -5.36
C PRO A 50 11.15 3.85 -6.26
N ASN A 51 10.97 3.45 -7.52
CA ASN A 51 10.18 4.23 -8.48
C ASN A 51 8.70 3.82 -8.46
N TRP A 52 8.41 2.60 -8.00
CA TRP A 52 7.03 2.08 -8.00
C TRP A 52 6.61 1.54 -6.64
N TRP A 53 5.97 2.39 -5.84
CA TRP A 53 5.39 1.96 -4.55
C TRP A 53 3.89 1.68 -4.70
N LYS A 54 3.49 0.43 -4.50
CA LYS A 54 2.08 0.03 -4.60
C LYS A 54 1.46 -0.09 -3.21
N GLY A 55 0.46 0.74 -2.93
CA GLY A 55 -0.15 0.76 -1.59
C GLY A 55 -1.66 0.56 -1.59
N GLU A 56 -2.23 0.47 -0.39
CA GLU A 56 -3.67 0.27 -0.22
C GLU A 56 -4.27 1.26 0.80
N THR A 57 -5.41 1.84 0.46
CA THR A 57 -6.18 2.69 1.39
C THR A 57 -7.59 2.14 1.59
N HIS A 58 -8.43 2.86 2.34
CA HIS A 58 -9.84 2.48 2.47
C HIS A 58 -10.63 2.93 1.23
N GLN A 59 -9.99 3.74 0.39
CA GLN A 59 -10.58 4.21 -0.87
C GLN A 59 -10.29 3.22 -2.01
N GLY A 60 -9.09 2.62 -1.99
CA GLY A 60 -8.74 1.61 -2.99
C GLY A 60 -7.25 1.31 -3.02
N ILE A 61 -6.85 0.41 -3.92
CA ILE A 61 -5.44 0.06 -4.10
C ILE A 61 -4.84 0.75 -5.33
N GLY A 62 -3.62 1.26 -5.21
CA GLY A 62 -2.96 1.93 -6.32
C GLY A 62 -1.51 2.24 -6.04
N LEU A 63 -0.80 2.77 -7.04
CA LEU A 63 0.61 3.11 -6.89
C LEU A 63 0.80 4.62 -6.65
N PHE A 64 1.94 4.99 -6.09
CA PHE A 64 2.29 6.39 -5.87
C PHE A 64 3.81 6.61 -6.06
N PRO A 65 4.28 6.62 -7.33
CA PRO A 65 5.72 6.76 -7.66
C PRO A 65 6.40 7.97 -7.00
N SER A 66 5.71 9.12 -7.01
CA SER A 66 6.25 10.36 -6.42
C SER A 66 6.50 10.20 -4.91
N ASN A 67 5.79 9.27 -4.28
CA ASN A 67 5.92 8.99 -2.85
C ASN A 67 5.72 10.26 -1.98
N PHE A 68 4.47 10.66 -1.82
CA PHE A 68 4.11 11.83 -1.01
C PHE A 68 3.68 11.41 0.40
N VAL A 69 4.40 10.44 0.95
CA VAL A 69 4.09 9.86 2.26
C VAL A 69 5.36 9.78 3.14
N THR A 70 5.18 9.48 4.43
CA THR A 70 6.32 9.30 5.36
C THR A 70 6.10 8.11 6.29
N ALA A 71 7.16 7.65 6.94
CA ALA A 71 7.09 6.50 7.84
C ALA A 71 7.23 6.93 9.32
N ASP A 72 6.10 6.99 10.03
CA ASP A 72 6.10 7.32 11.46
C ASP A 72 5.15 6.39 12.25
N MET A 1 13.52 -40.66 9.80
CA MET A 1 12.12 -40.20 9.58
C MET A 1 11.86 -38.86 10.29
N GLY A 2 11.02 -38.02 9.69
CA GLY A 2 10.67 -36.74 10.29
C GLY A 2 10.86 -35.57 9.35
N HIS A 3 12.10 -35.30 8.95
CA HIS A 3 12.42 -34.20 8.02
C HIS A 3 11.79 -34.42 6.65
N HIS A 4 10.95 -33.47 6.23
CA HIS A 4 10.35 -33.48 4.89
C HIS A 4 10.53 -32.12 4.20
N HIS A 5 11.58 -32.00 3.39
CA HIS A 5 11.87 -30.74 2.71
C HIS A 5 12.68 -30.97 1.42
N HIS A 6 11.99 -31.32 0.34
CA HIS A 6 12.62 -31.48 -0.97
C HIS A 6 12.90 -30.12 -1.62
N HIS A 7 12.03 -29.15 -1.31
CA HIS A 7 12.24 -27.76 -1.74
C HIS A 7 13.43 -27.15 -1.00
N HIS A 8 14.62 -27.25 -1.62
CA HIS A 8 15.87 -26.83 -0.97
C HIS A 8 15.91 -25.31 -0.75
N SER A 9 15.33 -24.55 -1.69
CA SER A 9 15.23 -23.10 -1.56
C SER A 9 14.20 -22.71 -0.50
N HIS A 10 14.09 -21.42 -0.21
CA HIS A 10 13.16 -20.93 0.82
C HIS A 10 12.82 -19.45 0.62
N MET A 11 11.92 -18.93 1.46
CA MET A 11 11.54 -17.52 1.41
C MET A 11 12.76 -16.61 1.63
N ASN A 12 13.39 -16.21 0.53
CA ASN A 12 14.54 -15.30 0.57
C ASN A 12 14.11 -13.84 0.32
N HIS A 13 12.91 -13.68 -0.26
CA HIS A 13 12.34 -12.34 -0.50
C HIS A 13 11.32 -12.00 0.60
N GLN A 14 11.68 -11.09 1.50
CA GLN A 14 10.81 -10.75 2.63
C GLN A 14 10.65 -9.24 2.81
N HIS A 15 9.53 -8.69 2.33
CA HIS A 15 9.15 -7.30 2.62
C HIS A 15 7.83 -7.28 3.40
N GLU A 16 7.94 -7.15 4.72
CA GLU A 16 6.79 -7.23 5.62
C GLU A 16 5.84 -6.04 5.45
N ALA A 17 4.54 -6.33 5.39
CA ALA A 17 3.51 -5.29 5.24
C ALA A 17 3.61 -4.21 6.34
N ARG A 18 3.98 -3.01 5.93
CA ARG A 18 4.16 -1.88 6.86
C ARG A 18 3.30 -0.68 6.44
N LYS A 19 2.83 0.08 7.43
CA LYS A 19 1.98 1.24 7.18
C LYS A 19 2.77 2.56 7.27
N VAL A 20 2.48 3.48 6.36
CA VAL A 20 3.11 4.81 6.32
C VAL A 20 2.05 5.92 6.35
N ARG A 21 2.47 7.18 6.43
CA ARG A 21 1.53 8.30 6.53
C ARG A 21 1.70 9.31 5.36
N ALA A 22 0.58 9.65 4.73
CA ALA A 22 0.57 10.62 3.62
C ALA A 22 0.65 12.07 4.12
N ILE A 23 1.60 12.85 3.57
CA ILE A 23 1.76 14.26 3.96
C ILE A 23 1.01 15.21 3.00
N TYR A 24 0.88 14.82 1.73
CA TYR A 24 0.12 15.62 0.75
C TYR A 24 -1.08 14.82 0.22
N ASP A 25 -2.14 15.52 -0.18
CA ASP A 25 -3.33 14.88 -0.76
C ASP A 25 -3.23 14.82 -2.29
N PHE A 26 -3.61 13.68 -2.88
CA PHE A 26 -3.50 13.49 -4.32
C PHE A 26 -4.55 12.52 -4.87
N GLU A 27 -5.22 12.91 -5.94
CA GLU A 27 -6.16 12.05 -6.65
C GLU A 27 -5.50 11.40 -7.87
N ALA A 28 -5.77 10.12 -8.08
CA ALA A 28 -5.14 9.35 -9.16
C ALA A 28 -5.39 9.95 -10.54
N ALA A 29 -4.41 10.68 -11.06
CA ALA A 29 -4.46 11.18 -12.44
C ALA A 29 -4.26 10.03 -13.45
N GLU A 30 -3.46 9.05 -13.04
CA GLU A 30 -3.22 7.84 -13.83
C GLU A 30 -4.10 6.69 -13.31
N ASP A 31 -4.52 5.80 -14.21
CA ASP A 31 -5.39 4.67 -13.83
C ASP A 31 -4.65 3.65 -12.96
N ASN A 32 -3.32 3.65 -13.05
CA ASN A 32 -2.49 2.79 -12.20
C ASN A 32 -2.23 3.43 -10.82
N GLU A 33 -2.58 4.71 -10.68
CA GLU A 33 -2.29 5.48 -9.47
C GLU A 33 -3.36 5.29 -8.39
N LEU A 34 -3.03 5.65 -7.16
CA LEU A 34 -3.96 5.51 -6.02
C LEU A 34 -4.53 6.88 -5.60
N THR A 35 -5.86 6.97 -5.48
CA THR A 35 -6.50 8.18 -4.97
C THR A 35 -6.65 8.12 -3.45
N PHE A 36 -6.12 9.12 -2.74
CA PHE A 36 -6.28 9.21 -1.28
C PHE A 36 -5.88 10.59 -0.75
N LYS A 37 -6.12 10.82 0.54
CA LYS A 37 -5.89 12.14 1.15
C LYS A 37 -4.82 12.09 2.26
N ALA A 38 -4.20 13.24 2.51
CA ALA A 38 -3.16 13.34 3.54
C ALA A 38 -3.69 12.97 4.93
N GLY A 39 -2.97 12.10 5.64
CA GLY A 39 -3.42 11.67 6.95
C GLY A 39 -3.85 10.21 7.00
N GLU A 40 -4.18 9.63 5.84
CA GLU A 40 -4.51 8.19 5.78
C GLU A 40 -3.25 7.34 6.02
N ILE A 41 -3.43 6.27 6.81
CA ILE A 41 -2.32 5.35 7.11
C ILE A 41 -2.28 4.20 6.09
N ILE A 42 -1.31 4.28 5.18
CA ILE A 42 -1.26 3.40 4.00
C ILE A 42 -0.42 2.13 4.22
N THR A 43 -1.03 0.96 4.00
CA THR A 43 -0.28 -0.30 4.00
C THR A 43 0.41 -0.52 2.64
N VAL A 44 1.73 -0.42 2.61
CA VAL A 44 2.47 -0.63 1.36
C VAL A 44 2.55 -2.13 1.01
N LEU A 45 1.81 -2.53 -0.02
CA LEU A 45 1.70 -3.93 -0.43
C LEU A 45 2.95 -4.40 -1.21
N ASP A 46 3.68 -3.45 -1.79
CA ASP A 46 4.89 -3.77 -2.55
C ASP A 46 5.84 -2.56 -2.62
N ASP A 47 7.09 -2.78 -2.20
CA ASP A 47 8.12 -1.73 -2.24
C ASP A 47 9.38 -2.23 -2.98
N SER A 48 9.22 -3.26 -3.80
CA SER A 48 10.36 -3.91 -4.47
C SER A 48 11.11 -2.95 -5.42
N ASP A 49 10.45 -1.85 -5.76
CA ASP A 49 11.07 -0.77 -6.54
C ASP A 49 10.83 0.59 -5.87
N PRO A 50 11.91 1.31 -5.48
CA PRO A 50 11.79 2.65 -4.89
C PRO A 50 10.98 3.62 -5.76
N ASN A 51 10.95 3.36 -7.07
CA ASN A 51 10.22 4.21 -8.02
C ASN A 51 8.77 3.74 -8.21
N TRP A 52 8.43 2.56 -7.71
CA TRP A 52 7.08 1.98 -7.88
C TRP A 52 6.56 1.39 -6.57
N TRP A 53 5.88 2.22 -5.77
CA TRP A 53 5.25 1.77 -4.51
C TRP A 53 3.77 1.42 -4.73
N LYS A 54 3.37 0.23 -4.29
CA LYS A 54 1.96 -0.19 -4.31
C LYS A 54 1.39 -0.19 -2.88
N GLY A 55 0.26 0.49 -2.67
CA GLY A 55 -0.29 0.62 -1.32
C GLY A 55 -1.79 0.42 -1.24
N GLU A 56 -2.29 0.35 0.00
CA GLU A 56 -3.72 0.19 0.28
C GLU A 56 -4.24 1.34 1.15
N THR A 57 -5.30 2.01 0.69
CA THR A 57 -5.95 3.09 1.48
C THR A 57 -7.44 2.81 1.63
N HIS A 58 -8.16 3.69 2.33
CA HIS A 58 -9.61 3.56 2.48
C HIS A 58 -10.35 4.24 1.32
N GLN A 59 -9.59 4.87 0.43
CA GLN A 59 -10.14 5.49 -0.77
C GLN A 59 -9.87 4.60 -2.02
N GLY A 60 -9.05 3.57 -1.84
CA GLY A 60 -8.80 2.60 -2.92
C GLY A 60 -7.44 1.89 -2.82
N ILE A 61 -7.05 1.22 -3.91
CA ILE A 61 -5.75 0.51 -3.98
C ILE A 61 -5.06 0.76 -5.33
N GLY A 62 -3.76 1.04 -5.29
CA GLY A 62 -3.03 1.35 -6.52
C GLY A 62 -1.56 1.71 -6.27
N LEU A 63 -0.94 2.34 -7.26
CA LEU A 63 0.45 2.80 -7.16
C LEU A 63 0.51 4.29 -6.80
N PHE A 64 1.64 4.74 -6.26
CA PHE A 64 1.85 6.17 -6.00
C PHE A 64 3.34 6.58 -6.12
N PRO A 65 3.93 6.40 -7.33
CA PRO A 65 5.34 6.75 -7.59
C PRO A 65 5.64 8.24 -7.43
N SER A 66 4.60 9.07 -7.49
CA SER A 66 4.73 10.53 -7.42
C SER A 66 5.46 11.00 -6.15
N ASN A 67 5.51 10.14 -5.13
CA ASN A 67 6.25 10.42 -3.89
C ASN A 67 5.70 11.66 -3.14
N PHE A 68 4.60 11.49 -2.43
CA PHE A 68 4.03 12.55 -1.58
C PHE A 68 3.64 12.00 -0.20
N VAL A 69 4.29 10.90 0.20
CA VAL A 69 4.06 10.26 1.49
C VAL A 69 5.40 9.96 2.19
N THR A 70 5.34 9.53 3.45
CA THR A 70 6.57 9.16 4.19
C THR A 70 6.27 8.27 5.39
N ALA A 71 7.32 7.73 6.00
CA ALA A 71 7.20 6.89 7.19
C ALA A 71 7.48 7.72 8.45
N ASP A 72 6.42 8.14 9.14
CA ASP A 72 6.55 8.97 10.34
C ASP A 72 5.31 8.86 11.25
N MET A 1 13.28 -32.59 10.88
CA MET A 1 13.75 -31.26 10.40
C MET A 1 13.32 -30.15 11.37
N GLY A 2 13.60 -28.90 11.01
CA GLY A 2 13.16 -27.76 11.81
C GLY A 2 14.03 -27.50 13.03
N HIS A 3 15.01 -26.60 12.88
CA HIS A 3 15.88 -26.21 13.98
C HIS A 3 15.15 -25.28 14.95
N HIS A 4 14.37 -25.86 15.84
CA HIS A 4 13.51 -25.08 16.76
C HIS A 4 14.17 -24.89 18.14
N HIS A 5 14.38 -23.64 18.53
CA HIS A 5 14.97 -23.31 19.83
C HIS A 5 13.91 -22.78 20.80
N HIS A 6 13.43 -23.64 21.70
CA HIS A 6 12.32 -23.28 22.61
C HIS A 6 12.72 -22.17 23.58
N HIS A 7 11.77 -21.28 23.88
CA HIS A 7 11.99 -20.15 24.79
C HIS A 7 13.06 -19.19 24.23
N HIS A 8 12.94 -18.89 22.94
CA HIS A 8 13.86 -17.97 22.24
C HIS A 8 13.97 -16.60 22.93
N SER A 9 15.16 -16.28 23.43
CA SER A 9 15.41 -15.00 24.12
C SER A 9 15.66 -13.87 23.11
N HIS A 10 14.58 -13.25 22.62
CA HIS A 10 14.68 -12.12 21.69
C HIS A 10 13.43 -11.23 21.75
N MET A 11 13.66 -9.94 21.93
CA MET A 11 12.55 -8.96 22.08
C MET A 11 11.74 -8.81 20.78
N ASN A 12 10.45 -8.56 20.93
CA ASN A 12 9.54 -8.35 19.80
C ASN A 12 8.28 -7.60 20.24
N HIS A 13 8.31 -6.27 20.14
CA HIS A 13 7.17 -5.43 20.51
C HIS A 13 5.94 -5.74 19.63
N GLN A 14 6.19 -5.87 18.32
CA GLN A 14 5.17 -6.32 17.36
C GLN A 14 5.75 -6.34 15.94
N HIS A 15 5.13 -7.12 15.05
CA HIS A 15 5.55 -7.18 13.65
C HIS A 15 4.36 -7.52 12.75
N GLU A 16 4.14 -6.69 11.73
CA GLU A 16 3.00 -6.86 10.83
C GLU A 16 3.23 -6.16 9.48
N ALA A 17 2.17 -6.06 8.68
CA ALA A 17 2.22 -5.33 7.41
C ALA A 17 2.55 -3.84 7.65
N ARG A 18 3.63 -3.36 7.02
CA ARG A 18 4.06 -1.96 7.18
C ARG A 18 3.08 -0.97 6.52
N LYS A 19 2.94 0.21 7.13
CA LYS A 19 2.10 1.28 6.58
C LYS A 19 2.92 2.55 6.32
N VAL A 20 2.41 3.41 5.43
CA VAL A 20 3.01 4.72 5.16
C VAL A 20 1.97 5.83 5.37
N ARG A 21 2.45 7.03 5.72
CA ARG A 21 1.55 8.15 6.01
C ARG A 21 1.67 9.26 4.95
N ALA A 22 0.53 9.65 4.38
CA ALA A 22 0.49 10.69 3.35
C ALA A 22 0.79 12.08 3.94
N ILE A 23 1.74 12.79 3.33
CA ILE A 23 2.10 14.14 3.78
C ILE A 23 1.56 15.22 2.83
N TYR A 24 1.13 14.83 1.63
CA TYR A 24 0.53 15.76 0.66
C TYR A 24 -0.74 15.17 0.04
N ASP A 25 -1.74 16.01 -0.19
CA ASP A 25 -2.99 15.59 -0.84
C ASP A 25 -2.78 15.45 -2.36
N PHE A 26 -3.16 14.31 -2.92
CA PHE A 26 -3.04 14.11 -4.36
C PHE A 26 -4.13 13.17 -4.90
N GLU A 27 -4.86 13.64 -5.91
CA GLU A 27 -5.85 12.80 -6.59
C GLU A 27 -5.19 12.06 -7.76
N ALA A 28 -5.32 10.74 -7.79
CA ALA A 28 -4.61 9.89 -8.75
C ALA A 28 -4.74 10.38 -10.21
N ALA A 29 -3.60 10.76 -10.80
CA ALA A 29 -3.56 11.14 -12.20
C ALA A 29 -3.71 9.90 -13.10
N GLU A 30 -3.03 8.83 -12.72
CA GLU A 30 -3.17 7.53 -13.38
C GLU A 30 -4.31 6.73 -12.72
N ASP A 31 -5.09 6.00 -13.51
CA ASP A 31 -6.13 5.13 -12.96
C ASP A 31 -5.51 3.93 -12.24
N ASN A 32 -4.25 3.63 -12.55
CA ASN A 32 -3.48 2.60 -11.84
C ASN A 32 -2.87 3.18 -10.55
N GLU A 33 -3.04 4.49 -10.36
CA GLU A 33 -2.52 5.21 -9.19
C GLU A 33 -3.61 5.36 -8.11
N LEU A 34 -3.20 5.61 -6.87
CA LEU A 34 -4.14 5.62 -5.74
C LEU A 34 -4.48 7.05 -5.27
N THR A 35 -5.75 7.30 -4.96
CA THR A 35 -6.22 8.61 -4.50
C THR A 35 -6.46 8.63 -2.98
N PHE A 36 -5.74 9.49 -2.27
CA PHE A 36 -5.95 9.72 -0.84
C PHE A 36 -5.39 11.08 -0.39
N LYS A 37 -5.77 11.51 0.80
CA LYS A 37 -5.41 12.85 1.31
C LYS A 37 -4.33 12.78 2.40
N ALA A 38 -3.78 13.94 2.75
CA ALA A 38 -2.73 14.04 3.76
C ALA A 38 -3.24 13.63 5.15
N GLY A 39 -2.43 12.86 5.87
CA GLY A 39 -2.81 12.38 7.21
C GLY A 39 -3.29 10.93 7.21
N GLU A 40 -3.80 10.47 6.07
CA GLU A 40 -4.33 9.10 5.95
C GLU A 40 -3.21 8.05 5.98
N ILE A 41 -3.54 6.85 6.46
CA ILE A 41 -2.59 5.75 6.56
C ILE A 41 -2.82 4.70 5.45
N ILE A 42 -1.77 4.40 4.70
CA ILE A 42 -1.85 3.45 3.57
C ILE A 42 -0.97 2.23 3.82
N THR A 43 -1.55 1.03 3.75
CA THR A 43 -0.76 -0.21 3.87
C THR A 43 0.01 -0.48 2.57
N VAL A 44 1.33 -0.29 2.60
CA VAL A 44 2.15 -0.47 1.41
C VAL A 44 2.52 -1.95 1.20
N LEU A 45 1.89 -2.56 0.19
CA LEU A 45 2.05 -3.99 -0.09
C LEU A 45 3.37 -4.30 -0.82
N ASP A 46 3.95 -3.28 -1.45
CA ASP A 46 5.19 -3.46 -2.22
C ASP A 46 6.07 -2.19 -2.17
N ASP A 47 7.27 -2.33 -1.60
CA ASP A 47 8.18 -1.19 -1.41
C ASP A 47 9.60 -1.50 -1.92
N SER A 48 9.73 -2.52 -2.76
CA SER A 48 11.05 -2.97 -3.25
C SER A 48 11.66 -1.99 -4.25
N ASP A 49 10.91 -1.63 -5.28
CA ASP A 49 11.38 -0.69 -6.30
C ASP A 49 11.25 0.76 -5.80
N PRO A 50 12.37 1.50 -5.67
CA PRO A 50 12.37 2.87 -5.11
C PRO A 50 11.44 3.85 -5.87
N ASN A 51 11.11 3.53 -7.11
CA ASN A 51 10.28 4.40 -7.95
C ASN A 51 8.80 3.95 -7.99
N TRP A 52 8.56 2.66 -7.76
CA TRP A 52 7.20 2.11 -7.86
C TRP A 52 6.73 1.43 -6.56
N TRP A 53 5.98 2.16 -5.75
CA TRP A 53 5.40 1.61 -4.51
C TRP A 53 3.90 1.31 -4.67
N LYS A 54 3.45 0.21 -4.07
CA LYS A 54 2.04 -0.22 -4.14
C LYS A 54 1.40 -0.24 -2.73
N GLY A 55 0.20 0.32 -2.61
CA GLY A 55 -0.47 0.40 -1.31
C GLY A 55 -1.97 0.10 -1.37
N GLU A 56 -2.57 -0.07 -0.19
CA GLU A 56 -4.01 -0.34 -0.07
C GLU A 56 -4.70 0.70 0.83
N THR A 57 -5.89 1.13 0.41
CA THR A 57 -6.68 2.12 1.17
C THR A 57 -8.16 1.76 1.19
N HIS A 58 -8.97 2.60 1.85
CA HIS A 58 -10.43 2.47 1.81
C HIS A 58 -11.00 3.01 0.49
N GLN A 59 -10.17 3.70 -0.29
CA GLN A 59 -10.53 4.14 -1.64
C GLN A 59 -10.24 3.06 -2.67
N GLY A 60 -9.34 2.14 -2.32
CA GLY A 60 -8.96 1.06 -3.22
C GLY A 60 -7.48 0.72 -3.15
N ILE A 61 -7.03 -0.16 -4.04
CA ILE A 61 -5.62 -0.56 -4.09
C ILE A 61 -4.96 -0.01 -5.37
N GLY A 62 -3.72 0.49 -5.26
CA GLY A 62 -3.03 1.04 -6.43
C GLY A 62 -1.61 1.52 -6.13
N LEU A 63 -0.98 2.13 -7.13
CA LEU A 63 0.38 2.65 -7.01
C LEU A 63 0.37 4.14 -6.65
N PHE A 64 1.47 4.66 -6.11
CA PHE A 64 1.60 6.10 -5.86
C PHE A 64 3.05 6.58 -6.09
N PRO A 65 3.51 6.60 -7.36
CA PRO A 65 4.89 6.96 -7.73
C PRO A 65 5.16 8.48 -7.69
N SER A 66 4.11 9.28 -7.56
CA SER A 66 4.24 10.75 -7.51
C SER A 66 5.02 11.21 -6.25
N ASN A 67 5.12 10.32 -5.25
CA ASN A 67 5.89 10.59 -4.03
C ASN A 67 5.26 11.72 -3.17
N PHE A 68 4.22 11.37 -2.43
CA PHE A 68 3.56 12.31 -1.51
C PHE A 68 3.29 11.68 -0.13
N VAL A 69 4.06 10.65 0.20
CA VAL A 69 3.92 9.92 1.48
C VAL A 69 5.27 9.80 2.20
N THR A 70 5.26 9.26 3.42
CA THR A 70 6.50 9.04 4.18
C THR A 70 6.42 7.75 5.01
N ALA A 71 7.58 7.24 5.42
CA ALA A 71 7.66 6.02 6.23
C ALA A 71 8.45 6.27 7.53
N ASP A 72 7.81 5.99 8.67
CA ASP A 72 8.44 6.16 9.97
C ASP A 72 9.19 4.88 10.43
N MET A 1 -35.03 -32.33 20.46
CA MET A 1 -33.89 -33.03 21.14
C MET A 1 -32.54 -32.65 20.50
N GLY A 2 -32.46 -32.67 19.17
CA GLY A 2 -31.21 -32.41 18.48
C GLY A 2 -30.82 -30.94 18.44
N HIS A 3 -29.55 -30.66 18.75
CA HIS A 3 -29.02 -29.30 18.71
C HIS A 3 -27.65 -29.27 18.04
N HIS A 4 -27.61 -28.87 16.77
CA HIS A 4 -26.38 -28.92 15.97
C HIS A 4 -25.62 -27.59 16.01
N HIS A 5 -24.81 -27.40 17.06
CA HIS A 5 -23.97 -26.23 17.20
C HIS A 5 -22.49 -26.62 17.11
N HIS A 6 -21.87 -26.32 15.97
CA HIS A 6 -20.46 -26.70 15.75
C HIS A 6 -19.79 -25.77 14.72
N HIS A 7 -18.63 -25.24 15.07
CA HIS A 7 -17.84 -24.40 14.15
C HIS A 7 -16.35 -24.77 14.19
N HIS A 8 -15.64 -24.46 13.12
CA HIS A 8 -14.21 -24.75 13.00
C HIS A 8 -13.33 -23.55 13.37
N SER A 9 -12.02 -23.70 13.24
CA SER A 9 -11.08 -22.60 13.52
C SER A 9 -11.16 -21.52 12.43
N HIS A 10 -10.60 -20.34 12.73
CA HIS A 10 -10.66 -19.20 11.80
C HIS A 10 -9.53 -19.25 10.76
N MET A 11 -8.36 -19.76 11.17
CA MET A 11 -7.18 -19.88 10.30
C MET A 11 -6.57 -18.51 9.96
N ASN A 12 -7.33 -17.65 9.27
CA ASN A 12 -6.85 -16.32 8.92
C ASN A 12 -6.54 -15.48 10.17
N HIS A 13 -5.34 -14.92 10.20
CA HIS A 13 -4.82 -14.21 11.38
C HIS A 13 -4.26 -12.83 11.00
N GLN A 14 -3.73 -12.13 12.00
CA GLN A 14 -3.16 -10.80 11.77
C GLN A 14 -1.85 -10.89 10.97
N HIS A 15 -1.81 -10.20 9.84
CA HIS A 15 -0.63 -10.18 8.97
C HIS A 15 0.09 -8.83 9.07
N GLU A 16 1.21 -8.82 9.80
CA GLU A 16 1.98 -7.59 10.02
C GLU A 16 2.50 -6.98 8.71
N ALA A 17 1.99 -5.81 8.34
CA ALA A 17 2.37 -5.13 7.10
C ALA A 17 2.71 -3.65 7.35
N ARG A 18 3.93 -3.26 6.98
CA ARG A 18 4.40 -1.87 7.09
C ARG A 18 3.40 -0.85 6.50
N LYS A 19 3.33 0.33 7.12
CA LYS A 19 2.37 1.37 6.71
C LYS A 19 3.04 2.76 6.70
N VAL A 20 2.56 3.63 5.81
CA VAL A 20 3.10 4.98 5.68
C VAL A 20 2.00 6.05 5.81
N ARG A 21 2.34 7.21 6.38
CA ARG A 21 1.37 8.29 6.55
C ARG A 21 1.46 9.28 5.37
N ALA A 22 0.31 9.70 4.85
CA ALA A 22 0.27 10.67 3.76
C ALA A 22 0.51 12.11 4.27
N ILE A 23 1.55 12.76 3.76
CA ILE A 23 1.85 14.16 4.12
C ILE A 23 1.22 15.13 3.10
N TYR A 24 1.09 14.69 1.86
CA TYR A 24 0.46 15.49 0.80
C TYR A 24 -0.63 14.67 0.08
N ASP A 25 -1.70 15.34 -0.34
CA ASP A 25 -2.80 14.68 -1.03
C ASP A 25 -2.47 14.45 -2.51
N PHE A 26 -3.07 13.42 -3.10
CA PHE A 26 -2.87 13.11 -4.51
C PHE A 26 -4.06 12.37 -5.10
N GLU A 27 -4.69 12.98 -6.09
CA GLU A 27 -5.73 12.31 -6.87
C GLU A 27 -5.06 11.50 -8.00
N ALA A 28 -5.39 10.21 -8.10
CA ALA A 28 -4.73 9.31 -9.05
C ALA A 28 -4.70 9.89 -10.48
N ALA A 29 -3.50 10.23 -10.96
CA ALA A 29 -3.33 10.75 -12.32
C ALA A 29 -3.78 9.70 -13.35
N GLU A 30 -3.33 8.47 -13.18
CA GLU A 30 -3.81 7.33 -13.97
C GLU A 30 -4.57 6.34 -13.10
N ASP A 31 -5.42 5.52 -13.73
CA ASP A 31 -6.30 4.59 -13.01
C ASP A 31 -5.54 3.53 -12.18
N ASN A 32 -4.28 3.29 -12.54
CA ASN A 32 -3.43 2.32 -11.82
C ASN A 32 -2.80 2.95 -10.56
N GLU A 33 -3.00 4.25 -10.37
CA GLU A 33 -2.48 4.98 -9.22
C GLU A 33 -3.52 5.08 -8.09
N LEU A 34 -3.09 5.45 -6.89
CA LEU A 34 -3.97 5.44 -5.72
C LEU A 34 -4.48 6.86 -5.39
N THR A 35 -5.80 7.02 -5.42
CA THR A 35 -6.44 8.30 -5.04
C THR A 35 -6.70 8.38 -3.54
N PHE A 36 -6.11 9.38 -2.88
CA PHE A 36 -6.36 9.62 -1.45
C PHE A 36 -5.91 11.04 -1.03
N LYS A 37 -6.14 11.37 0.23
CA LYS A 37 -5.82 12.70 0.76
C LYS A 37 -4.80 12.65 1.91
N ALA A 38 -4.25 13.80 2.26
CA ALA A 38 -3.24 13.90 3.32
C ALA A 38 -3.82 13.54 4.70
N GLY A 39 -3.08 12.77 5.48
CA GLY A 39 -3.54 12.34 6.80
C GLY A 39 -3.89 10.86 6.86
N GLU A 40 -4.29 10.28 5.72
CA GLU A 40 -4.67 8.87 5.66
C GLU A 40 -3.46 7.93 5.74
N ILE A 41 -3.69 6.71 6.22
CA ILE A 41 -2.63 5.68 6.34
C ILE A 41 -2.65 4.71 5.14
N ILE A 42 -1.51 4.58 4.47
CA ILE A 42 -1.39 3.70 3.31
C ILE A 42 -0.59 2.43 3.66
N THR A 43 -1.23 1.26 3.58
CA THR A 43 -0.52 -0.01 3.77
C THR A 43 0.17 -0.42 2.46
N VAL A 44 1.50 -0.32 2.41
CA VAL A 44 2.23 -0.56 1.16
C VAL A 44 2.51 -2.06 0.92
N LEU A 45 1.84 -2.61 -0.08
CA LEU A 45 1.98 -4.03 -0.44
C LEU A 45 3.27 -4.28 -1.25
N ASP A 46 3.51 -3.43 -2.23
CA ASP A 46 4.69 -3.55 -3.09
C ASP A 46 5.61 -2.32 -2.97
N ASP A 47 6.67 -2.43 -2.18
CA ASP A 47 7.65 -1.36 -2.01
C ASP A 47 8.97 -1.71 -2.72
N SER A 48 8.89 -2.62 -3.69
CA SER A 48 10.07 -3.12 -4.41
C SER A 48 10.91 -2.00 -5.04
N ASP A 49 10.39 -1.39 -6.10
CA ASP A 49 11.12 -0.33 -6.80
C ASP A 49 10.72 1.06 -6.30
N PRO A 50 11.70 1.91 -5.92
CA PRO A 50 11.43 3.27 -5.41
C PRO A 50 10.60 4.14 -6.37
N ASN A 51 10.51 3.74 -7.64
CA ASN A 51 9.73 4.47 -8.64
C ASN A 51 8.24 4.07 -8.60
N TRP A 52 7.96 2.86 -8.12
CA TRP A 52 6.58 2.34 -8.10
C TRP A 52 6.24 1.60 -6.80
N TRP A 53 5.65 2.33 -5.86
CA TRP A 53 5.14 1.73 -4.62
C TRP A 53 3.62 1.51 -4.70
N LYS A 54 3.18 0.29 -4.40
CA LYS A 54 1.75 -0.06 -4.42
C LYS A 54 1.20 -0.20 -3.00
N GLY A 55 0.18 0.59 -2.67
CA GLY A 55 -0.37 0.60 -1.32
C GLY A 55 -1.88 0.43 -1.25
N GLU A 56 -2.40 0.30 -0.03
CA GLU A 56 -3.84 0.14 0.21
C GLU A 56 -4.35 1.21 1.20
N THR A 57 -5.39 1.93 0.80
CA THR A 57 -6.07 2.89 1.70
C THR A 57 -7.51 2.45 1.95
N HIS A 58 -8.29 3.27 2.63
CA HIS A 58 -9.72 2.99 2.80
C HIS A 58 -10.53 3.47 1.59
N GLN A 59 -9.83 3.98 0.56
CA GLN A 59 -10.47 4.36 -0.70
C GLN A 59 -10.22 3.30 -1.79
N GLY A 60 -8.99 2.79 -1.86
CA GLY A 60 -8.66 1.76 -2.85
C GLY A 60 -7.20 1.34 -2.82
N ILE A 61 -6.78 0.54 -3.81
CA ILE A 61 -5.40 0.06 -3.93
C ILE A 61 -4.76 0.50 -5.25
N GLY A 62 -3.56 1.08 -5.19
CA GLY A 62 -2.90 1.56 -6.40
C GLY A 62 -1.44 1.96 -6.19
N LEU A 63 -0.83 2.50 -7.24
CA LEU A 63 0.58 2.93 -7.22
C LEU A 63 0.71 4.42 -6.84
N PHE A 64 1.88 4.80 -6.31
CA PHE A 64 2.19 6.20 -6.01
C PHE A 64 3.71 6.49 -6.17
N PRO A 65 4.12 7.09 -7.31
CA PRO A 65 5.54 7.29 -7.65
C PRO A 65 6.20 8.53 -7.01
N SER A 66 5.44 9.63 -6.91
CA SER A 66 5.98 10.93 -6.45
C SER A 66 6.54 10.88 -5.01
N ASN A 67 6.15 9.85 -4.26
CA ASN A 67 6.57 9.71 -2.85
C ASN A 67 6.11 10.91 -1.99
N PHE A 68 4.80 11.13 -1.97
CA PHE A 68 4.19 12.20 -1.16
C PHE A 68 3.73 11.67 0.21
N VAL A 69 4.39 10.61 0.67
CA VAL A 69 4.09 9.98 1.96
C VAL A 69 5.37 9.82 2.79
N THR A 70 5.26 9.28 3.99
CA THR A 70 6.43 9.05 4.86
C THR A 70 6.19 7.86 5.80
N ALA A 71 7.27 7.13 6.11
CA ALA A 71 7.19 6.01 7.04
C ALA A 71 6.87 6.48 8.47
N ASP A 72 5.61 6.33 8.87
CA ASP A 72 5.15 6.83 10.17
C ASP A 72 4.08 5.89 10.77
N MET A 1 23.28 -40.92 3.74
CA MET A 1 22.29 -39.85 4.04
C MET A 1 22.45 -38.66 3.09
N GLY A 2 21.37 -37.90 2.88
CA GLY A 2 21.43 -36.73 2.03
C GLY A 2 20.27 -35.76 2.28
N HIS A 3 19.13 -36.03 1.64
CA HIS A 3 17.95 -35.17 1.77
C HIS A 3 17.33 -35.28 3.17
N HIS A 4 17.85 -34.50 4.11
CA HIS A 4 17.38 -34.51 5.50
C HIS A 4 16.35 -33.40 5.76
N HIS A 5 15.39 -33.26 4.84
CA HIS A 5 14.38 -32.19 4.92
C HIS A 5 13.55 -32.27 6.21
N HIS A 6 13.73 -31.31 7.10
CA HIS A 6 12.92 -31.20 8.33
C HIS A 6 12.37 -29.78 8.50
N HIS A 7 11.05 -29.65 8.54
CA HIS A 7 10.39 -28.34 8.65
C HIS A 7 10.70 -27.67 10.00
N HIS A 8 11.71 -26.81 10.01
CA HIS A 8 12.12 -26.07 11.22
C HIS A 8 11.71 -24.59 11.14
N SER A 9 11.00 -24.22 10.07
CA SER A 9 10.51 -22.84 9.88
C SER A 9 9.21 -22.59 10.64
N HIS A 10 8.82 -21.31 10.74
CA HIS A 10 7.56 -20.91 11.37
C HIS A 10 6.53 -20.47 10.32
N MET A 11 6.81 -19.35 9.63
CA MET A 11 5.92 -18.80 8.59
C MET A 11 4.65 -18.14 9.18
N ASN A 12 3.96 -18.85 10.09
CA ASN A 12 2.65 -18.42 10.65
C ASN A 12 2.53 -16.91 10.91
N HIS A 13 2.25 -16.16 9.83
CA HIS A 13 2.06 -14.70 9.90
C HIS A 13 3.26 -14.01 10.58
N GLN A 14 4.47 -14.48 10.28
CA GLN A 14 5.69 -13.96 10.92
C GLN A 14 6.04 -12.53 10.45
N HIS A 15 5.38 -12.06 9.39
CA HIS A 15 5.59 -10.69 8.89
C HIS A 15 4.27 -9.93 8.74
N GLU A 16 4.32 -8.62 8.99
CA GLU A 16 3.13 -7.76 8.98
C GLU A 16 3.14 -6.77 7.79
N ALA A 17 1.96 -6.48 7.24
CA ALA A 17 1.83 -5.51 6.14
C ALA A 17 2.14 -4.08 6.62
N ARG A 18 3.20 -3.50 6.06
CA ARG A 18 3.72 -2.21 6.51
C ARG A 18 2.88 -1.02 5.99
N LYS A 19 2.86 0.07 6.76
CA LYS A 19 2.04 1.25 6.43
C LYS A 19 2.87 2.55 6.43
N VAL A 20 2.42 3.51 5.62
CA VAL A 20 3.08 4.83 5.53
C VAL A 20 2.04 5.96 5.52
N ARG A 21 2.38 7.11 6.09
CA ARG A 21 1.46 8.27 6.13
C ARG A 21 1.70 9.22 4.95
N ALA A 22 0.61 9.64 4.29
CA ALA A 22 0.72 10.62 3.20
C ALA A 22 0.88 12.05 3.74
N ILE A 23 1.96 12.71 3.37
CA ILE A 23 2.20 14.10 3.80
C ILE A 23 1.62 15.11 2.80
N TYR A 24 1.46 14.69 1.54
CA TYR A 24 0.88 15.56 0.51
C TYR A 24 -0.43 14.98 -0.04
N ASP A 25 -1.26 15.84 -0.62
CA ASP A 25 -2.61 15.48 -1.06
C ASP A 25 -2.66 15.14 -2.57
N PHE A 26 -3.13 13.96 -2.92
CA PHE A 26 -3.18 13.54 -4.33
C PHE A 26 -4.41 12.66 -4.66
N GLU A 27 -4.91 12.82 -5.88
CA GLU A 27 -6.03 12.03 -6.38
C GLU A 27 -5.65 11.34 -7.71
N ALA A 28 -5.95 10.05 -7.82
CA ALA A 28 -5.49 9.21 -8.95
C ALA A 28 -5.77 9.83 -10.32
N ALA A 29 -4.70 10.26 -11.00
CA ALA A 29 -4.80 10.78 -12.37
C ALA A 29 -4.90 9.62 -13.37
N GLU A 30 -4.02 8.64 -13.22
CA GLU A 30 -4.08 7.42 -14.04
C GLU A 30 -4.87 6.31 -13.33
N ASP A 31 -5.42 5.39 -14.13
CA ASP A 31 -6.25 4.31 -13.61
C ASP A 31 -5.49 3.42 -12.61
N ASN A 32 -4.18 3.31 -12.79
CA ASN A 32 -3.34 2.46 -11.93
C ASN A 32 -2.92 3.16 -10.63
N GLU A 33 -3.11 4.48 -10.56
CA GLU A 33 -2.70 5.24 -9.37
C GLU A 33 -3.77 5.18 -8.26
N LEU A 34 -3.36 5.54 -7.04
CA LEU A 34 -4.25 5.44 -5.87
C LEU A 34 -4.69 6.84 -5.38
N THR A 35 -5.99 6.99 -5.11
CA THR A 35 -6.54 8.22 -4.55
C THR A 35 -6.56 8.20 -3.01
N PHE A 36 -5.90 9.15 -2.39
CA PHE A 36 -5.93 9.32 -0.93
C PHE A 36 -5.46 10.72 -0.52
N LYS A 37 -6.13 11.29 0.48
CA LYS A 37 -5.88 12.68 0.89
C LYS A 37 -4.73 12.79 1.90
N ALA A 38 -4.21 14.01 2.10
CA ALA A 38 -3.10 14.24 3.02
C ALA A 38 -3.48 13.91 4.47
N GLY A 39 -2.62 13.16 5.14
CA GLY A 39 -2.87 12.79 6.53
C GLY A 39 -3.30 11.33 6.69
N GLU A 40 -3.77 10.70 5.62
CA GLU A 40 -4.24 9.32 5.67
C GLU A 40 -3.08 8.30 5.77
N ILE A 41 -3.43 7.07 6.18
CA ILE A 41 -2.45 5.99 6.33
C ILE A 41 -2.62 4.93 5.22
N ILE A 42 -1.55 4.67 4.47
CA ILE A 42 -1.59 3.75 3.33
C ILE A 42 -0.78 2.47 3.61
N THR A 43 -1.42 1.32 3.50
CA THR A 43 -0.71 0.04 3.63
C THR A 43 0.10 -0.23 2.35
N VAL A 44 1.43 -0.10 2.42
CA VAL A 44 2.26 -0.28 1.22
C VAL A 44 2.68 -1.76 1.07
N LEU A 45 2.10 -2.41 0.06
CA LEU A 45 2.31 -3.84 -0.17
C LEU A 45 3.61 -4.11 -0.95
N ASP A 46 4.05 -3.13 -1.74
CA ASP A 46 5.27 -3.28 -2.53
C ASP A 46 6.11 -1.98 -2.50
N ASP A 47 7.26 -2.07 -1.83
CA ASP A 47 8.21 -0.94 -1.78
C ASP A 47 9.52 -1.30 -2.49
N SER A 48 9.48 -2.35 -3.32
CA SER A 48 10.68 -2.91 -3.95
C SER A 48 11.36 -1.89 -4.89
N ASP A 49 10.58 -1.30 -5.79
CA ASP A 49 11.09 -0.28 -6.71
C ASP A 49 10.96 1.12 -6.08
N PRO A 50 12.08 1.78 -5.74
CA PRO A 50 12.08 3.02 -4.94
C PRO A 50 11.30 4.19 -5.56
N ASN A 51 11.01 4.14 -6.86
CA ASN A 51 10.27 5.23 -7.52
C ASN A 51 8.81 4.84 -7.85
N TRP A 52 8.45 3.58 -7.63
CA TRP A 52 7.07 3.12 -7.87
C TRP A 52 6.58 2.17 -6.76
N TRP A 53 5.93 2.73 -5.75
CA TRP A 53 5.37 1.94 -4.63
C TRP A 53 3.89 1.59 -4.87
N LYS A 54 3.46 0.46 -4.34
CA LYS A 54 2.06 0.01 -4.45
C LYS A 54 1.44 -0.13 -3.04
N GLY A 55 0.28 0.51 -2.84
CA GLY A 55 -0.32 0.54 -1.51
C GLY A 55 -1.83 0.28 -1.48
N GLU A 56 -2.39 0.30 -0.27
CA GLU A 56 -3.82 0.05 -0.04
C GLU A 56 -4.43 1.08 0.91
N THR A 57 -5.54 1.70 0.51
CA THR A 57 -6.29 2.62 1.39
C THR A 57 -7.74 2.17 1.52
N HIS A 58 -8.52 2.92 2.28
CA HIS A 58 -9.97 2.67 2.39
C HIS A 58 -10.72 3.27 1.19
N GLN A 59 -10.00 3.97 0.33
CA GLN A 59 -10.54 4.48 -0.93
C GLN A 59 -10.33 3.44 -2.06
N GLY A 60 -9.15 2.81 -2.07
CA GLY A 60 -8.85 1.79 -3.08
C GLY A 60 -7.40 1.28 -3.03
N ILE A 61 -7.06 0.40 -3.97
CA ILE A 61 -5.70 -0.16 -4.05
C ILE A 61 -5.04 0.28 -5.37
N GLY A 62 -3.81 0.78 -5.28
CA GLY A 62 -3.13 1.26 -6.49
C GLY A 62 -1.68 1.71 -6.26
N LEU A 63 -1.14 2.44 -7.23
CA LEU A 63 0.26 2.90 -7.20
C LEU A 63 0.35 4.38 -6.80
N PHE A 64 1.50 4.78 -6.25
CA PHE A 64 1.78 6.19 -5.97
C PHE A 64 3.27 6.52 -6.18
N PRO A 65 3.69 6.71 -7.45
CA PRO A 65 5.12 6.89 -7.82
C PRO A 65 5.75 8.18 -7.26
N SER A 66 4.92 9.13 -6.86
CA SER A 66 5.41 10.40 -6.29
C SER A 66 6.08 10.17 -4.92
N ASN A 67 5.68 9.10 -4.24
CA ASN A 67 6.26 8.73 -2.93
C ASN A 67 6.20 9.88 -1.89
N PHE A 68 5.13 10.67 -1.94
CA PHE A 68 4.91 11.76 -0.98
C PHE A 68 4.44 11.24 0.39
N VAL A 69 5.05 10.16 0.86
CA VAL A 69 4.64 9.51 2.12
C VAL A 69 5.85 9.34 3.06
N THR A 70 5.56 9.02 4.32
CA THR A 70 6.60 8.82 5.34
C THR A 70 6.28 7.62 6.25
N ALA A 71 7.28 7.18 7.02
CA ALA A 71 7.15 5.97 7.84
C ALA A 71 6.54 6.26 9.23
N ASP A 72 5.30 5.83 9.42
CA ASP A 72 4.61 5.96 10.72
C ASP A 72 4.15 4.59 11.26
N MET A 1 -29.01 -9.68 1.97
CA MET A 1 -29.12 -10.98 1.24
C MET A 1 -29.61 -12.11 2.17
N GLY A 2 -30.92 -12.36 2.17
CA GLY A 2 -31.49 -13.46 2.94
C GLY A 2 -31.24 -13.36 4.44
N HIS A 3 -30.81 -14.47 5.05
CA HIS A 3 -30.50 -14.48 6.49
C HIS A 3 -29.16 -15.20 6.75
N HIS A 4 -28.10 -14.42 6.98
CA HIS A 4 -26.77 -14.97 7.25
C HIS A 4 -26.05 -14.18 8.35
N HIS A 5 -26.33 -14.55 9.60
CA HIS A 5 -25.82 -13.83 10.77
C HIS A 5 -24.38 -14.26 11.14
N HIS A 6 -23.42 -13.92 10.29
CA HIS A 6 -22.01 -14.26 10.54
C HIS A 6 -21.09 -13.39 9.66
N HIS A 7 -20.42 -12.42 10.27
CA HIS A 7 -19.60 -11.44 9.55
C HIS A 7 -18.09 -11.76 9.64
N HIS A 8 -17.41 -11.71 8.50
CA HIS A 8 -15.94 -11.81 8.46
C HIS A 8 -15.31 -10.41 8.56
N SER A 9 -14.27 -10.26 9.37
CA SER A 9 -13.66 -8.93 9.57
C SER A 9 -12.13 -9.01 9.73
N HIS A 10 -11.46 -7.92 9.37
CA HIS A 10 -10.01 -7.82 9.53
C HIS A 10 -9.63 -7.27 10.92
N MET A 11 -10.63 -7.12 11.79
CA MET A 11 -10.43 -6.54 13.13
C MET A 11 -9.38 -7.31 13.95
N ASN A 12 -9.50 -8.63 13.98
CA ASN A 12 -8.59 -9.48 14.77
C ASN A 12 -7.29 -9.79 14.00
N HIS A 13 -7.17 -9.30 12.78
CA HIS A 13 -6.03 -9.64 11.92
C HIS A 13 -4.76 -8.86 12.28
N GLN A 14 -4.05 -9.31 13.31
CA GLN A 14 -2.72 -8.78 13.62
C GLN A 14 -1.71 -9.41 12.65
N HIS A 15 -1.51 -8.77 11.51
CA HIS A 15 -0.81 -9.38 10.37
C HIS A 15 0.56 -8.75 10.08
N GLU A 16 1.37 -9.46 9.29
CA GLU A 16 2.68 -8.98 8.87
C GLU A 16 2.56 -7.97 7.71
N ALA A 17 2.78 -6.70 8.03
CA ALA A 17 2.74 -5.62 7.04
C ALA A 17 3.22 -4.30 7.64
N ARG A 18 3.25 -3.24 6.84
CA ARG A 18 3.65 -1.92 7.32
C ARG A 18 2.70 -0.83 6.80
N LYS A 19 2.40 0.14 7.64
CA LYS A 19 1.58 1.29 7.23
C LYS A 19 2.37 2.60 7.33
N VAL A 20 2.15 3.49 6.37
CA VAL A 20 2.85 4.77 6.31
C VAL A 20 1.84 5.93 6.28
N ARG A 21 2.30 7.14 6.59
CA ARG A 21 1.42 8.31 6.62
C ARG A 21 1.66 9.24 5.43
N ALA A 22 0.59 9.63 4.75
CA ALA A 22 0.68 10.56 3.62
C ALA A 22 0.85 12.01 4.10
N ILE A 23 1.81 12.74 3.50
CA ILE A 23 2.03 14.15 3.86
C ILE A 23 1.47 15.12 2.80
N TYR A 24 1.29 14.65 1.56
CA TYR A 24 0.72 15.48 0.49
C TYR A 24 -0.49 14.80 -0.16
N ASP A 25 -1.58 15.56 -0.32
CA ASP A 25 -2.80 15.06 -0.98
C ASP A 25 -2.56 14.78 -2.48
N PHE A 26 -3.13 13.70 -2.99
CA PHE A 26 -3.05 13.40 -4.42
C PHE A 26 -4.20 12.48 -4.88
N GLU A 27 -4.97 12.97 -5.84
CA GLU A 27 -6.08 12.21 -6.42
C GLU A 27 -5.65 11.61 -7.77
N ALA A 28 -5.75 10.28 -7.90
CA ALA A 28 -5.24 9.57 -9.07
C ALA A 28 -5.92 10.01 -10.38
N ALA A 29 -5.10 10.24 -11.40
CA ALA A 29 -5.57 10.54 -12.75
C ALA A 29 -5.81 9.25 -13.55
N GLU A 30 -5.30 8.13 -13.03
CA GLU A 30 -5.41 6.83 -13.71
C GLU A 30 -5.95 5.73 -12.78
N ASP A 31 -6.45 4.65 -13.38
CA ASP A 31 -6.87 3.46 -12.64
C ASP A 31 -5.67 2.80 -11.93
N ASN A 32 -4.55 2.73 -12.65
CA ASN A 32 -3.31 2.14 -12.14
C ASN A 32 -2.65 3.00 -11.04
N GLU A 33 -3.14 4.24 -10.91
CA GLU A 33 -2.59 5.19 -9.94
C GLU A 33 -3.45 5.21 -8.65
N LEU A 34 -2.89 5.72 -7.54
CA LEU A 34 -3.57 5.65 -6.24
C LEU A 34 -4.18 7.01 -5.80
N THR A 35 -5.42 6.97 -5.32
CA THR A 35 -6.11 8.17 -4.82
C THR A 35 -6.20 8.18 -3.29
N PHE A 36 -5.64 9.21 -2.65
CA PHE A 36 -5.80 9.39 -1.20
C PHE A 36 -5.37 10.79 -0.72
N LYS A 37 -5.80 11.16 0.49
CA LYS A 37 -5.54 12.50 1.05
C LYS A 37 -4.38 12.48 2.07
N ALA A 38 -4.02 13.65 2.58
CA ALA A 38 -2.98 13.79 3.60
C ALA A 38 -3.48 13.31 4.97
N GLY A 39 -2.58 12.74 5.76
CA GLY A 39 -2.95 12.21 7.07
C GLY A 39 -3.44 10.76 7.02
N GLU A 40 -3.70 10.28 5.81
CA GLU A 40 -4.11 8.88 5.62
C GLU A 40 -2.99 7.91 5.99
N ILE A 41 -3.38 6.74 6.47
CA ILE A 41 -2.41 5.70 6.86
C ILE A 41 -2.45 4.53 5.86
N ILE A 42 -1.55 4.56 4.88
CA ILE A 42 -1.58 3.64 3.73
C ILE A 42 -0.71 2.40 3.98
N THR A 43 -1.20 1.22 3.60
CA THR A 43 -0.39 0.00 3.66
C THR A 43 0.35 -0.23 2.33
N VAL A 44 1.66 -0.01 2.31
CA VAL A 44 2.43 -0.26 1.09
C VAL A 44 2.68 -1.77 0.91
N LEU A 45 1.90 -2.38 0.02
CA LEU A 45 1.93 -3.85 -0.17
C LEU A 45 3.17 -4.27 -0.97
N ASP A 46 3.52 -3.47 -1.97
CA ASP A 46 4.69 -3.74 -2.81
C ASP A 46 5.57 -2.49 -2.94
N ASP A 47 6.84 -2.63 -2.56
CA ASP A 47 7.78 -1.51 -2.60
C ASP A 47 9.12 -1.94 -3.20
N SER A 48 9.07 -2.83 -4.20
CA SER A 48 10.28 -3.38 -4.84
C SER A 48 11.27 -2.27 -5.23
N ASP A 49 10.76 -1.22 -5.87
CA ASP A 49 11.58 -0.06 -6.24
C ASP A 49 11.10 1.21 -5.52
N PRO A 50 12.03 2.06 -5.04
CA PRO A 50 11.69 3.23 -4.20
C PRO A 50 10.71 4.23 -4.86
N ASN A 51 10.74 4.33 -6.19
CA ASN A 51 9.90 5.28 -6.91
C ASN A 51 8.58 4.66 -7.39
N TRP A 52 8.38 3.37 -7.11
CA TRP A 52 7.16 2.66 -7.52
C TRP A 52 6.59 1.81 -6.38
N TRP A 53 5.78 2.43 -5.55
CA TRP A 53 5.13 1.76 -4.41
C TRP A 53 3.64 1.54 -4.66
N LYS A 54 3.16 0.32 -4.38
CA LYS A 54 1.73 0.01 -4.44
C LYS A 54 1.11 0.03 -3.04
N GLY A 55 0.19 0.97 -2.82
CA GLY A 55 -0.37 1.15 -1.49
C GLY A 55 -1.83 0.73 -1.37
N GLU A 56 -2.25 0.46 -0.15
CA GLU A 56 -3.63 0.11 0.17
C GLU A 56 -4.31 1.24 0.96
N THR A 57 -5.46 1.71 0.48
CA THR A 57 -6.24 2.74 1.17
C THR A 57 -7.73 2.38 1.19
N HIS A 58 -8.52 3.17 1.93
CA HIS A 58 -9.98 2.98 1.96
C HIS A 58 -10.63 3.54 0.68
N GLN A 59 -9.82 4.24 -0.12
CA GLN A 59 -10.29 4.86 -1.37
C GLN A 59 -9.89 4.04 -2.60
N GLY A 60 -8.85 3.20 -2.46
CA GLY A 60 -8.41 2.36 -3.57
C GLY A 60 -7.01 1.77 -3.38
N ILE A 61 -6.55 1.01 -4.37
CA ILE A 61 -5.20 0.41 -4.35
C ILE A 61 -4.49 0.65 -5.69
N GLY A 62 -3.25 1.14 -5.64
CA GLY A 62 -2.51 1.44 -6.86
C GLY A 62 -1.11 2.01 -6.60
N LEU A 63 -0.51 2.56 -7.65
CA LEU A 63 0.85 3.14 -7.56
C LEU A 63 0.82 4.67 -7.39
N PHE A 64 1.86 5.21 -6.77
CA PHE A 64 2.02 6.67 -6.66
C PHE A 64 3.50 7.08 -6.89
N PRO A 65 3.87 7.31 -8.17
CA PRO A 65 5.27 7.56 -8.59
C PRO A 65 5.98 8.69 -7.83
N SER A 66 5.27 9.77 -7.50
CA SER A 66 5.86 10.90 -6.79
C SER A 66 6.44 10.52 -5.41
N ASN A 67 5.85 9.47 -4.81
CA ASN A 67 6.23 9.03 -3.45
C ASN A 67 6.17 10.20 -2.44
N PHE A 68 4.95 10.55 -2.05
CA PHE A 68 4.70 11.68 -1.15
C PHE A 68 4.23 11.21 0.24
N VAL A 69 4.74 10.06 0.66
CA VAL A 69 4.40 9.47 1.96
C VAL A 69 5.66 9.20 2.79
N THR A 70 5.50 9.08 4.11
CA THR A 70 6.64 8.84 5.01
C THR A 70 6.32 7.77 6.06
N ALA A 71 7.36 7.15 6.60
CA ALA A 71 7.20 6.07 7.58
C ALA A 71 8.02 6.35 8.86
N ASP A 72 7.33 6.74 9.93
CA ASP A 72 7.99 6.94 11.24
C ASP A 72 7.91 5.67 12.10
N MET A 1 -17.69 -3.11 -10.98
CA MET A 1 -17.54 -4.48 -11.55
C MET A 1 -16.83 -4.44 -12.91
N GLY A 2 -15.62 -5.00 -12.98
CA GLY A 2 -14.83 -4.96 -14.21
C GLY A 2 -14.19 -6.29 -14.56
N HIS A 3 -14.23 -6.67 -15.84
CA HIS A 3 -13.68 -7.95 -16.28
C HIS A 3 -12.15 -7.94 -16.34
N HIS A 4 -11.54 -6.75 -16.35
CA HIS A 4 -10.07 -6.64 -16.32
C HIS A 4 -9.51 -7.12 -14.96
N HIS A 5 -9.42 -8.45 -14.80
CA HIS A 5 -8.96 -9.05 -13.54
C HIS A 5 -7.45 -8.90 -13.34
N HIS A 6 -7.07 -8.23 -12.25
CA HIS A 6 -5.66 -8.06 -11.88
C HIS A 6 -5.30 -8.97 -10.70
N HIS A 7 -4.53 -10.04 -10.96
CA HIS A 7 -4.23 -11.05 -9.94
C HIS A 7 -3.65 -10.42 -8.65
N HIS A 8 -4.19 -10.80 -7.50
CA HIS A 8 -3.79 -10.21 -6.22
C HIS A 8 -2.47 -10.81 -5.69
N SER A 9 -1.51 -9.94 -5.39
CA SER A 9 -0.19 -10.37 -4.90
C SER A 9 -0.25 -10.95 -3.48
N HIS A 10 0.04 -12.25 -3.35
CA HIS A 10 0.07 -12.93 -2.04
C HIS A 10 1.40 -13.67 -1.83
N MET A 11 2.50 -13.02 -2.21
CA MET A 11 3.84 -13.62 -2.04
C MET A 11 4.67 -12.89 -0.97
N ASN A 12 5.02 -13.60 0.11
CA ASN A 12 5.94 -13.10 1.16
C ASN A 12 5.38 -11.90 1.95
N HIS A 13 5.24 -10.76 1.28
CA HIS A 13 4.81 -9.50 1.91
C HIS A 13 3.53 -9.64 2.75
N GLN A 14 2.72 -10.66 2.47
CA GLN A 14 1.46 -10.89 3.22
C GLN A 14 1.75 -11.24 4.70
N HIS A 15 3.01 -11.53 5.01
CA HIS A 15 3.44 -11.74 6.41
C HIS A 15 3.02 -10.54 7.27
N GLU A 16 3.36 -9.34 6.81
CA GLU A 16 3.03 -8.11 7.52
C GLU A 16 3.42 -6.88 6.69
N ALA A 17 2.44 -6.25 6.05
CA ALA A 17 2.68 -5.05 5.25
C ALA A 17 2.72 -3.79 6.13
N ARG A 18 3.89 -3.17 6.22
CA ARG A 18 4.06 -1.97 7.06
C ARG A 18 3.27 -0.77 6.50
N LYS A 19 3.13 0.29 7.30
CA LYS A 19 2.30 1.43 6.93
C LYS A 19 3.07 2.76 6.93
N VAL A 20 2.74 3.63 5.99
CA VAL A 20 3.35 4.96 5.89
C VAL A 20 2.26 6.06 5.90
N ARG A 21 2.63 7.28 6.28
CA ARG A 21 1.67 8.37 6.43
C ARG A 21 1.69 9.32 5.22
N ALA A 22 0.50 9.69 4.73
CA ALA A 22 0.37 10.65 3.63
C ALA A 22 0.54 12.10 4.12
N ILE A 23 1.50 12.82 3.56
CA ILE A 23 1.75 14.22 3.93
C ILE A 23 1.07 15.21 2.95
N TYR A 24 0.78 14.74 1.73
CA TYR A 24 0.09 15.57 0.73
C TYR A 24 -1.13 14.82 0.16
N ASP A 25 -2.26 15.53 0.03
CA ASP A 25 -3.45 14.94 -0.60
C ASP A 25 -3.29 14.89 -2.13
N PHE A 26 -3.76 13.82 -2.74
CA PHE A 26 -3.56 13.62 -4.18
C PHE A 26 -4.75 12.90 -4.83
N GLU A 27 -5.05 13.24 -6.07
CA GLU A 27 -6.07 12.57 -6.87
C GLU A 27 -5.46 11.91 -8.11
N ALA A 28 -5.66 10.61 -8.25
CA ALA A 28 -5.06 9.83 -9.35
C ALA A 28 -5.35 10.42 -10.72
N ALA A 29 -4.31 10.97 -11.36
CA ALA A 29 -4.41 11.48 -12.73
C ALA A 29 -4.44 10.31 -13.74
N GLU A 30 -3.86 9.19 -13.35
CA GLU A 30 -3.78 8.01 -14.22
C GLU A 30 -4.43 6.79 -13.55
N ASP A 31 -4.85 5.80 -14.35
CA ASP A 31 -5.48 4.58 -13.84
C ASP A 31 -4.53 3.78 -12.93
N ASN A 32 -3.23 3.99 -13.10
CA ASN A 32 -2.21 3.30 -12.33
C ASN A 32 -2.03 3.89 -10.91
N GLU A 33 -2.43 5.15 -10.73
CA GLU A 33 -2.17 5.88 -9.48
C GLU A 33 -3.30 5.70 -8.46
N LEU A 34 -3.01 6.01 -7.19
CA LEU A 34 -3.99 5.88 -6.09
C LEU A 34 -4.48 7.27 -5.60
N THR A 35 -5.79 7.38 -5.32
CA THR A 35 -6.37 8.64 -4.83
C THR A 35 -6.62 8.60 -3.30
N PHE A 36 -6.04 9.54 -2.56
CA PHE A 36 -6.29 9.65 -1.11
C PHE A 36 -5.83 11.00 -0.54
N LYS A 37 -6.40 11.38 0.60
CA LYS A 37 -6.11 12.68 1.22
C LYS A 37 -4.93 12.62 2.19
N ALA A 38 -4.50 13.80 2.67
CA ALA A 38 -3.37 13.89 3.61
C ALA A 38 -3.78 13.40 5.01
N GLY A 39 -2.94 12.56 5.59
CA GLY A 39 -3.26 11.95 6.88
C GLY A 39 -3.55 10.46 6.78
N GLU A 40 -3.86 10.00 5.58
CA GLU A 40 -4.10 8.56 5.33
C GLU A 40 -2.89 7.71 5.71
N ILE A 41 -3.15 6.55 6.32
CA ILE A 41 -2.11 5.59 6.65
C ILE A 41 -2.07 4.46 5.62
N ILE A 42 -1.15 4.57 4.66
CA ILE A 42 -1.08 3.66 3.52
C ILE A 42 -0.35 2.36 3.87
N THR A 43 -1.04 1.23 3.71
CA THR A 43 -0.43 -0.09 3.92
C THR A 43 0.30 -0.53 2.65
N VAL A 44 1.64 -0.55 2.69
CA VAL A 44 2.42 -0.92 1.49
C VAL A 44 2.44 -2.45 1.29
N LEU A 45 1.62 -2.92 0.35
CA LEU A 45 1.45 -4.35 0.09
C LEU A 45 2.64 -4.93 -0.69
N ASP A 46 3.27 -4.11 -1.52
CA ASP A 46 4.42 -4.54 -2.31
C ASP A 46 5.42 -3.40 -2.54
N ASP A 47 6.70 -3.73 -2.48
CA ASP A 47 7.78 -2.77 -2.66
C ASP A 47 8.88 -3.34 -3.59
N SER A 48 8.62 -3.30 -4.90
CA SER A 48 9.55 -3.82 -5.90
C SER A 48 10.61 -2.77 -6.29
N ASP A 49 10.16 -1.56 -6.57
CA ASP A 49 11.05 -0.44 -6.90
C ASP A 49 10.98 0.64 -5.82
N PRO A 50 12.12 1.26 -5.43
CA PRO A 50 12.14 2.31 -4.39
C PRO A 50 11.24 3.51 -4.74
N ASN A 51 10.92 3.64 -6.03
CA ASN A 51 10.03 4.70 -6.50
C ASN A 51 8.58 4.20 -6.66
N TRP A 52 8.41 2.93 -7.01
CA TRP A 52 7.09 2.35 -7.28
C TRP A 52 6.61 1.45 -6.12
N TRP A 53 5.87 2.04 -5.19
CA TRP A 53 5.29 1.30 -4.07
C TRP A 53 3.80 1.00 -4.30
N LYS A 54 3.38 -0.18 -3.85
CA LYS A 54 1.98 -0.62 -3.97
C LYS A 54 1.24 -0.42 -2.64
N GLY A 55 0.24 0.47 -2.64
CA GLY A 55 -0.39 0.87 -1.38
C GLY A 55 -1.86 0.47 -1.25
N GLU A 56 -2.27 0.20 -0.02
CA GLU A 56 -3.66 -0.08 0.33
C GLU A 56 -4.22 1.04 1.21
N THR A 57 -5.36 1.61 0.81
CA THR A 57 -5.96 2.76 1.51
C THR A 57 -7.45 2.55 1.77
N HIS A 58 -8.06 3.49 2.49
CA HIS A 58 -9.48 3.40 2.82
C HIS A 58 -10.38 3.67 1.61
N GLN A 59 -9.78 3.89 0.44
CA GLN A 59 -10.53 4.01 -0.82
C GLN A 59 -10.28 2.80 -1.73
N GLY A 60 -9.02 2.45 -1.94
CA GLY A 60 -8.67 1.34 -2.81
C GLY A 60 -7.17 1.03 -2.86
N ILE A 61 -6.76 0.25 -3.85
CA ILE A 61 -5.35 -0.15 -4.01
C ILE A 61 -4.76 0.34 -5.34
N GLY A 62 -3.56 0.91 -5.28
CA GLY A 62 -2.92 1.47 -6.47
C GLY A 62 -1.45 1.78 -6.25
N LEU A 63 -0.80 2.36 -7.25
CA LEU A 63 0.60 2.76 -7.14
C LEU A 63 0.71 4.27 -6.96
N PHE A 64 1.84 4.73 -6.41
CA PHE A 64 2.07 6.16 -6.24
C PHE A 64 3.56 6.53 -6.40
N PRO A 65 4.12 6.34 -7.62
CA PRO A 65 5.53 6.68 -7.90
C PRO A 65 5.84 8.17 -7.69
N SER A 66 4.79 8.99 -7.65
CA SER A 66 4.93 10.42 -7.33
C SER A 66 5.52 10.62 -5.92
N ASN A 67 5.23 9.65 -5.03
CA ASN A 67 5.75 9.63 -3.66
C ASN A 67 5.43 10.93 -2.89
N PHE A 68 4.18 11.04 -2.43
CA PHE A 68 3.72 12.18 -1.62
C PHE A 68 3.42 11.73 -0.18
N VAL A 69 4.06 10.64 0.24
CA VAL A 69 3.94 10.11 1.60
C VAL A 69 5.31 10.08 2.30
N THR A 70 5.38 9.54 3.51
CA THR A 70 6.66 9.41 4.21
C THR A 70 6.61 8.40 5.36
N ALA A 71 7.79 7.99 5.82
CA ALA A 71 7.91 7.04 6.94
C ALA A 71 7.64 7.74 8.28
N ASP A 72 6.47 7.48 8.87
CA ASP A 72 6.10 8.10 10.15
C ASP A 72 6.61 7.26 11.34
N MET A 1 3.84 -38.10 -14.03
CA MET A 1 2.75 -37.87 -13.04
C MET A 1 2.38 -36.38 -12.96
N GLY A 2 1.48 -36.03 -12.04
CA GLY A 2 1.09 -34.64 -11.84
C GLY A 2 0.25 -34.43 -10.59
N HIS A 3 0.92 -34.22 -9.45
CA HIS A 3 0.22 -34.06 -8.16
C HIS A 3 -0.56 -32.74 -8.09
N HIS A 4 -1.86 -32.82 -8.40
CA HIS A 4 -2.77 -31.68 -8.26
C HIS A 4 -3.90 -31.99 -7.28
N HIS A 5 -4.27 -33.27 -7.19
CA HIS A 5 -5.30 -33.73 -6.26
C HIS A 5 -4.80 -33.63 -4.81
N HIS A 6 -5.58 -32.96 -3.96
CA HIS A 6 -5.22 -32.71 -2.55
C HIS A 6 -4.01 -31.76 -2.43
N HIS A 7 -3.53 -31.24 -3.56
CA HIS A 7 -2.43 -30.28 -3.56
C HIS A 7 -2.93 -28.91 -3.10
N HIS A 8 -3.03 -28.75 -1.79
CA HIS A 8 -3.59 -27.54 -1.18
C HIS A 8 -2.69 -26.33 -1.37
N SER A 9 -3.25 -25.27 -1.97
CA SER A 9 -2.50 -24.04 -2.24
C SER A 9 -2.94 -22.91 -1.29
N HIS A 10 -2.07 -21.91 -1.12
CA HIS A 10 -2.36 -20.74 -0.27
C HIS A 10 -2.18 -19.42 -1.03
N MET A 11 -3.29 -18.80 -1.39
CA MET A 11 -3.29 -17.55 -2.16
C MET A 11 -2.88 -16.34 -1.28
N ASN A 12 -3.45 -16.26 -0.09
CA ASN A 12 -3.14 -15.16 0.85
C ASN A 12 -1.79 -15.37 1.55
N HIS A 13 -0.81 -14.52 1.24
CA HIS A 13 0.52 -14.60 1.84
C HIS A 13 0.67 -13.59 2.99
N GLN A 14 0.96 -14.09 4.19
CA GLN A 14 1.07 -13.24 5.38
C GLN A 14 2.50 -12.73 5.59
N HIS A 15 2.66 -11.41 5.57
CA HIS A 15 3.94 -10.74 5.86
C HIS A 15 3.71 -9.29 6.28
N GLU A 16 4.67 -8.70 6.98
CA GLU A 16 4.53 -7.33 7.46
C GLU A 16 4.52 -6.30 6.31
N ALA A 17 3.33 -5.86 5.91
CA ALA A 17 3.20 -4.78 4.95
C ALA A 17 3.32 -3.42 5.67
N ARG A 18 4.40 -2.70 5.40
CA ARG A 18 4.72 -1.49 6.14
C ARG A 18 3.73 -0.34 5.82
N LYS A 19 3.33 0.39 6.86
CA LYS A 19 2.36 1.48 6.72
C LYS A 19 3.06 2.85 6.73
N VAL A 20 2.63 3.74 5.83
CA VAL A 20 3.22 5.08 5.71
C VAL A 20 2.15 6.19 5.84
N ARG A 21 2.55 7.30 6.44
CA ARG A 21 1.65 8.45 6.64
C ARG A 21 1.74 9.45 5.47
N ALA A 22 0.62 9.74 4.82
CA ALA A 22 0.58 10.68 3.69
C ALA A 22 0.69 12.14 4.17
N ILE A 23 1.71 12.85 3.68
CA ILE A 23 1.89 14.27 4.02
C ILE A 23 1.27 15.20 2.95
N TYR A 24 1.26 14.73 1.70
CA TYR A 24 0.63 15.50 0.61
C TYR A 24 -0.48 14.68 -0.06
N ASP A 25 -1.63 15.32 -0.27
CA ASP A 25 -2.79 14.66 -0.88
C ASP A 25 -2.62 14.50 -2.40
N PHE A 26 -3.30 13.50 -2.97
CA PHE A 26 -3.20 13.23 -4.40
C PHE A 26 -4.39 12.41 -4.92
N GLU A 27 -4.97 12.85 -6.03
CA GLU A 27 -6.02 12.11 -6.72
C GLU A 27 -5.47 11.49 -8.01
N ALA A 28 -5.64 10.17 -8.15
CA ALA A 28 -5.06 9.42 -9.28
C ALA A 28 -5.50 9.96 -10.65
N ALA A 29 -4.53 10.27 -11.49
CA ALA A 29 -4.79 10.67 -12.88
C ALA A 29 -4.81 9.47 -13.82
N GLU A 30 -4.03 8.44 -13.44
CA GLU A 30 -4.02 7.15 -14.13
C GLU A 30 -4.79 6.08 -13.35
N ASP A 31 -5.33 5.09 -14.06
CA ASP A 31 -6.07 4.00 -13.44
C ASP A 31 -5.17 3.16 -12.52
N ASN A 32 -3.88 3.16 -12.83
CA ASN A 32 -2.89 2.38 -12.08
C ASN A 32 -2.45 3.09 -10.78
N GLU A 33 -2.81 4.37 -10.65
CA GLU A 33 -2.42 5.17 -9.47
C GLU A 33 -3.43 5.06 -8.31
N LEU A 34 -2.99 5.49 -7.12
CA LEU A 34 -3.84 5.42 -5.93
C LEU A 34 -4.39 6.81 -5.56
N THR A 35 -5.71 6.87 -5.29
CA THR A 35 -6.36 8.13 -4.89
C THR A 35 -6.58 8.20 -3.37
N PHE A 36 -6.05 9.25 -2.74
CA PHE A 36 -6.24 9.47 -1.29
C PHE A 36 -5.84 10.90 -0.85
N LYS A 37 -6.13 11.23 0.41
CA LYS A 37 -5.82 12.55 0.97
C LYS A 37 -4.74 12.46 2.06
N ALA A 38 -4.27 13.62 2.52
CA ALA A 38 -3.21 13.69 3.54
C ALA A 38 -3.74 13.24 4.92
N GLY A 39 -2.87 12.62 5.71
CA GLY A 39 -3.26 12.09 7.01
C GLY A 39 -3.54 10.59 6.97
N GLU A 40 -3.95 10.10 5.80
CA GLU A 40 -4.25 8.68 5.60
C GLU A 40 -3.04 7.78 5.91
N ILE A 41 -3.31 6.60 6.45
CA ILE A 41 -2.27 5.59 6.70
C ILE A 41 -2.27 4.55 5.57
N ILE A 42 -1.37 4.73 4.61
CA ILE A 42 -1.30 3.86 3.44
C ILE A 42 -0.44 2.62 3.69
N THR A 43 -1.05 1.45 3.68
CA THR A 43 -0.31 0.19 3.80
C THR A 43 0.27 -0.21 2.44
N VAL A 44 1.58 -0.09 2.27
CA VAL A 44 2.20 -0.45 0.99
C VAL A 44 2.49 -1.96 0.92
N LEU A 45 1.67 -2.66 0.16
CA LEU A 45 1.72 -4.13 0.08
C LEU A 45 2.90 -4.61 -0.77
N ASP A 46 3.24 -3.84 -1.80
CA ASP A 46 4.34 -4.19 -2.71
C ASP A 46 5.33 -3.03 -2.85
N ASP A 47 6.52 -3.20 -2.29
CA ASP A 47 7.56 -2.16 -2.30
C ASP A 47 8.68 -2.48 -3.31
N SER A 48 8.35 -3.30 -4.31
CA SER A 48 9.33 -3.76 -5.31
C SER A 48 10.16 -2.61 -5.91
N ASP A 49 9.51 -1.50 -6.22
CA ASP A 49 10.20 -0.31 -6.75
C ASP A 49 10.01 0.91 -5.85
N PRO A 50 11.09 1.44 -5.23
CA PRO A 50 11.02 2.67 -4.43
C PRO A 50 10.51 3.88 -5.22
N ASN A 51 10.57 3.78 -6.55
CA ASN A 51 10.05 4.83 -7.44
C ASN A 51 8.55 4.64 -7.71
N TRP A 52 8.04 3.42 -7.46
CA TRP A 52 6.63 3.09 -7.67
C TRP A 52 6.13 2.12 -6.58
N TRP A 53 5.62 2.66 -5.47
CA TRP A 53 5.07 1.84 -4.38
C TRP A 53 3.58 1.58 -4.58
N LYS A 54 3.16 0.34 -4.31
CA LYS A 54 1.74 -0.04 -4.39
C LYS A 54 1.11 -0.15 -2.99
N GLY A 55 0.16 0.73 -2.69
CA GLY A 55 -0.42 0.78 -1.35
C GLY A 55 -1.93 0.55 -1.29
N GLU A 56 -2.43 0.41 -0.07
CA GLU A 56 -3.86 0.19 0.18
C GLU A 56 -4.45 1.31 1.05
N THR A 57 -5.61 1.83 0.66
CA THR A 57 -6.32 2.85 1.44
C THR A 57 -7.80 2.47 1.63
N HIS A 58 -8.58 3.40 2.18
CA HIS A 58 -10.03 3.22 2.31
C HIS A 58 -10.74 3.58 0.99
N GLN A 59 -9.95 4.00 0.00
CA GLN A 59 -10.46 4.32 -1.34
C GLN A 59 -10.18 3.16 -2.31
N GLY A 60 -8.93 2.68 -2.31
CA GLY A 60 -8.54 1.60 -3.21
C GLY A 60 -7.06 1.24 -3.13
N ILE A 61 -6.59 0.40 -4.05
CA ILE A 61 -5.19 -0.04 -4.08
C ILE A 61 -4.52 0.36 -5.42
N GLY A 62 -3.36 1.01 -5.34
CA GLY A 62 -2.66 1.46 -6.56
C GLY A 62 -1.25 1.99 -6.30
N LEU A 63 -0.61 2.51 -7.35
CA LEU A 63 0.75 3.05 -7.25
C LEU A 63 0.77 4.55 -6.93
N PHE A 64 1.86 5.02 -6.32
CA PHE A 64 2.10 6.46 -6.12
C PHE A 64 3.60 6.80 -6.30
N PRO A 65 3.97 7.34 -7.48
CA PRO A 65 5.40 7.55 -7.85
C PRO A 65 6.08 8.73 -7.12
N SER A 66 5.32 9.78 -6.81
CA SER A 66 5.88 11.00 -6.22
C SER A 66 6.47 10.78 -4.82
N ASN A 67 6.12 9.65 -4.18
CA ASN A 67 6.62 9.34 -2.82
C ASN A 67 6.28 10.45 -1.80
N PHE A 68 5.10 11.04 -1.95
CA PHE A 68 4.61 12.10 -1.03
C PHE A 68 4.13 11.54 0.31
N VAL A 69 4.81 10.50 0.80
CA VAL A 69 4.46 9.85 2.08
C VAL A 69 5.68 9.74 2.99
N THR A 70 5.45 9.55 4.28
CA THR A 70 6.54 9.47 5.26
C THR A 70 6.34 8.31 6.23
N ALA A 71 7.45 7.69 6.66
CA ALA A 71 7.42 6.65 7.68
C ALA A 71 8.22 7.10 8.90
N ASP A 72 7.52 7.57 9.94
CA ASP A 72 8.17 8.10 11.14
C ASP A 72 8.23 7.04 12.27
N MET A 1 -1.77 -29.54 11.70
CA MET A 1 -1.69 -29.66 13.18
C MET A 1 -3.06 -29.46 13.85
N GLY A 2 -3.45 -30.40 14.70
CA GLY A 2 -4.70 -30.26 15.46
C GLY A 2 -5.95 -30.58 14.64
N HIS A 3 -6.97 -31.12 15.31
CA HIS A 3 -8.26 -31.38 14.67
C HIS A 3 -9.00 -30.05 14.41
N HIS A 4 -8.77 -29.08 15.27
CA HIS A 4 -9.37 -27.74 15.11
C HIS A 4 -8.67 -26.95 14.00
N HIS A 5 -9.20 -27.05 12.79
CA HIS A 5 -8.63 -26.32 11.64
C HIS A 5 -9.07 -24.85 11.67
N HIS A 6 -8.49 -24.09 12.61
CA HIS A 6 -8.86 -22.69 12.83
C HIS A 6 -8.14 -21.73 11.87
N HIS A 7 -8.53 -21.77 10.60
CA HIS A 7 -8.03 -20.83 9.58
C HIS A 7 -9.06 -20.65 8.44
N HIS A 8 -9.65 -19.46 8.36
CA HIS A 8 -10.56 -19.13 7.25
C HIS A 8 -9.78 -18.78 5.98
N SER A 9 -8.57 -18.26 6.17
CA SER A 9 -7.66 -18.00 5.04
C SER A 9 -7.30 -19.30 4.33
N HIS A 10 -7.42 -19.30 3.01
CA HIS A 10 -7.24 -20.52 2.22
C HIS A 10 -5.76 -20.89 2.01
N MET A 11 -4.90 -19.89 1.84
CA MET A 11 -3.45 -20.15 1.65
C MET A 11 -2.58 -19.08 2.33
N ASN A 12 -1.32 -19.44 2.57
CA ASN A 12 -0.38 -18.55 3.25
C ASN A 12 0.54 -17.81 2.27
N HIS A 13 1.01 -16.64 2.68
CA HIS A 13 2.01 -15.87 1.92
C HIS A 13 2.74 -14.89 2.85
N GLN A 14 3.80 -15.39 3.51
CA GLN A 14 4.50 -14.61 4.53
C GLN A 14 5.29 -13.43 3.92
N HIS A 15 4.60 -12.30 3.76
CA HIS A 15 5.20 -11.03 3.35
C HIS A 15 4.48 -9.87 4.06
N GLU A 16 5.12 -9.34 5.10
CA GLU A 16 4.48 -8.32 5.96
C GLU A 16 4.48 -6.94 5.30
N ALA A 17 3.29 -6.38 5.10
CA ALA A 17 3.14 -5.06 4.48
C ALA A 17 3.29 -3.93 5.53
N ARG A 18 4.19 -2.99 5.26
CA ARG A 18 4.45 -1.87 6.17
C ARG A 18 3.43 -0.74 5.95
N LYS A 19 3.28 0.13 6.96
CA LYS A 19 2.33 1.26 6.88
C LYS A 19 3.03 2.62 6.96
N VAL A 20 2.63 3.54 6.07
CA VAL A 20 3.16 4.90 6.03
C VAL A 20 2.02 5.93 6.10
N ARG A 21 2.36 7.22 6.10
CA ARG A 21 1.33 8.28 6.12
C ARG A 21 1.55 9.31 4.99
N ALA A 22 0.45 9.78 4.40
CA ALA A 22 0.52 10.78 3.32
C ALA A 22 0.68 12.20 3.87
N ILE A 23 1.50 13.01 3.21
CA ILE A 23 1.71 14.42 3.59
C ILE A 23 1.22 15.40 2.50
N TYR A 24 0.81 14.87 1.36
CA TYR A 24 0.27 15.68 0.26
C TYR A 24 -1.05 15.08 -0.27
N ASP A 25 -2.07 15.92 -0.43
CA ASP A 25 -3.35 15.49 -1.01
C ASP A 25 -3.19 15.22 -2.52
N PHE A 26 -3.57 14.03 -2.98
CA PHE A 26 -3.37 13.67 -4.39
C PHE A 26 -4.56 12.90 -4.98
N GLU A 27 -5.00 13.34 -6.16
CA GLU A 27 -6.00 12.62 -6.95
C GLU A 27 -5.30 11.80 -8.03
N ALA A 28 -5.57 10.50 -8.08
CA ALA A 28 -4.95 9.61 -9.08
C ALA A 28 -5.09 10.17 -10.51
N ALA A 29 -3.97 10.59 -11.09
CA ALA A 29 -3.98 11.15 -12.44
C ALA A 29 -4.18 10.04 -13.49
N GLU A 30 -3.50 8.91 -13.29
CA GLU A 30 -3.65 7.75 -14.17
C GLU A 30 -4.32 6.57 -13.43
N ASP A 31 -4.88 5.64 -14.19
CA ASP A 31 -5.67 4.53 -13.65
C ASP A 31 -4.91 3.70 -12.59
N ASN A 32 -3.61 3.51 -12.79
CA ASN A 32 -2.82 2.65 -11.90
C ASN A 32 -2.37 3.37 -10.62
N GLU A 33 -2.73 4.64 -10.45
CA GLU A 33 -2.35 5.39 -9.25
C GLU A 33 -3.42 5.28 -8.15
N LEU A 34 -3.04 5.62 -6.93
CA LEU A 34 -3.92 5.52 -5.75
C LEU A 34 -4.34 6.93 -5.27
N THR A 35 -5.64 7.12 -5.02
CA THR A 35 -6.17 8.41 -4.55
C THR A 35 -6.39 8.44 -3.02
N PHE A 36 -5.56 9.19 -2.31
CA PHE A 36 -5.76 9.43 -0.87
C PHE A 36 -5.21 10.81 -0.46
N LYS A 37 -5.54 11.25 0.76
CA LYS A 37 -5.19 12.60 1.20
C LYS A 37 -4.21 12.58 2.39
N ALA A 38 -3.62 13.74 2.70
CA ALA A 38 -2.72 13.88 3.83
C ALA A 38 -3.40 13.46 5.14
N GLY A 39 -2.72 12.63 5.93
CA GLY A 39 -3.29 12.11 7.18
C GLY A 39 -3.59 10.61 7.10
N GLU A 40 -4.01 10.13 5.92
CA GLU A 40 -4.33 8.71 5.72
C GLU A 40 -3.10 7.80 5.94
N ILE A 41 -3.35 6.64 6.54
CA ILE A 41 -2.31 5.61 6.72
C ILE A 41 -2.37 4.58 5.58
N ILE A 42 -1.30 4.50 4.79
CA ILE A 42 -1.26 3.62 3.63
C ILE A 42 -0.53 2.30 3.94
N THR A 43 -1.21 1.17 3.69
CA THR A 43 -0.57 -0.14 3.79
C THR A 43 0.00 -0.54 2.42
N VAL A 44 1.33 -0.53 2.29
CA VAL A 44 1.98 -0.85 1.02
C VAL A 44 2.37 -2.34 0.95
N LEU A 45 1.79 -3.06 -0.01
CA LEU A 45 2.01 -4.51 -0.16
C LEU A 45 3.38 -4.81 -0.79
N ASP A 46 3.86 -3.89 -1.63
CA ASP A 46 5.16 -4.04 -2.27
C ASP A 46 5.89 -2.68 -2.39
N ASP A 47 6.93 -2.50 -1.58
CA ASP A 47 7.73 -1.27 -1.61
C ASP A 47 9.13 -1.53 -2.21
N SER A 48 9.22 -2.53 -3.08
CA SER A 48 10.50 -2.96 -3.67
C SER A 48 11.24 -1.81 -4.39
N ASP A 49 10.68 -1.33 -5.50
CA ASP A 49 11.29 -0.23 -6.25
C ASP A 49 10.92 1.14 -5.67
N PRO A 50 11.91 2.01 -5.39
CA PRO A 50 11.65 3.38 -4.90
C PRO A 50 10.70 4.17 -5.82
N ASN A 51 10.64 3.77 -7.09
CA ASN A 51 9.76 4.42 -8.07
C ASN A 51 8.38 3.74 -8.16
N TRP A 52 8.26 2.52 -7.63
CA TRP A 52 7.02 1.74 -7.73
C TRP A 52 6.60 1.11 -6.41
N TRP A 53 5.78 1.82 -5.64
CA TRP A 53 5.18 1.30 -4.40
C TRP A 53 3.70 0.95 -4.62
N LYS A 54 3.35 -0.32 -4.40
CA LYS A 54 1.95 -0.77 -4.56
C LYS A 54 1.30 -1.02 -3.20
N GLY A 55 0.17 -0.38 -2.95
CA GLY A 55 -0.49 -0.50 -1.66
C GLY A 55 -2.02 -0.55 -1.76
N GLU A 56 -2.67 -0.62 -0.59
CA GLU A 56 -4.13 -0.67 -0.51
C GLU A 56 -4.63 0.22 0.64
N THR A 57 -5.68 0.99 0.39
CA THR A 57 -6.27 1.87 1.41
C THR A 57 -7.79 1.84 1.38
N HIS A 58 -8.42 2.35 2.44
CA HIS A 58 -9.87 2.50 2.49
C HIS A 58 -10.39 3.41 1.37
N GLN A 59 -9.54 4.34 0.94
CA GLN A 59 -9.92 5.31 -0.10
C GLN A 59 -9.77 4.71 -1.52
N GLY A 60 -8.98 3.64 -1.65
CA GLY A 60 -8.79 3.00 -2.95
C GLY A 60 -7.56 2.10 -3.03
N ILE A 61 -7.34 1.49 -4.20
CA ILE A 61 -6.19 0.60 -4.43
C ILE A 61 -5.34 1.11 -5.61
N GLY A 62 -4.02 0.94 -5.55
CA GLY A 62 -3.16 1.34 -6.68
C GLY A 62 -1.71 1.62 -6.30
N LEU A 63 -1.03 2.40 -7.15
CA LEU A 63 0.38 2.76 -6.96
C LEU A 63 0.52 4.23 -6.52
N PHE A 64 1.66 4.57 -5.93
CA PHE A 64 1.92 5.97 -5.57
C PHE A 64 3.41 6.36 -5.77
N PRO A 65 3.85 6.48 -7.04
CA PRO A 65 5.25 6.83 -7.39
C PRO A 65 5.60 8.30 -7.14
N SER A 66 4.59 9.19 -7.14
CA SER A 66 4.81 10.64 -6.97
C SER A 66 5.52 11.02 -5.67
N ASN A 67 5.56 10.09 -4.69
CA ASN A 67 6.34 10.28 -3.46
C ASN A 67 5.66 11.30 -2.51
N PHE A 68 4.33 11.28 -2.42
CA PHE A 68 3.59 12.19 -1.54
C PHE A 68 3.33 11.58 -0.14
N VAL A 69 4.12 10.57 0.22
CA VAL A 69 3.99 9.89 1.52
C VAL A 69 5.31 9.92 2.30
N THR A 70 5.26 9.48 3.55
CA THR A 70 6.46 9.38 4.40
C THR A 70 6.27 8.32 5.50
N ALA A 71 7.37 7.94 6.14
CA ALA A 71 7.34 6.87 7.15
C ALA A 71 7.17 7.42 8.58
N ASP A 72 6.09 7.02 9.24
CA ASP A 72 5.88 7.33 10.66
C ASP A 72 6.29 6.14 11.55
N MET A 1 12.29 -18.09 30.24
CA MET A 1 10.90 -18.63 30.23
C MET A 1 9.92 -17.64 29.58
N GLY A 2 8.64 -18.01 29.53
CA GLY A 2 7.63 -17.17 28.91
C GLY A 2 6.82 -17.90 27.84
N HIS A 3 6.79 -19.24 27.90
CA HIS A 3 6.09 -20.05 26.88
C HIS A 3 4.57 -19.98 27.07
N HIS A 4 3.87 -19.24 26.20
CA HIS A 4 2.42 -19.12 26.30
C HIS A 4 1.79 -18.78 24.94
N HIS A 5 0.48 -19.05 24.82
CA HIS A 5 -0.29 -18.72 23.60
C HIS A 5 0.25 -19.44 22.35
N HIS A 6 0.74 -20.66 22.52
CA HIS A 6 1.19 -21.48 21.38
C HIS A 6 -0.03 -21.97 20.59
N HIS A 7 -0.68 -21.04 19.88
CA HIS A 7 -1.92 -21.32 19.16
C HIS A 7 -1.69 -22.23 17.94
N HIS A 8 -1.53 -23.53 18.21
CA HIS A 8 -1.29 -24.54 17.16
C HIS A 8 -0.10 -24.16 16.26
N SER A 9 0.81 -23.33 16.78
CA SER A 9 2.01 -22.89 16.05
C SER A 9 1.66 -22.01 14.83
N HIS A 10 0.43 -21.47 14.83
CA HIS A 10 -0.03 -20.63 13.71
C HIS A 10 0.41 -19.17 13.85
N MET A 11 0.39 -18.45 12.73
CA MET A 11 0.88 -17.06 12.66
C MET A 11 -0.12 -16.05 13.26
N ASN A 12 0.42 -14.90 13.69
CA ASN A 12 -0.40 -13.74 14.03
C ASN A 12 -0.55 -12.85 12.78
N HIS A 13 0.59 -12.46 12.20
CA HIS A 13 0.63 -11.72 10.94
C HIS A 13 1.89 -12.08 10.12
N GLN A 14 1.70 -12.71 8.97
CA GLN A 14 2.81 -12.93 8.02
C GLN A 14 2.80 -11.87 6.92
N HIS A 15 3.90 -11.76 6.18
CA HIS A 15 4.09 -10.73 5.16
C HIS A 15 4.09 -9.33 5.80
N GLU A 16 5.24 -8.93 6.34
CA GLU A 16 5.36 -7.65 7.04
C GLU A 16 5.21 -6.46 6.08
N ALA A 17 3.97 -6.02 5.87
CA ALA A 17 3.69 -4.86 5.03
C ALA A 17 3.84 -3.56 5.84
N ARG A 18 4.71 -2.66 5.38
CA ARG A 18 4.98 -1.41 6.11
C ARG A 18 3.88 -0.36 5.86
N LYS A 19 3.51 0.36 6.90
CA LYS A 19 2.48 1.40 6.80
C LYS A 19 3.11 2.80 6.82
N VAL A 20 2.63 3.68 5.94
CA VAL A 20 3.19 5.02 5.80
C VAL A 20 2.11 6.11 5.99
N ARG A 21 2.55 7.28 6.45
CA ARG A 21 1.64 8.41 6.70
C ARG A 21 1.69 9.44 5.56
N ALA A 22 0.53 9.75 4.98
CA ALA A 22 0.44 10.72 3.89
C ALA A 22 0.60 12.16 4.38
N ILE A 23 1.56 12.88 3.82
CA ILE A 23 1.76 14.30 4.16
C ILE A 23 1.08 15.24 3.15
N TYR A 24 0.91 14.77 1.92
CA TYR A 24 0.25 15.57 0.87
C TYR A 24 -0.93 14.82 0.26
N ASP A 25 -1.93 15.58 -0.18
CA ASP A 25 -3.14 15.01 -0.78
C ASP A 25 -2.91 14.70 -2.28
N PHE A 26 -3.50 13.61 -2.77
CA PHE A 26 -3.33 13.22 -4.18
C PHE A 26 -4.48 12.34 -4.68
N GLU A 27 -4.93 12.63 -5.90
CA GLU A 27 -5.89 11.78 -6.59
C GLU A 27 -5.24 11.16 -7.84
N ALA A 28 -5.58 9.89 -8.12
CA ALA A 28 -4.96 9.15 -9.23
C ALA A 28 -5.02 9.92 -10.57
N ALA A 29 -3.84 10.11 -11.18
CA ALA A 29 -3.74 10.75 -12.49
C ALA A 29 -3.84 9.70 -13.61
N GLU A 30 -3.20 8.56 -13.38
CA GLU A 30 -3.30 7.41 -14.30
C GLU A 30 -4.23 6.33 -13.71
N ASP A 31 -4.44 5.26 -14.48
CA ASP A 31 -5.40 4.22 -14.11
C ASP A 31 -4.92 3.32 -12.95
N ASN A 32 -3.61 3.10 -12.83
CA ASN A 32 -3.06 2.19 -11.82
C ASN A 32 -2.57 2.91 -10.56
N GLU A 33 -2.94 4.18 -10.40
CA GLU A 33 -2.48 4.97 -9.25
C GLU A 33 -3.50 4.98 -8.10
N LEU A 34 -3.04 5.39 -6.91
CA LEU A 34 -3.88 5.35 -5.69
C LEU A 34 -4.36 6.76 -5.30
N THR A 35 -5.66 6.88 -5.02
CA THR A 35 -6.24 8.13 -4.52
C THR A 35 -6.43 8.09 -2.99
N PHE A 36 -5.93 9.10 -2.28
CA PHE A 36 -6.12 9.21 -0.83
C PHE A 36 -5.87 10.63 -0.32
N LYS A 37 -6.41 10.94 0.86
CA LYS A 37 -6.31 12.28 1.46
C LYS A 37 -5.06 12.45 2.32
N ALA A 38 -4.66 13.69 2.50
CA ALA A 38 -3.50 14.02 3.36
C ALA A 38 -3.80 13.71 4.83
N GLY A 39 -2.85 13.05 5.50
CA GLY A 39 -3.04 12.68 6.90
C GLY A 39 -3.50 11.23 7.10
N GLU A 40 -3.81 10.55 6.00
CA GLU A 40 -4.25 9.15 6.05
C GLU A 40 -3.07 8.18 6.17
N ILE A 41 -3.37 6.94 6.58
CA ILE A 41 -2.35 5.88 6.68
C ILE A 41 -2.48 4.89 5.51
N ILE A 42 -1.42 4.78 4.71
CA ILE A 42 -1.41 3.87 3.55
C ILE A 42 -0.56 2.63 3.82
N THR A 43 -1.18 1.46 3.76
CA THR A 43 -0.43 0.19 3.88
C THR A 43 0.08 -0.24 2.51
N VAL A 44 1.40 -0.17 2.30
CA VAL A 44 1.98 -0.54 1.02
C VAL A 44 2.10 -2.07 0.88
N LEU A 45 1.48 -2.62 -0.16
CA LEU A 45 1.45 -4.06 -0.39
C LEU A 45 2.64 -4.51 -1.25
N ASP A 46 3.21 -3.58 -2.00
CA ASP A 46 4.33 -3.87 -2.90
C ASP A 46 5.25 -2.65 -3.10
N ASP A 47 6.36 -2.61 -2.36
CA ASP A 47 7.39 -1.58 -2.57
C ASP A 47 8.58 -2.16 -3.37
N SER A 48 8.28 -3.16 -4.21
CA SER A 48 9.32 -3.91 -4.96
C SER A 48 10.29 -2.99 -5.73
N ASP A 49 9.83 -1.80 -6.10
CA ASP A 49 10.66 -0.84 -6.81
C ASP A 49 10.70 0.51 -6.07
N PRO A 50 11.91 1.07 -5.85
CA PRO A 50 12.07 2.35 -5.10
C PRO A 50 11.26 3.51 -5.69
N ASN A 51 10.95 3.45 -6.98
CA ASN A 51 10.18 4.51 -7.64
C ASN A 51 8.67 4.24 -7.57
N TRP A 52 8.29 2.97 -7.60
CA TRP A 52 6.88 2.58 -7.68
C TRP A 52 6.41 1.81 -6.45
N TRP A 53 5.75 2.51 -5.54
CA TRP A 53 5.15 1.90 -4.35
C TRP A 53 3.64 1.66 -4.55
N LYS A 54 3.23 0.39 -4.42
CA LYS A 54 1.83 0.01 -4.58
C LYS A 54 1.18 -0.25 -3.21
N GLY A 55 0.20 0.56 -2.83
CA GLY A 55 -0.39 0.47 -1.50
C GLY A 55 -1.90 0.27 -1.49
N GLU A 56 -2.47 0.23 -0.29
CA GLU A 56 -3.91 0.01 -0.10
C GLU A 56 -4.49 1.01 0.92
N THR A 57 -5.59 1.66 0.56
CA THR A 57 -6.31 2.56 1.47
C THR A 57 -7.79 2.17 1.56
N HIS A 58 -8.55 2.88 2.40
CA HIS A 58 -10.02 2.71 2.45
C HIS A 58 -10.70 3.38 1.24
N GLN A 59 -9.91 4.04 0.40
CA GLN A 59 -10.42 4.67 -0.83
C GLN A 59 -10.19 3.74 -2.04
N GLY A 60 -9.06 3.03 -2.05
CA GLY A 60 -8.76 2.11 -3.15
C GLY A 60 -7.34 1.56 -3.10
N ILE A 61 -6.96 0.78 -4.10
CA ILE A 61 -5.61 0.21 -4.19
C ILE A 61 -4.90 0.67 -5.48
N GLY A 62 -3.60 0.99 -5.37
CA GLY A 62 -2.84 1.44 -6.53
C GLY A 62 -1.42 1.90 -6.19
N LEU A 63 -0.71 2.40 -7.19
CA LEU A 63 0.67 2.86 -7.00
C LEU A 63 0.76 4.39 -6.83
N PHE A 64 1.86 4.86 -6.26
CA PHE A 64 2.11 6.30 -6.10
C PHE A 64 3.62 6.63 -6.23
N PRO A 65 4.06 7.06 -7.43
CA PRO A 65 5.50 7.27 -7.73
C PRO A 65 6.06 8.63 -7.25
N SER A 66 5.20 9.65 -7.17
CA SER A 66 5.64 11.02 -6.82
C SER A 66 6.19 11.11 -5.38
N ASN A 67 5.84 10.13 -4.54
CA ASN A 67 6.28 10.09 -3.14
C ASN A 67 5.80 11.32 -2.34
N PHE A 68 4.53 11.32 -1.97
CA PHE A 68 3.93 12.38 -1.15
C PHE A 68 3.56 11.85 0.24
N VAL A 69 4.30 10.83 0.68
CA VAL A 69 4.08 10.18 1.97
C VAL A 69 5.39 10.08 2.77
N THR A 70 5.28 9.67 4.04
CA THR A 70 6.45 9.50 4.89
C THR A 70 6.35 8.22 5.73
N ALA A 71 7.47 7.55 5.94
CA ALA A 71 7.47 6.28 6.68
C ALA A 71 7.87 6.49 8.14
N ASP A 72 6.87 6.52 9.02
CA ASP A 72 7.10 6.61 10.48
C ASP A 72 7.44 5.23 11.07
N MET A 1 -13.03 -35.21 1.40
CA MET A 1 -11.85 -34.58 0.74
C MET A 1 -11.92 -33.04 0.81
N GLY A 2 -10.83 -32.39 0.41
CA GLY A 2 -10.76 -30.93 0.47
C GLY A 2 -9.42 -30.43 1.00
N HIS A 3 -8.33 -30.76 0.30
CA HIS A 3 -6.99 -30.39 0.74
C HIS A 3 -6.09 -29.92 -0.43
N HIS A 4 -5.61 -28.68 -0.34
CA HIS A 4 -4.62 -28.16 -1.29
C HIS A 4 -3.23 -28.14 -0.66
N HIS A 5 -2.18 -28.01 -1.49
CA HIS A 5 -0.80 -28.02 -0.99
C HIS A 5 -0.48 -26.78 -0.13
N HIS A 6 -1.43 -25.84 -0.06
CA HIS A 6 -1.39 -24.74 0.91
C HIS A 6 -2.61 -24.81 1.83
N HIS A 7 -2.41 -25.28 3.07
CA HIS A 7 -3.53 -25.50 4.01
C HIS A 7 -3.75 -24.29 4.93
N HIS A 8 -2.77 -23.41 5.03
CA HIS A 8 -2.85 -22.25 5.93
C HIS A 8 -3.96 -21.28 5.51
N SER A 9 -5.17 -21.53 6.02
CA SER A 9 -6.33 -20.69 5.73
C SER A 9 -6.22 -19.32 6.42
N HIS A 10 -5.92 -18.29 5.64
CA HIS A 10 -5.77 -16.93 6.17
C HIS A 10 -7.11 -16.17 6.18
N MET A 11 -7.72 -16.05 7.37
CA MET A 11 -9.01 -15.38 7.52
C MET A 11 -8.87 -13.92 8.01
N ASN A 12 -7.73 -13.62 8.65
CA ASN A 12 -7.47 -12.27 9.16
C ASN A 12 -7.27 -11.27 8.01
N HIS A 13 -7.97 -10.13 8.06
CA HIS A 13 -7.77 -9.08 7.05
C HIS A 13 -6.40 -8.42 7.21
N GLN A 14 -5.84 -8.53 8.41
CA GLN A 14 -4.45 -8.14 8.67
C GLN A 14 -3.49 -8.97 7.79
N HIS A 15 -2.59 -8.29 7.09
CA HIS A 15 -1.63 -8.95 6.20
C HIS A 15 -0.25 -8.26 6.26
N GLU A 16 0.80 -9.07 6.24
CA GLU A 16 2.18 -8.58 6.37
C GLU A 16 2.52 -7.44 5.39
N ALA A 17 2.82 -6.27 5.92
CA ALA A 17 3.21 -5.10 5.12
C ALA A 17 3.64 -3.92 6.01
N ARG A 18 4.14 -2.86 5.38
CA ARG A 18 4.59 -1.66 6.10
C ARG A 18 3.65 -0.46 5.85
N LYS A 19 3.44 0.34 6.89
CA LYS A 19 2.47 1.44 6.83
C LYS A 19 3.17 2.79 6.61
N VAL A 20 2.61 3.61 5.72
CA VAL A 20 3.13 4.95 5.43
C VAL A 20 2.04 6.02 5.55
N ARG A 21 2.37 7.15 6.18
CA ARG A 21 1.44 8.26 6.35
C ARG A 21 1.59 9.29 5.22
N ALA A 22 0.48 9.70 4.63
CA ALA A 22 0.51 10.71 3.56
C ALA A 22 0.72 12.12 4.12
N ILE A 23 1.80 12.78 3.69
CA ILE A 23 2.08 14.15 4.13
C ILE A 23 1.57 15.19 3.12
N TYR A 24 1.48 14.80 1.85
CA TYR A 24 0.91 15.65 0.79
C TYR A 24 -0.25 14.94 0.09
N ASP A 25 -1.31 15.68 -0.24
CA ASP A 25 -2.47 15.09 -0.91
C ASP A 25 -2.25 15.05 -2.44
N PHE A 26 -2.32 13.85 -3.01
CA PHE A 26 -2.18 13.66 -4.44
C PHE A 26 -3.19 12.61 -4.93
N GLU A 27 -3.78 12.85 -6.11
CA GLU A 27 -4.85 12.00 -6.62
C GLU A 27 -4.49 11.36 -7.97
N ALA A 28 -5.09 10.20 -8.24
CA ALA A 28 -4.74 9.38 -9.40
C ALA A 28 -5.02 10.08 -10.74
N ALA A 29 -3.96 10.28 -11.52
CA ALA A 29 -4.08 10.75 -12.90
C ALA A 29 -4.28 9.55 -13.85
N GLU A 30 -3.62 8.44 -13.52
CA GLU A 30 -3.80 7.18 -14.23
C GLU A 30 -4.63 6.20 -13.40
N ASP A 31 -5.36 5.31 -14.07
CA ASP A 31 -6.25 4.36 -13.39
C ASP A 31 -5.50 3.46 -12.40
N ASN A 32 -4.22 3.22 -12.67
CA ASN A 32 -3.38 2.35 -11.86
C ASN A 32 -2.89 3.04 -10.57
N GLU A 33 -3.17 4.33 -10.42
CA GLU A 33 -2.74 5.09 -9.24
C GLU A 33 -3.83 5.12 -8.15
N LEU A 34 -3.44 5.47 -6.92
CA LEU A 34 -4.38 5.49 -5.79
C LEU A 34 -4.74 6.94 -5.38
N THR A 35 -6.03 7.23 -5.24
CA THR A 35 -6.52 8.57 -4.88
C THR A 35 -6.83 8.68 -3.38
N PHE A 36 -6.10 9.57 -2.68
CA PHE A 36 -6.35 9.84 -1.25
C PHE A 36 -5.76 11.19 -0.82
N LYS A 37 -6.14 11.67 0.36
CA LYS A 37 -5.66 12.96 0.88
C LYS A 37 -4.60 12.79 1.99
N ALA A 38 -4.00 13.91 2.38
CA ALA A 38 -2.97 13.93 3.43
C ALA A 38 -3.56 13.62 4.82
N GLY A 39 -2.77 12.96 5.66
CA GLY A 39 -3.22 12.59 7.00
C GLY A 39 -3.70 11.14 7.10
N GLU A 40 -3.90 10.51 5.94
CA GLU A 40 -4.37 9.12 5.88
C GLU A 40 -3.22 8.12 6.05
N ILE A 41 -3.54 6.93 6.56
CA ILE A 41 -2.55 5.87 6.75
C ILE A 41 -2.66 4.79 5.66
N ILE A 42 -1.70 4.77 4.75
CA ILE A 42 -1.71 3.83 3.62
C ILE A 42 -0.78 2.63 3.87
N THR A 43 -1.31 1.43 3.71
CA THR A 43 -0.50 0.21 3.83
C THR A 43 0.17 -0.12 2.48
N VAL A 44 1.48 0.09 2.38
CA VAL A 44 2.18 -0.17 1.11
C VAL A 44 2.59 -1.64 0.99
N LEU A 45 1.94 -2.34 0.06
CA LEU A 45 2.13 -3.79 -0.13
C LEU A 45 3.40 -4.10 -0.91
N ASP A 46 3.62 -3.37 -2.00
CA ASP A 46 4.80 -3.58 -2.85
C ASP A 46 5.61 -2.27 -3.00
N ASP A 47 6.66 -2.15 -2.20
CA ASP A 47 7.58 -1.02 -2.30
C ASP A 47 8.95 -1.48 -2.86
N SER A 48 8.91 -2.56 -3.64
CA SER A 48 10.13 -3.19 -4.19
C SER A 48 11.00 -2.19 -4.97
N ASP A 49 10.38 -1.19 -5.56
CA ASP A 49 11.09 -0.15 -6.31
C ASP A 49 10.80 1.24 -5.74
N PRO A 50 11.85 2.01 -5.34
CA PRO A 50 11.69 3.37 -4.80
C PRO A 50 11.03 4.34 -5.80
N ASN A 51 10.83 3.88 -7.03
CA ASN A 51 10.14 4.68 -8.07
C ASN A 51 8.63 4.38 -8.10
N TRP A 52 8.25 3.14 -7.76
CA TRP A 52 6.84 2.71 -7.85
C TRP A 52 6.40 1.94 -6.59
N TRP A 53 5.62 2.61 -5.73
CA TRP A 53 5.05 1.99 -4.53
C TRP A 53 3.56 1.68 -4.72
N LYS A 54 3.16 0.45 -4.37
CA LYS A 54 1.75 0.03 -4.47
C LYS A 54 1.12 -0.13 -3.08
N GLY A 55 0.12 0.69 -2.77
CA GLY A 55 -0.46 0.70 -1.44
C GLY A 55 -1.93 0.29 -1.40
N GLU A 56 -2.44 0.13 -0.17
CA GLU A 56 -3.81 -0.31 0.08
C GLU A 56 -4.52 0.64 1.05
N THR A 57 -5.74 1.05 0.70
CA THR A 57 -6.54 1.95 1.55
C THR A 57 -8.01 1.54 1.60
N HIS A 58 -8.79 2.23 2.43
CA HIS A 58 -10.25 2.03 2.46
C HIS A 58 -10.91 2.72 1.25
N GLN A 59 -10.10 3.48 0.49
CA GLN A 59 -10.55 4.10 -0.76
C GLN A 59 -10.29 3.17 -1.96
N GLY A 60 -9.21 2.40 -1.89
CA GLY A 60 -8.86 1.48 -2.97
C GLY A 60 -7.40 1.02 -2.91
N ILE A 61 -6.97 0.26 -3.91
CA ILE A 61 -5.59 -0.22 -4.00
C ILE A 61 -4.93 0.24 -5.32
N GLY A 62 -3.71 0.79 -5.22
CA GLY A 62 -3.04 1.29 -6.42
C GLY A 62 -1.63 1.82 -6.18
N LEU A 63 -1.03 2.37 -7.24
CA LEU A 63 0.34 2.90 -7.18
C LEU A 63 0.34 4.40 -6.81
N PHE A 64 1.48 4.88 -6.31
CA PHE A 64 1.69 6.30 -6.07
C PHE A 64 3.19 6.67 -6.20
N PRO A 65 3.69 6.75 -7.45
CA PRO A 65 5.13 7.00 -7.73
C PRO A 65 5.60 8.42 -7.36
N SER A 66 4.67 9.35 -7.20
CA SER A 66 5.01 10.76 -6.86
C SER A 66 5.79 10.86 -5.54
N ASN A 67 5.63 9.85 -4.68
CA ASN A 67 6.35 9.80 -3.38
C ASN A 67 6.01 11.01 -2.49
N PHE A 68 4.85 10.94 -1.85
CA PHE A 68 4.36 12.01 -0.96
C PHE A 68 3.96 11.44 0.41
N VAL A 69 4.60 10.34 0.79
CA VAL A 69 4.28 9.64 2.04
C VAL A 69 5.56 9.37 2.87
N THR A 70 5.39 9.03 4.15
CA THR A 70 6.54 8.71 5.02
C THR A 70 6.15 7.67 6.09
N ALA A 71 7.08 6.77 6.41
CA ALA A 71 6.83 5.73 7.41
C ALA A 71 6.99 6.30 8.85
N ASP A 72 5.94 6.17 9.66
CA ASP A 72 5.90 6.74 11.00
C ASP A 72 6.78 5.96 12.01
N MET A 1 -15.95 -29.92 -8.16
CA MET A 1 -15.68 -29.29 -6.83
C MET A 1 -14.23 -29.57 -6.37
N GLY A 2 -13.64 -28.61 -5.67
CA GLY A 2 -12.29 -28.77 -5.15
C GLY A 2 -12.21 -29.81 -4.01
N HIS A 3 -11.16 -30.61 -4.01
CA HIS A 3 -10.98 -31.64 -2.99
C HIS A 3 -10.44 -31.08 -1.66
N HIS A 4 -11.24 -30.20 -1.04
CA HIS A 4 -10.86 -29.58 0.24
C HIS A 4 -11.10 -30.56 1.40
N HIS A 5 -10.09 -30.74 2.24
CA HIS A 5 -10.17 -31.66 3.37
C HIS A 5 -9.35 -31.17 4.57
N HIS A 6 -9.33 -31.96 5.66
CA HIS A 6 -8.57 -31.60 6.85
C HIS A 6 -7.06 -31.60 6.58
N HIS A 7 -6.38 -30.57 7.04
CA HIS A 7 -4.94 -30.39 6.79
C HIS A 7 -4.22 -29.87 8.04
N HIS A 8 -3.18 -30.57 8.47
CA HIS A 8 -2.42 -30.17 9.66
C HIS A 8 -1.39 -29.08 9.31
N SER A 9 -0.85 -29.13 8.11
CA SER A 9 0.16 -28.16 7.66
C SER A 9 -0.49 -26.80 7.34
N HIS A 10 0.10 -25.74 7.85
CA HIS A 10 -0.40 -24.37 7.66
C HIS A 10 0.59 -23.35 8.26
N MET A 11 0.66 -22.16 7.68
CA MET A 11 1.56 -21.11 8.18
C MET A 11 1.00 -20.47 9.46
N ASN A 12 1.88 -20.21 10.43
CA ASN A 12 1.48 -19.57 11.69
C ASN A 12 1.87 -18.08 11.71
N HIS A 13 1.98 -17.49 10.52
CA HIS A 13 2.41 -16.10 10.39
C HIS A 13 1.91 -15.47 9.08
N GLN A 14 1.42 -14.25 9.16
CA GLN A 14 0.97 -13.49 7.99
C GLN A 14 2.07 -12.55 7.50
N HIS A 15 2.17 -12.35 6.18
CA HIS A 15 3.15 -11.41 5.63
C HIS A 15 2.83 -9.96 6.03
N GLU A 16 3.51 -9.47 7.05
CA GLU A 16 3.31 -8.11 7.56
C GLU A 16 4.04 -7.09 6.66
N ALA A 17 3.35 -5.99 6.34
CA ALA A 17 3.91 -4.96 5.46
C ALA A 17 4.13 -3.64 6.23
N ARG A 18 4.77 -2.67 5.57
CA ARG A 18 5.07 -1.37 6.19
C ARG A 18 3.95 -0.37 5.89
N LYS A 19 3.66 0.51 6.85
CA LYS A 19 2.61 1.52 6.68
C LYS A 19 3.21 2.93 6.59
N VAL A 20 2.72 3.72 5.65
CA VAL A 20 3.26 5.07 5.41
C VAL A 20 2.17 6.16 5.49
N ARG A 21 2.52 7.28 6.10
CA ARG A 21 1.62 8.43 6.23
C ARG A 21 1.85 9.45 5.11
N ALA A 22 0.78 9.82 4.41
CA ALA A 22 0.87 10.80 3.32
C ALA A 22 1.04 12.24 3.85
N ILE A 23 2.10 12.91 3.43
CA ILE A 23 2.33 14.31 3.83
C ILE A 23 1.58 15.29 2.92
N TYR A 24 1.27 14.86 1.70
CA TYR A 24 0.49 15.67 0.75
C TYR A 24 -0.73 14.89 0.23
N ASP A 25 -1.77 15.62 -0.18
CA ASP A 25 -2.96 15.02 -0.77
C ASP A 25 -2.74 14.71 -2.27
N PHE A 26 -3.56 13.83 -2.84
CA PHE A 26 -3.45 13.50 -4.26
C PHE A 26 -4.66 12.70 -4.77
N GLU A 27 -5.12 13.05 -5.97
CA GLU A 27 -6.15 12.28 -6.67
C GLU A 27 -5.55 11.53 -7.86
N ALA A 28 -5.87 10.24 -7.98
CA ALA A 28 -5.30 9.37 -9.02
C ALA A 28 -5.55 9.92 -10.44
N ALA A 29 -4.48 10.25 -11.15
CA ALA A 29 -4.57 10.74 -12.52
C ALA A 29 -4.53 9.58 -13.52
N GLU A 30 -3.55 8.69 -13.34
CA GLU A 30 -3.42 7.49 -14.18
C GLU A 30 -4.23 6.32 -13.62
N ASP A 31 -4.45 5.30 -14.44
CA ASP A 31 -5.25 4.13 -14.05
C ASP A 31 -4.65 3.41 -12.83
N ASN A 32 -3.32 3.35 -12.74
CA ASN A 32 -2.64 2.58 -11.69
C ASN A 32 -2.26 3.43 -10.47
N GLU A 33 -2.89 4.58 -10.29
CA GLU A 33 -2.62 5.44 -9.12
C GLU A 33 -3.72 5.33 -8.05
N LEU A 34 -3.40 5.79 -6.84
CA LEU A 34 -4.33 5.70 -5.69
C LEU A 34 -4.81 7.10 -5.25
N THR A 35 -6.13 7.24 -5.06
CA THR A 35 -6.74 8.52 -4.63
C THR A 35 -6.98 8.56 -3.11
N PHE A 36 -6.34 9.50 -2.42
CA PHE A 36 -6.58 9.71 -0.99
C PHE A 36 -6.15 11.12 -0.52
N LYS A 37 -6.39 11.43 0.76
CA LYS A 37 -6.08 12.75 1.31
C LYS A 37 -4.81 12.74 2.17
N ALA A 38 -4.39 13.92 2.62
CA ALA A 38 -3.19 14.06 3.45
C ALA A 38 -3.43 13.57 4.89
N GLY A 39 -2.40 13.00 5.50
CA GLY A 39 -2.50 12.52 6.88
C GLY A 39 -2.90 11.06 6.99
N GLU A 40 -3.44 10.49 5.92
CA GLU A 40 -3.91 9.10 5.92
C GLU A 40 -2.75 8.09 6.02
N ILE A 41 -3.04 6.94 6.61
CA ILE A 41 -2.05 5.86 6.76
C ILE A 41 -2.24 4.78 5.67
N ILE A 42 -1.41 4.81 4.64
CA ILE A 42 -1.50 3.86 3.54
C ILE A 42 -0.62 2.63 3.80
N THR A 43 -1.22 1.44 3.76
CA THR A 43 -0.47 0.20 3.90
C THR A 43 0.12 -0.21 2.54
N VAL A 44 1.43 -0.09 2.38
CA VAL A 44 2.09 -0.42 1.11
C VAL A 44 2.53 -1.89 1.10
N LEU A 45 1.84 -2.71 0.30
CA LEU A 45 2.10 -4.15 0.23
C LEU A 45 3.27 -4.49 -0.70
N ASP A 46 3.70 -3.51 -1.49
CA ASP A 46 4.80 -3.72 -2.43
C ASP A 46 5.66 -2.45 -2.57
N ASP A 47 6.75 -2.39 -1.82
CA ASP A 47 7.74 -1.31 -1.94
C ASP A 47 8.97 -1.81 -2.73
N SER A 48 8.76 -2.83 -3.56
CA SER A 48 9.83 -3.50 -4.32
C SER A 48 10.57 -2.51 -5.24
N ASP A 49 9.84 -1.59 -5.86
CA ASP A 49 10.45 -0.61 -6.76
C ASP A 49 10.63 0.75 -6.05
N PRO A 50 11.87 1.28 -6.00
CA PRO A 50 12.17 2.53 -5.27
C PRO A 50 11.31 3.74 -5.71
N ASN A 51 10.79 3.69 -6.94
CA ASN A 51 9.98 4.80 -7.46
C ASN A 51 8.48 4.43 -7.53
N TRP A 52 8.16 3.14 -7.49
CA TRP A 52 6.77 2.68 -7.61
C TRP A 52 6.34 1.80 -6.42
N TRP A 53 5.67 2.41 -5.45
CA TRP A 53 5.13 1.70 -4.28
C TRP A 53 3.62 1.42 -4.45
N LYS A 54 3.19 0.23 -4.02
CA LYS A 54 1.80 -0.20 -4.17
C LYS A 54 1.08 -0.30 -2.81
N GLY A 55 0.05 0.51 -2.59
CA GLY A 55 -0.65 0.52 -1.32
C GLY A 55 -2.12 0.09 -1.42
N GLU A 56 -2.71 -0.27 -0.27
CA GLU A 56 -4.11 -0.69 -0.19
C GLU A 56 -4.90 0.20 0.79
N THR A 57 -6.02 0.75 0.33
CA THR A 57 -6.89 1.59 1.18
C THR A 57 -8.37 1.33 0.88
N HIS A 58 -9.25 1.90 1.71
CA HIS A 58 -10.69 1.89 1.42
C HIS A 58 -11.06 2.94 0.37
N GLN A 59 -10.09 3.76 -0.01
CA GLN A 59 -10.27 4.75 -1.09
C GLN A 59 -9.75 4.22 -2.43
N GLY A 60 -9.13 3.03 -2.40
CA GLY A 60 -8.64 2.41 -3.62
C GLY A 60 -7.36 1.61 -3.41
N ILE A 61 -6.99 0.82 -4.41
CA ILE A 61 -5.75 0.03 -4.39
C ILE A 61 -4.90 0.33 -5.63
N GLY A 62 -3.64 0.73 -5.43
CA GLY A 62 -2.78 1.05 -6.56
C GLY A 62 -1.42 1.60 -6.19
N LEU A 63 -0.73 2.16 -7.16
CA LEU A 63 0.62 2.72 -6.98
C LEU A 63 0.57 4.22 -6.67
N PHE A 64 1.63 4.72 -6.01
CA PHE A 64 1.78 6.17 -5.78
C PHE A 64 3.24 6.60 -5.97
N PRO A 65 3.67 6.80 -7.24
CA PRO A 65 5.08 7.09 -7.58
C PRO A 65 5.53 8.51 -7.22
N SER A 66 4.59 9.38 -6.86
CA SER A 66 4.92 10.77 -6.51
C SER A 66 5.72 10.85 -5.20
N ASN A 67 5.69 9.77 -4.41
CA ASN A 67 6.50 9.66 -3.18
C ASN A 67 6.22 10.79 -2.16
N PHE A 68 4.95 11.21 -2.08
CA PHE A 68 4.52 12.23 -1.10
C PHE A 68 4.16 11.61 0.26
N VAL A 69 4.79 10.48 0.59
CA VAL A 69 4.51 9.76 1.84
C VAL A 69 5.78 9.56 2.68
N THR A 70 5.60 9.31 3.97
CA THR A 70 6.72 9.03 4.88
C THR A 70 6.36 7.94 5.90
N ALA A 71 7.36 7.38 6.56
CA ALA A 71 7.15 6.34 7.56
C ALA A 71 7.61 6.80 8.95
N ASP A 72 6.64 7.08 9.82
CA ASP A 72 6.92 7.53 11.19
C ASP A 72 7.70 6.46 11.99
N MET A 1 -2.49 -44.87 5.28
CA MET A 1 -1.24 -45.58 4.87
C MET A 1 -0.46 -44.80 3.80
N GLY A 2 -1.03 -43.68 3.33
CA GLY A 2 -0.41 -42.95 2.23
C GLY A 2 0.26 -41.65 2.66
N HIS A 3 1.51 -41.46 2.23
CA HIS A 3 2.26 -40.23 2.50
C HIS A 3 2.63 -39.53 1.19
N HIS A 4 1.95 -38.42 0.89
CA HIS A 4 2.16 -37.69 -0.36
C HIS A 4 3.00 -36.42 -0.16
N HIS A 5 3.57 -35.91 -1.25
CA HIS A 5 4.37 -34.68 -1.22
C HIS A 5 3.47 -33.44 -1.10
N HIS A 6 3.89 -32.50 -0.27
CA HIS A 6 3.15 -31.23 -0.09
C HIS A 6 3.89 -30.07 -0.75
N HIS A 7 3.21 -28.93 -0.90
CA HIS A 7 3.81 -27.75 -1.54
C HIS A 7 5.01 -27.22 -0.75
N HIS A 8 6.12 -26.98 -1.45
CA HIS A 8 7.40 -26.62 -0.83
C HIS A 8 7.42 -25.15 -0.34
N SER A 9 6.27 -24.48 -0.37
CA SER A 9 6.16 -23.07 0.05
C SER A 9 6.65 -22.88 1.50
N HIS A 10 6.07 -23.65 2.44
CA HIS A 10 6.52 -23.68 3.84
C HIS A 10 6.33 -22.32 4.56
N MET A 11 5.58 -21.39 3.97
CA MET A 11 5.34 -20.10 4.61
C MET A 11 4.31 -20.24 5.74
N ASN A 12 4.81 -20.54 6.95
CA ASN A 12 3.96 -20.73 8.12
C ASN A 12 3.43 -19.38 8.65
N HIS A 13 4.33 -18.56 9.19
CA HIS A 13 3.97 -17.23 9.68
C HIS A 13 4.43 -16.13 8.70
N GLN A 14 3.49 -15.30 8.27
CA GLN A 14 3.79 -14.20 7.33
C GLN A 14 4.49 -13.04 8.05
N HIS A 15 4.85 -12.01 7.28
CA HIS A 15 5.44 -10.79 7.84
C HIS A 15 4.42 -9.63 7.83
N GLU A 16 4.52 -8.74 8.80
CA GLU A 16 3.63 -7.56 8.88
C GLU A 16 4.00 -6.52 7.81
N ALA A 17 3.01 -6.11 7.02
CA ALA A 17 3.23 -5.12 5.95
C ALA A 17 3.45 -3.71 6.53
N ARG A 18 4.60 -3.11 6.21
CA ARG A 18 4.90 -1.74 6.68
C ARG A 18 3.89 -0.71 6.14
N LYS A 19 3.53 0.26 6.97
CA LYS A 19 2.57 1.29 6.58
C LYS A 19 3.21 2.69 6.59
N VAL A 20 2.77 3.57 5.68
CA VAL A 20 3.31 4.93 5.58
C VAL A 20 2.19 5.97 5.71
N ARG A 21 2.56 7.22 5.98
CA ARG A 21 1.58 8.30 6.18
C ARG A 21 1.69 9.36 5.08
N ALA A 22 0.55 9.74 4.51
CA ALA A 22 0.52 10.79 3.48
C ALA A 22 0.63 12.19 4.11
N ILE A 23 1.38 13.07 3.45
CA ILE A 23 1.52 14.47 3.92
C ILE A 23 0.96 15.48 2.91
N TYR A 24 0.73 15.05 1.67
CA TYR A 24 0.14 15.91 0.64
C TYR A 24 -1.06 15.22 -0.03
N ASP A 25 -2.06 16.02 -0.43
CA ASP A 25 -3.29 15.48 -1.02
C ASP A 25 -3.07 15.05 -2.49
N PHE A 26 -3.59 13.87 -2.85
CA PHE A 26 -3.54 13.41 -4.23
C PHE A 26 -4.78 12.60 -4.62
N GLU A 27 -5.53 13.12 -5.58
CA GLU A 27 -6.62 12.37 -6.21
C GLU A 27 -6.11 11.71 -7.50
N ALA A 28 -6.32 10.39 -7.63
CA ALA A 28 -5.74 9.63 -8.73
C ALA A 28 -6.11 10.23 -10.11
N ALA A 29 -5.16 10.99 -10.68
CA ALA A 29 -5.33 11.55 -12.02
C ALA A 29 -5.42 10.45 -13.07
N GLU A 30 -4.50 9.46 -12.96
CA GLU A 30 -4.47 8.31 -13.86
C GLU A 30 -5.07 7.07 -13.17
N ASP A 31 -5.19 5.98 -13.93
CA ASP A 31 -5.78 4.74 -13.42
C ASP A 31 -4.85 4.01 -12.42
N ASN A 32 -3.56 3.98 -12.75
CA ASN A 32 -2.57 3.22 -11.96
C ASN A 32 -2.31 3.84 -10.55
N GLU A 33 -2.26 5.16 -10.47
CA GLU A 33 -2.02 5.85 -9.19
C GLU A 33 -3.11 5.56 -8.14
N LEU A 34 -2.81 5.83 -6.88
CA LEU A 34 -3.73 5.54 -5.77
C LEU A 34 -4.39 6.84 -5.25
N THR A 35 -5.71 6.78 -5.03
CA THR A 35 -6.45 7.93 -4.46
C THR A 35 -6.33 8.00 -2.93
N PHE A 36 -5.65 9.03 -2.43
CA PHE A 36 -5.62 9.29 -0.98
C PHE A 36 -5.08 10.71 -0.69
N LYS A 37 -5.57 11.32 0.38
CA LYS A 37 -5.23 12.72 0.70
C LYS A 37 -4.31 12.83 1.93
N ALA A 38 -3.95 14.07 2.27
CA ALA A 38 -2.98 14.33 3.34
C ALA A 38 -3.47 13.83 4.72
N GLY A 39 -2.55 13.26 5.49
CA GLY A 39 -2.84 12.85 6.86
C GLY A 39 -3.24 11.37 6.99
N GLU A 40 -3.66 10.74 5.89
CA GLU A 40 -4.16 9.36 5.93
C GLU A 40 -3.04 8.31 5.87
N ILE A 41 -3.36 7.07 6.24
CA ILE A 41 -2.38 5.98 6.28
C ILE A 41 -2.49 5.04 5.07
N ILE A 42 -1.36 4.73 4.44
CA ILE A 42 -1.32 3.84 3.27
C ILE A 42 -0.51 2.57 3.60
N THR A 43 -1.14 1.41 3.45
CA THR A 43 -0.46 0.12 3.64
C THR A 43 0.19 -0.35 2.34
N VAL A 44 1.52 -0.31 2.26
CA VAL A 44 2.23 -0.71 1.03
C VAL A 44 2.29 -2.24 0.89
N LEU A 45 1.55 -2.77 -0.09
CA LEU A 45 1.46 -4.21 -0.32
C LEU A 45 2.63 -4.72 -1.17
N ASP A 46 3.16 -3.86 -2.04
CA ASP A 46 4.25 -4.24 -2.94
C ASP A 46 5.31 -3.13 -3.03
N ASP A 47 6.39 -3.29 -2.28
CA ASP A 47 7.52 -2.34 -2.31
C ASP A 47 8.71 -2.94 -3.10
N SER A 48 8.39 -3.73 -4.13
CA SER A 48 9.42 -4.44 -4.93
C SER A 48 10.48 -3.49 -5.51
N ASP A 49 10.08 -2.25 -5.80
CA ASP A 49 11.01 -1.26 -6.35
C ASP A 49 11.04 0.01 -5.48
N PRO A 50 12.23 0.48 -5.06
CA PRO A 50 12.37 1.68 -4.21
C PRO A 50 11.65 2.92 -4.74
N ASN A 51 11.37 2.95 -6.05
CA ASN A 51 10.68 4.08 -6.67
C ASN A 51 9.18 3.77 -6.88
N TRP A 52 8.87 2.50 -7.13
CA TRP A 52 7.49 2.09 -7.44
C TRP A 52 6.86 1.27 -6.31
N TRP A 53 6.17 1.97 -5.40
CA TRP A 53 5.46 1.32 -4.29
C TRP A 53 3.96 1.21 -4.57
N LYS A 54 3.41 0.03 -4.33
CA LYS A 54 1.97 -0.24 -4.52
C LYS A 54 1.28 -0.41 -3.15
N GLY A 55 0.38 0.50 -2.83
CA GLY A 55 -0.25 0.51 -1.50
C GLY A 55 -1.75 0.28 -1.52
N GLU A 56 -2.33 0.22 -0.32
CA GLU A 56 -3.77 -0.02 -0.16
C GLU A 56 -4.43 1.06 0.72
N THR A 57 -5.60 1.52 0.28
CA THR A 57 -6.46 2.38 1.12
C THR A 57 -7.85 1.75 1.26
N HIS A 58 -8.78 2.46 1.87
CA HIS A 58 -10.16 1.96 2.00
C HIS A 58 -10.96 2.30 0.74
N GLN A 59 -10.39 3.11 -0.15
CA GLN A 59 -11.02 3.46 -1.42
C GLN A 59 -10.54 2.56 -2.56
N GLY A 60 -9.30 2.08 -2.47
CA GLY A 60 -8.75 1.19 -3.49
C GLY A 60 -7.25 0.92 -3.35
N ILE A 61 -6.74 0.04 -4.20
CA ILE A 61 -5.30 -0.30 -4.23
C ILE A 61 -4.64 0.24 -5.51
N GLY A 62 -3.46 0.86 -5.37
CA GLY A 62 -2.81 1.48 -6.53
C GLY A 62 -1.35 1.87 -6.26
N LEU A 63 -0.78 2.65 -7.18
CA LEU A 63 0.62 3.07 -7.08
C LEU A 63 0.74 4.50 -6.55
N PHE A 64 1.87 4.83 -5.96
CA PHE A 64 2.16 6.22 -5.55
C PHE A 64 3.66 6.55 -5.63
N PRO A 65 4.29 6.36 -6.82
CA PRO A 65 5.71 6.70 -7.01
C PRO A 65 5.95 8.21 -7.09
N SER A 66 4.86 8.97 -7.20
CA SER A 66 4.93 10.45 -7.23
C SER A 66 5.52 11.00 -5.91
N ASN A 67 5.51 10.18 -4.85
CA ASN A 67 6.20 10.50 -3.58
C ASN A 67 5.59 11.73 -2.86
N PHE A 68 4.48 11.52 -2.18
CA PHE A 68 3.86 12.56 -1.33
C PHE A 68 3.54 12.00 0.07
N VAL A 69 4.30 10.98 0.47
CA VAL A 69 4.12 10.32 1.77
C VAL A 69 5.40 10.38 2.62
N THR A 70 5.34 9.80 3.83
CA THR A 70 6.50 9.76 4.72
C THR A 70 6.44 8.54 5.66
N ALA A 71 7.58 8.18 6.24
CA ALA A 71 7.65 7.09 7.22
C ALA A 71 8.18 7.61 8.56
N ASP A 72 7.27 7.84 9.51
CA ASP A 72 7.63 8.36 10.83
C ASP A 72 8.25 7.27 11.72
N MET A 1 -19.41 -27.74 11.18
CA MET A 1 -19.69 -26.89 12.37
C MET A 1 -18.42 -26.66 13.19
N GLY A 2 -17.73 -25.55 12.93
CA GLY A 2 -16.52 -25.21 13.68
C GLY A 2 -15.26 -25.09 12.82
N HIS A 3 -15.39 -25.32 11.50
CA HIS A 3 -14.24 -25.16 10.59
C HIS A 3 -13.95 -23.67 10.35
N HIS A 4 -13.20 -23.06 11.25
CA HIS A 4 -12.94 -21.61 11.20
C HIS A 4 -11.62 -21.29 10.48
N HIS A 5 -11.73 -20.64 9.32
CA HIS A 5 -10.57 -20.15 8.56
C HIS A 5 -10.94 -18.83 7.86
N HIS A 6 -12.09 -18.82 7.19
CA HIS A 6 -12.62 -17.65 6.50
C HIS A 6 -11.57 -17.01 5.55
N HIS A 7 -11.35 -17.67 4.41
CA HIS A 7 -10.43 -17.18 3.37
C HIS A 7 -8.94 -17.14 3.82
N HIS A 8 -8.66 -17.49 5.07
CA HIS A 8 -7.29 -17.50 5.58
C HIS A 8 -6.60 -18.84 5.33
N SER A 9 -5.76 -18.90 4.29
CA SER A 9 -4.98 -20.10 3.98
C SER A 9 -3.61 -20.07 4.68
N HIS A 10 -2.79 -21.09 4.43
CA HIS A 10 -1.50 -21.23 5.12
C HIS A 10 -0.42 -20.29 4.55
N MET A 11 -0.04 -20.50 3.29
CA MET A 11 1.01 -19.69 2.65
C MET A 11 0.57 -18.25 2.39
N ASN A 12 1.16 -17.31 3.13
CA ASN A 12 0.93 -15.88 2.94
C ASN A 12 2.27 -15.12 2.94
N HIS A 13 2.50 -14.29 1.91
CA HIS A 13 3.76 -13.54 1.80
C HIS A 13 3.88 -12.47 2.91
N GLN A 14 2.83 -11.67 3.08
CA GLN A 14 2.80 -10.64 4.12
C GLN A 14 1.75 -10.97 5.20
N HIS A 15 2.20 -11.45 6.35
CA HIS A 15 1.28 -11.74 7.46
C HIS A 15 0.95 -10.45 8.22
N GLU A 16 1.94 -9.57 8.34
CA GLU A 16 1.73 -8.19 8.80
C GLU A 16 1.97 -7.20 7.64
N ALA A 17 1.19 -6.14 7.59
CA ALA A 17 1.30 -5.16 6.50
C ALA A 17 1.91 -3.84 6.99
N ARG A 18 3.01 -3.41 6.37
CA ARG A 18 3.71 -2.18 6.74
C ARG A 18 2.98 -0.93 6.19
N LYS A 19 2.87 0.12 7.01
CA LYS A 19 2.11 1.32 6.63
C LYS A 19 2.99 2.58 6.62
N VAL A 20 2.64 3.53 5.75
CA VAL A 20 3.32 4.82 5.66
C VAL A 20 2.30 5.97 5.57
N ARG A 21 2.58 7.09 6.22
CA ARG A 21 1.64 8.22 6.26
C ARG A 21 1.92 9.22 5.13
N ALA A 22 0.85 9.69 4.48
CA ALA A 22 0.97 10.68 3.40
C ALA A 22 1.13 12.10 3.96
N ILE A 23 2.23 12.76 3.59
CA ILE A 23 2.48 14.14 4.04
C ILE A 23 1.94 15.17 3.04
N TYR A 24 1.50 14.71 1.86
CA TYR A 24 0.91 15.59 0.83
C TYR A 24 -0.39 14.99 0.28
N ASP A 25 -1.12 15.79 -0.49
CA ASP A 25 -2.43 15.39 -1.03
C ASP A 25 -2.34 15.07 -2.54
N PHE A 26 -2.88 13.92 -2.93
CA PHE A 26 -2.89 13.51 -4.35
C PHE A 26 -4.06 12.57 -4.66
N GLU A 27 -4.78 12.88 -5.74
CA GLU A 27 -5.88 12.04 -6.21
C GLU A 27 -5.48 11.32 -7.50
N ALA A 28 -5.91 10.07 -7.66
CA ALA A 28 -5.49 9.23 -8.79
C ALA A 28 -5.93 9.82 -10.14
N ALA A 29 -4.95 10.25 -10.94
CA ALA A 29 -5.22 10.72 -12.31
C ALA A 29 -5.68 9.56 -13.20
N GLU A 30 -4.89 8.48 -13.24
CA GLU A 30 -5.23 7.28 -14.00
C GLU A 30 -5.66 6.13 -13.06
N ASP A 31 -6.23 5.07 -13.63
CA ASP A 31 -6.58 3.87 -12.87
C ASP A 31 -5.35 3.20 -12.24
N ASN A 32 -4.17 3.49 -12.80
CA ASN A 32 -2.89 3.01 -12.26
C ASN A 32 -2.59 3.61 -10.88
N GLU A 33 -3.05 4.84 -10.65
CA GLU A 33 -2.70 5.59 -9.44
C GLU A 33 -3.65 5.28 -8.26
N LEU A 34 -3.21 5.63 -7.05
CA LEU A 34 -4.01 5.43 -5.84
C LEU A 34 -4.56 6.78 -5.32
N THR A 35 -5.87 6.85 -5.08
CA THR A 35 -6.49 8.07 -4.53
C THR A 35 -6.49 8.09 -3.00
N PHE A 36 -5.67 8.98 -2.42
CA PHE A 36 -5.66 9.18 -0.97
C PHE A 36 -5.28 10.63 -0.63
N LYS A 37 -5.91 11.18 0.40
CA LYS A 37 -5.73 12.60 0.76
C LYS A 37 -4.58 12.79 1.76
N ALA A 38 -4.20 14.05 1.98
CA ALA A 38 -3.11 14.37 2.91
C ALA A 38 -3.37 13.87 4.34
N GLY A 39 -2.37 13.25 4.94
CA GLY A 39 -2.49 12.75 6.31
C GLY A 39 -2.94 11.29 6.40
N GLU A 40 -3.49 10.76 5.31
CA GLU A 40 -4.01 9.38 5.30
C GLU A 40 -2.90 8.34 5.49
N ILE A 41 -3.27 7.19 6.05
CA ILE A 41 -2.31 6.10 6.29
C ILE A 41 -2.40 5.05 5.16
N ILE A 42 -1.35 4.99 4.33
CA ILE A 42 -1.32 4.06 3.21
C ILE A 42 -0.62 2.75 3.59
N THR A 43 -1.35 1.65 3.53
CA THR A 43 -0.75 0.31 3.76
C THR A 43 -0.03 -0.16 2.49
N VAL A 44 1.30 -0.16 2.51
CA VAL A 44 2.06 -0.53 1.31
C VAL A 44 2.26 -2.05 1.22
N LEU A 45 1.68 -2.65 0.17
CA LEU A 45 1.70 -4.11 -0.01
C LEU A 45 2.96 -4.57 -0.76
N ASP A 46 3.42 -3.74 -1.69
CA ASP A 46 4.58 -4.10 -2.53
C ASP A 46 5.36 -2.85 -2.97
N ASP A 47 6.62 -2.76 -2.55
CA ASP A 47 7.50 -1.67 -2.96
C ASP A 47 8.94 -2.17 -3.21
N SER A 48 9.23 -2.53 -4.45
CA SER A 48 10.55 -3.05 -4.82
C SER A 48 11.58 -1.92 -5.04
N ASP A 49 11.10 -0.68 -5.09
CA ASP A 49 11.99 0.48 -5.22
C ASP A 49 11.30 1.76 -4.72
N PRO A 50 12.08 2.74 -4.20
CA PRO A 50 11.52 4.01 -3.69
C PRO A 50 10.97 4.94 -4.77
N ASN A 51 10.79 4.42 -5.99
CA ASN A 51 10.20 5.18 -7.10
C ASN A 51 8.78 4.69 -7.44
N TRP A 52 8.47 3.43 -7.11
CA TRP A 52 7.14 2.86 -7.40
C TRP A 52 6.62 2.03 -6.22
N TRP A 53 5.70 2.62 -5.45
CA TRP A 53 5.09 1.93 -4.30
C TRP A 53 3.62 1.55 -4.59
N LYS A 54 3.26 0.31 -4.25
CA LYS A 54 1.87 -0.17 -4.38
C LYS A 54 1.20 -0.28 -3.01
N GLY A 55 0.17 0.53 -2.78
CA GLY A 55 -0.47 0.57 -1.47
C GLY A 55 -1.97 0.23 -1.49
N GLU A 56 -2.55 0.12 -0.31
CA GLU A 56 -3.97 -0.18 -0.14
C GLU A 56 -4.65 0.85 0.79
N THR A 57 -5.78 1.38 0.35
CA THR A 57 -6.62 2.24 1.20
C THR A 57 -8.07 1.74 1.18
N HIS A 58 -8.89 2.19 2.13
CA HIS A 58 -10.32 1.83 2.12
C HIS A 58 -11.03 2.45 0.91
N GLN A 59 -10.38 3.41 0.26
CA GLN A 59 -10.90 4.03 -0.96
C GLN A 59 -10.57 3.18 -2.21
N GLY A 60 -9.33 2.70 -2.29
CA GLY A 60 -8.92 1.89 -3.43
C GLY A 60 -7.46 1.40 -3.36
N ILE A 61 -7.02 0.69 -4.40
CA ILE A 61 -5.66 0.18 -4.49
C ILE A 61 -4.97 0.64 -5.79
N GLY A 62 -3.70 1.04 -5.70
CA GLY A 62 -2.99 1.50 -6.89
C GLY A 62 -1.54 1.89 -6.61
N LEU A 63 -0.97 2.69 -7.51
CA LEU A 63 0.43 3.12 -7.40
C LEU A 63 0.52 4.63 -7.11
N PHE A 64 1.66 5.05 -6.58
CA PHE A 64 1.96 6.48 -6.39
C PHE A 64 3.46 6.76 -6.55
N PRO A 65 3.96 6.78 -7.80
CA PRO A 65 5.41 6.90 -8.09
C PRO A 65 6.07 8.15 -7.49
N SER A 66 5.30 9.25 -7.40
CA SER A 66 5.82 10.50 -6.82
C SER A 66 6.22 10.33 -5.35
N ASN A 67 5.63 9.32 -4.69
CA ASN A 67 5.94 8.99 -3.28
C ASN A 67 5.96 10.22 -2.35
N PHE A 68 4.75 10.67 -2.00
CA PHE A 68 4.55 11.77 -1.05
C PHE A 68 4.22 11.23 0.36
N VAL A 69 4.73 10.03 0.63
CA VAL A 69 4.49 9.35 1.91
C VAL A 69 5.82 9.07 2.65
N THR A 70 5.74 8.79 3.94
CA THR A 70 6.94 8.48 4.74
C THR A 70 6.61 7.63 5.97
N ALA A 71 7.61 6.90 6.46
CA ALA A 71 7.47 6.10 7.68
C ALA A 71 7.94 6.90 8.90
N ASP A 72 6.98 7.46 9.64
CA ASP A 72 7.29 8.34 10.78
C ASP A 72 7.76 7.56 12.02
N MET A 1 2.29 -14.23 -3.04
CA MET A 1 0.86 -14.03 -2.70
C MET A 1 0.03 -13.64 -3.93
N GLY A 2 -0.88 -14.52 -4.34
CA GLY A 2 -1.71 -14.25 -5.51
C GLY A 2 -2.22 -15.52 -6.20
N HIS A 3 -1.31 -16.22 -6.89
CA HIS A 3 -1.64 -17.48 -7.58
C HIS A 3 -2.75 -17.29 -8.62
N HIS A 4 -2.66 -16.21 -9.39
CA HIS A 4 -3.67 -15.87 -10.41
C HIS A 4 -5.05 -15.61 -9.76
N HIS A 5 -5.04 -15.37 -8.44
CA HIS A 5 -6.26 -15.14 -7.65
C HIS A 5 -7.15 -16.41 -7.62
N HIS A 6 -6.52 -17.56 -7.91
CA HIS A 6 -7.23 -18.85 -7.95
C HIS A 6 -7.11 -19.60 -6.61
N HIS A 7 -8.27 -20.03 -6.08
CA HIS A 7 -8.32 -20.81 -4.83
C HIS A 7 -7.73 -20.03 -3.64
N HIS A 8 -8.59 -19.31 -2.93
CA HIS A 8 -8.16 -18.50 -1.80
C HIS A 8 -8.81 -18.97 -0.48
N SER A 9 -7.99 -19.28 0.51
CA SER A 9 -8.49 -19.62 1.86
C SER A 9 -9.28 -18.46 2.45
N HIS A 10 -10.40 -18.77 3.12
CA HIS A 10 -11.24 -17.73 3.73
C HIS A 10 -10.48 -17.01 4.88
N MET A 11 -9.51 -17.71 5.46
CA MET A 11 -8.61 -17.11 6.46
C MET A 11 -7.60 -16.17 5.79
N ASN A 12 -7.85 -14.87 5.87
CA ASN A 12 -6.93 -13.87 5.30
C ASN A 12 -5.75 -13.63 6.25
N HIS A 13 -4.85 -14.61 6.32
CA HIS A 13 -3.68 -14.54 7.20
C HIS A 13 -2.79 -13.34 6.86
N GLN A 14 -2.53 -12.49 7.85
CA GLN A 14 -1.71 -11.28 7.66
C GLN A 14 -0.21 -11.61 7.62
N HIS A 15 0.61 -10.60 7.39
CA HIS A 15 2.07 -10.75 7.31
C HIS A 15 2.76 -9.39 7.53
N GLU A 16 4.09 -9.40 7.66
CA GLU A 16 4.89 -8.17 7.81
C GLU A 16 4.42 -7.05 6.87
N ALA A 17 3.62 -6.13 7.39
CA ALA A 17 3.11 -5.00 6.61
C ALA A 17 3.74 -3.67 7.05
N ARG A 18 4.37 -2.97 6.10
CA ARG A 18 5.03 -1.69 6.40
C ARG A 18 4.08 -0.51 6.10
N LYS A 19 3.93 0.39 7.08
CA LYS A 19 2.95 1.49 7.00
C LYS A 19 3.63 2.85 6.72
N VAL A 20 3.04 3.62 5.81
CA VAL A 20 3.47 5.00 5.54
C VAL A 20 2.25 5.95 5.57
N ARG A 21 2.44 7.19 6.01
CA ARG A 21 1.32 8.15 6.10
C ARG A 21 1.50 9.31 5.10
N ALA A 22 0.41 9.71 4.46
CA ALA A 22 0.44 10.78 3.47
C ALA A 22 0.41 12.17 4.12
N ILE A 23 1.43 12.98 3.82
CA ILE A 23 1.51 14.36 4.33
C ILE A 23 1.07 15.38 3.27
N TYR A 24 0.89 14.92 2.03
CA TYR A 24 0.39 15.77 0.94
C TYR A 24 -0.82 15.12 0.26
N ASP A 25 -1.61 15.91 -0.45
CA ASP A 25 -2.80 15.40 -1.16
C ASP A 25 -2.42 14.92 -2.58
N PHE A 26 -2.90 13.75 -2.97
CA PHE A 26 -2.60 13.19 -4.29
C PHE A 26 -3.84 12.58 -4.96
N GLU A 27 -4.16 13.06 -6.15
CA GLU A 27 -5.26 12.50 -6.95
C GLU A 27 -4.71 11.80 -8.21
N ALA A 28 -5.06 10.53 -8.37
CA ALA A 28 -4.49 9.67 -9.41
C ALA A 28 -4.67 10.22 -10.83
N ALA A 29 -3.61 10.12 -11.64
CA ALA A 29 -3.69 10.49 -13.05
C ALA A 29 -4.38 9.38 -13.86
N GLU A 30 -3.81 8.17 -13.82
CA GLU A 30 -4.41 7.01 -14.48
C GLU A 30 -5.23 6.18 -13.47
N ASP A 31 -5.87 5.13 -13.97
CA ASP A 31 -6.73 4.28 -13.14
C ASP A 31 -5.92 3.39 -12.18
N ASN A 32 -4.63 3.20 -12.46
CA ASN A 32 -3.77 2.31 -11.67
C ASN A 32 -3.23 3.00 -10.40
N GLU A 33 -3.15 4.33 -10.42
CA GLU A 33 -2.70 5.09 -9.24
C GLU A 33 -3.82 5.22 -8.19
N LEU A 34 -3.44 5.59 -6.98
CA LEU A 34 -4.38 5.66 -5.84
C LEU A 34 -4.74 7.13 -5.53
N THR A 35 -6.03 7.47 -5.61
CA THR A 35 -6.50 8.83 -5.28
C THR A 35 -6.90 8.95 -3.80
N PHE A 36 -6.18 9.76 -3.04
CA PHE A 36 -6.50 9.99 -1.62
C PHE A 36 -5.86 11.29 -1.10
N LYS A 37 -6.39 11.81 0.01
CA LYS A 37 -5.94 13.10 0.55
C LYS A 37 -4.95 12.91 1.72
N ALA A 38 -4.39 14.02 2.20
CA ALA A 38 -3.41 14.00 3.29
C ALA A 38 -4.03 13.50 4.60
N GLY A 39 -3.23 12.80 5.40
CA GLY A 39 -3.69 12.27 6.68
C GLY A 39 -4.00 10.78 6.65
N GLU A 40 -4.12 10.21 5.45
CA GLU A 40 -4.46 8.79 5.29
C GLU A 40 -3.30 7.86 5.67
N ILE A 41 -3.65 6.66 6.14
CA ILE A 41 -2.66 5.61 6.44
C ILE A 41 -2.58 4.61 5.27
N ILE A 42 -1.42 4.54 4.63
CA ILE A 42 -1.23 3.66 3.47
C ILE A 42 -0.40 2.42 3.82
N THR A 43 -0.94 1.24 3.56
CA THR A 43 -0.18 0.00 3.70
C THR A 43 0.36 -0.43 2.33
N VAL A 44 1.66 -0.30 2.12
CA VAL A 44 2.27 -0.62 0.82
C VAL A 44 2.59 -2.13 0.71
N LEU A 45 1.95 -2.79 -0.25
CA LEU A 45 2.10 -4.23 -0.45
C LEU A 45 3.27 -4.55 -1.39
N ASP A 46 3.46 -3.68 -2.39
CA ASP A 46 4.51 -3.88 -3.39
C ASP A 46 5.49 -2.69 -3.38
N ASP A 47 6.57 -2.83 -2.63
CA ASP A 47 7.62 -1.81 -2.55
C ASP A 47 8.95 -2.30 -3.16
N SER A 48 8.83 -3.28 -4.08
CA SER A 48 10.00 -3.90 -4.72
C SER A 48 10.97 -2.85 -5.32
N ASP A 49 10.44 -1.99 -6.17
CA ASP A 49 11.25 -0.94 -6.78
C ASP A 49 10.98 0.42 -6.11
N PRO A 50 12.03 1.07 -5.57
CA PRO A 50 11.91 2.34 -4.81
C PRO A 50 11.13 3.46 -5.53
N ASN A 51 11.00 3.35 -6.85
CA ASN A 51 10.35 4.42 -7.65
C ASN A 51 8.87 4.12 -7.94
N TRP A 52 8.38 2.94 -7.55
CA TRP A 52 6.97 2.56 -7.81
C TRP A 52 6.38 1.73 -6.66
N TRP A 53 5.73 2.40 -5.71
CA TRP A 53 5.08 1.73 -4.58
C TRP A 53 3.58 1.49 -4.83
N LYS A 54 3.11 0.28 -4.55
CA LYS A 54 1.67 -0.05 -4.64
C LYS A 54 1.08 -0.28 -3.24
N GLY A 55 0.09 0.52 -2.87
CA GLY A 55 -0.50 0.42 -1.53
C GLY A 55 -1.99 0.11 -1.54
N GLU A 56 -2.44 -0.61 -0.52
CA GLU A 56 -3.87 -0.88 -0.31
C GLU A 56 -4.42 -0.03 0.84
N THR A 57 -5.50 0.70 0.58
CA THR A 57 -6.15 1.53 1.59
C THR A 57 -7.66 1.33 1.59
N HIS A 58 -8.35 2.00 2.51
CA HIS A 58 -9.82 1.95 2.55
C HIS A 58 -10.43 2.94 1.53
N GLN A 59 -9.60 3.84 1.02
CA GLN A 59 -10.00 4.75 -0.06
C GLN A 59 -9.88 4.05 -1.42
N GLY A 60 -8.86 3.20 -1.56
CA GLY A 60 -8.65 2.45 -2.80
C GLY A 60 -7.30 1.71 -2.84
N ILE A 61 -7.04 1.03 -3.95
CA ILE A 61 -5.77 0.31 -4.15
C ILE A 61 -5.07 0.81 -5.43
N GLY A 62 -3.77 1.12 -5.33
CA GLY A 62 -3.04 1.59 -6.51
C GLY A 62 -1.62 2.09 -6.21
N LEU A 63 -1.03 2.74 -7.21
CA LEU A 63 0.34 3.27 -7.09
C LEU A 63 0.37 4.69 -6.53
N PHE A 64 1.47 5.05 -5.88
CA PHE A 64 1.70 6.43 -5.43
C PHE A 64 3.20 6.79 -5.49
N PRO A 65 3.78 6.85 -6.71
CA PRO A 65 5.25 7.02 -6.90
C PRO A 65 5.72 8.48 -6.71
N SER A 66 4.81 9.38 -6.39
CA SER A 66 5.14 10.79 -6.15
C SER A 66 5.91 10.98 -4.82
N ASN A 67 5.87 9.95 -3.96
CA ASN A 67 6.66 9.93 -2.71
C ASN A 67 6.21 11.01 -1.70
N PHE A 68 4.93 11.36 -1.74
CA PHE A 68 4.35 12.37 -0.84
C PHE A 68 4.03 11.80 0.56
N VAL A 69 4.67 10.70 0.93
CA VAL A 69 4.37 10.01 2.19
C VAL A 69 5.59 9.96 3.11
N THR A 70 5.36 9.70 4.40
CA THR A 70 6.43 9.66 5.40
C THR A 70 6.32 8.41 6.29
N ALA A 71 7.38 8.14 7.04
CA ALA A 71 7.44 6.96 7.92
C ALA A 71 7.82 7.36 9.36
N ASP A 72 6.82 7.44 10.24
CA ASP A 72 7.05 7.83 11.64
C ASP A 72 6.66 6.69 12.61
N MET A 1 -8.96 -10.08 -16.52
CA MET A 1 -7.71 -10.87 -16.46
C MET A 1 -6.59 -10.08 -15.74
N GLY A 2 -5.95 -9.15 -16.45
CA GLY A 2 -4.98 -8.26 -15.83
C GLY A 2 -3.65 -8.92 -15.46
N HIS A 3 -3.66 -9.73 -14.41
CA HIS A 3 -2.43 -10.35 -13.89
C HIS A 3 -1.83 -11.35 -14.89
N HIS A 4 -0.82 -10.92 -15.63
CA HIS A 4 -0.12 -11.80 -16.57
C HIS A 4 1.39 -11.85 -16.29
N HIS A 5 1.88 -13.05 -15.96
CA HIS A 5 3.31 -13.29 -15.71
C HIS A 5 3.79 -14.56 -16.43
N HIS A 6 5.10 -14.67 -16.63
CA HIS A 6 5.68 -15.85 -17.29
C HIS A 6 5.58 -17.11 -16.40
N HIS A 7 6.38 -17.17 -15.34
CA HIS A 7 6.29 -18.28 -14.38
C HIS A 7 5.42 -17.88 -13.18
N HIS A 8 4.46 -18.74 -12.83
CA HIS A 8 3.39 -18.38 -11.88
C HIS A 8 3.65 -18.95 -10.47
N SER A 9 3.72 -18.08 -9.47
CA SER A 9 3.84 -18.51 -8.07
C SER A 9 3.79 -17.33 -7.09
N HIS A 10 3.50 -17.64 -5.82
CA HIS A 10 3.54 -16.66 -4.73
C HIS A 10 4.28 -17.27 -3.53
N MET A 11 5.57 -17.00 -3.43
CA MET A 11 6.41 -17.57 -2.37
C MET A 11 5.97 -17.09 -0.98
N ASN A 12 5.12 -17.88 -0.31
CA ASN A 12 4.55 -17.50 0.99
C ASN A 12 5.61 -17.36 2.08
N HIS A 13 6.18 -16.16 2.20
CA HIS A 13 7.11 -15.82 3.28
C HIS A 13 6.65 -14.52 3.95
N GLN A 14 6.87 -14.39 5.26
CA GLN A 14 6.35 -13.24 6.01
C GLN A 14 6.96 -11.91 5.54
N HIS A 15 6.26 -11.24 4.64
CA HIS A 15 6.56 -9.85 4.29
C HIS A 15 5.65 -8.91 5.10
N GLU A 16 6.12 -8.50 6.27
CA GLU A 16 5.32 -7.68 7.18
C GLU A 16 4.76 -6.43 6.49
N ALA A 17 3.44 -6.26 6.53
CA ALA A 17 2.79 -5.12 5.92
C ALA A 17 3.30 -3.80 6.51
N ARG A 18 4.05 -3.04 5.73
CA ARG A 18 4.65 -1.79 6.19
C ARG A 18 3.77 -0.59 5.84
N LYS A 19 3.77 0.42 6.72
CA LYS A 19 2.84 1.56 6.60
C LYS A 19 3.58 2.90 6.47
N VAL A 20 3.01 3.79 5.66
CA VAL A 20 3.49 5.17 5.52
C VAL A 20 2.31 6.16 5.61
N ARG A 21 2.54 7.31 6.23
CA ARG A 21 1.47 8.30 6.44
C ARG A 21 1.50 9.40 5.36
N ALA A 22 0.33 9.69 4.79
CA ALA A 22 0.21 10.75 3.79
C ALA A 22 0.20 12.14 4.45
N ILE A 23 1.16 12.98 4.09
CA ILE A 23 1.25 14.35 4.62
C ILE A 23 0.52 15.35 3.70
N TYR A 24 0.39 14.99 2.42
CA TYR A 24 -0.34 15.81 1.45
C TYR A 24 -1.31 14.96 0.61
N ASP A 25 -2.17 15.61 -0.18
CA ASP A 25 -3.19 14.91 -0.96
C ASP A 25 -2.82 14.81 -2.45
N PHE A 26 -3.42 13.83 -3.14
CA PHE A 26 -3.14 13.57 -4.56
C PHE A 26 -4.30 12.79 -5.22
N GLU A 27 -4.62 13.16 -6.47
CA GLU A 27 -5.67 12.47 -7.23
C GLU A 27 -5.06 11.56 -8.31
N ALA A 28 -5.69 10.39 -8.53
CA ALA A 28 -5.18 9.42 -9.49
C ALA A 28 -5.30 9.91 -10.94
N ALA A 29 -4.19 10.35 -11.52
CA ALA A 29 -4.15 10.78 -12.93
C ALA A 29 -4.43 9.61 -13.89
N GLU A 30 -3.88 8.44 -13.55
CA GLU A 30 -4.06 7.23 -14.37
C GLU A 30 -4.91 6.19 -13.62
N ASP A 31 -5.33 5.13 -14.33
CA ASP A 31 -6.11 4.05 -13.69
C ASP A 31 -5.30 3.32 -12.62
N ASN A 32 -3.99 3.25 -12.82
CA ASN A 32 -3.09 2.53 -11.90
C ASN A 32 -2.77 3.35 -10.64
N GLU A 33 -2.92 4.67 -10.71
CA GLU A 33 -2.61 5.57 -9.59
C GLU A 33 -3.66 5.47 -8.48
N LEU A 34 -3.32 5.95 -7.28
CA LEU A 34 -4.22 5.88 -6.12
C LEU A 34 -4.68 7.28 -5.69
N THR A 35 -6.00 7.49 -5.63
CA THR A 35 -6.57 8.77 -5.15
C THR A 35 -6.78 8.76 -3.64
N PHE A 36 -6.10 9.66 -2.92
CA PHE A 36 -6.28 9.77 -1.46
C PHE A 36 -5.73 11.10 -0.92
N LYS A 37 -6.16 11.47 0.29
CA LYS A 37 -5.73 12.73 0.90
C LYS A 37 -4.85 12.51 2.14
N ALA A 38 -4.33 13.61 2.69
CA ALA A 38 -3.52 13.56 3.90
C ALA A 38 -4.28 12.93 5.08
N GLY A 39 -3.57 12.13 5.87
CA GLY A 39 -4.20 11.44 7.00
C GLY A 39 -4.30 9.93 6.80
N GLU A 40 -4.32 9.49 5.54
CA GLU A 40 -4.36 8.05 5.22
C GLU A 40 -3.09 7.34 5.68
N ILE A 41 -3.26 6.13 6.24
CA ILE A 41 -2.12 5.26 6.57
C ILE A 41 -1.90 4.23 5.45
N ILE A 42 -1.07 4.59 4.49
CA ILE A 42 -0.86 3.77 3.29
C ILE A 42 -0.04 2.52 3.60
N THR A 43 -0.67 1.35 3.48
CA THR A 43 0.05 0.09 3.62
C THR A 43 0.55 -0.39 2.26
N VAL A 44 1.86 -0.30 2.03
CA VAL A 44 2.42 -0.66 0.72
C VAL A 44 2.60 -2.19 0.59
N LEU A 45 1.81 -2.78 -0.29
CA LEU A 45 1.83 -4.22 -0.52
C LEU A 45 3.05 -4.63 -1.35
N ASP A 46 3.36 -3.82 -2.36
CA ASP A 46 4.51 -4.07 -3.23
C ASP A 46 5.52 -2.92 -3.15
N ASP A 47 6.60 -3.15 -2.39
CA ASP A 47 7.67 -2.15 -2.22
C ASP A 47 8.97 -2.66 -2.86
N SER A 48 8.85 -3.57 -3.83
CA SER A 48 10.00 -4.21 -4.49
C SER A 48 10.99 -3.18 -5.06
N ASP A 49 10.49 -2.05 -5.54
CA ASP A 49 11.34 -0.97 -6.02
C ASP A 49 10.85 0.39 -5.51
N PRO A 50 11.76 1.21 -4.90
CA PRO A 50 11.40 2.51 -4.33
C PRO A 50 10.72 3.47 -5.33
N ASN A 51 10.93 3.21 -6.62
CA ASN A 51 10.38 4.06 -7.69
C ASN A 51 8.92 3.70 -8.02
N TRP A 52 8.49 2.49 -7.66
CA TRP A 52 7.12 2.04 -7.91
C TRP A 52 6.53 1.30 -6.69
N TRP A 53 5.73 2.00 -5.90
CA TRP A 53 5.08 1.43 -4.71
C TRP A 53 3.58 1.21 -4.93
N LYS A 54 3.11 0.00 -4.62
CA LYS A 54 1.68 -0.32 -4.67
C LYS A 54 1.09 -0.29 -3.25
N GLY A 55 0.20 0.66 -2.99
CA GLY A 55 -0.27 0.88 -1.62
C GLY A 55 -1.74 0.57 -1.39
N GLU A 56 -2.10 0.37 -0.13
CA GLU A 56 -3.47 0.09 0.29
C GLU A 56 -3.98 1.23 1.20
N THR A 57 -5.12 1.81 0.85
CA THR A 57 -5.75 2.88 1.65
C THR A 57 -7.22 2.54 1.93
N HIS A 58 -7.92 3.45 2.61
CA HIS A 58 -9.36 3.32 2.80
C HIS A 58 -10.12 3.80 1.55
N GLN A 59 -9.45 4.65 0.77
CA GLN A 59 -9.99 5.11 -0.51
C GLN A 59 -9.95 3.98 -1.56
N GLY A 60 -8.83 3.26 -1.58
CA GLY A 60 -8.64 2.16 -2.52
C GLY A 60 -7.20 1.67 -2.62
N ILE A 61 -6.94 0.73 -3.53
CA ILE A 61 -5.59 0.21 -3.76
C ILE A 61 -5.05 0.69 -5.13
N GLY A 62 -3.79 1.11 -5.17
CA GLY A 62 -3.19 1.58 -6.42
C GLY A 62 -1.71 1.96 -6.27
N LEU A 63 -1.21 2.78 -7.19
CA LEU A 63 0.18 3.23 -7.17
C LEU A 63 0.29 4.70 -6.75
N PHE A 64 1.45 5.07 -6.21
CA PHE A 64 1.73 6.47 -5.84
C PHE A 64 3.24 6.78 -5.92
N PRO A 65 3.86 6.60 -7.11
CA PRO A 65 5.32 6.78 -7.30
C PRO A 65 5.80 8.21 -6.96
N SER A 66 4.87 9.14 -6.85
CA SER A 66 5.19 10.55 -6.51
C SER A 66 5.88 10.68 -5.14
N ASN A 67 5.76 9.64 -4.30
CA ASN A 67 6.53 9.55 -3.04
C ASN A 67 6.23 10.72 -2.06
N PHE A 68 5.02 11.26 -2.13
CA PHE A 68 4.61 12.39 -1.27
C PHE A 68 4.22 11.95 0.17
N VAL A 69 4.70 10.79 0.58
CA VAL A 69 4.39 10.24 1.91
C VAL A 69 5.66 10.04 2.74
N THR A 70 5.50 9.83 4.05
CA THR A 70 6.65 9.58 4.94
C THR A 70 6.28 8.62 6.09
N ALA A 71 7.30 8.14 6.80
CA ALA A 71 7.09 7.23 7.92
C ALA A 71 7.75 7.75 9.21
N ASP A 72 6.98 7.81 10.29
CA ASP A 72 7.49 8.25 11.59
C ASP A 72 8.15 7.09 12.37
N MET A 1 -30.22 -5.44 23.29
CA MET A 1 -30.26 -6.64 22.43
C MET A 1 -28.95 -7.45 22.52
N GLY A 2 -27.85 -6.87 22.02
CA GLY A 2 -26.55 -7.54 22.09
C GLY A 2 -25.98 -7.61 23.51
N HIS A 3 -26.48 -8.57 24.30
CA HIS A 3 -26.04 -8.73 25.70
C HIS A 3 -24.63 -9.33 25.80
N HIS A 4 -24.18 -9.98 24.72
CA HIS A 4 -22.85 -10.60 24.68
C HIS A 4 -21.94 -9.89 23.67
N HIS A 5 -20.64 -10.15 23.73
CA HIS A 5 -19.66 -9.45 22.89
C HIS A 5 -18.53 -10.36 22.40
N HIS A 6 -17.91 -10.00 21.28
CA HIS A 6 -16.82 -10.78 20.69
C HIS A 6 -15.57 -10.75 21.59
N HIS A 7 -14.95 -11.91 21.79
CA HIS A 7 -13.83 -12.05 22.73
C HIS A 7 -12.50 -12.33 22.00
N HIS A 8 -11.61 -11.33 21.97
CA HIS A 8 -10.26 -11.50 21.39
C HIS A 8 -9.34 -10.29 21.66
N SER A 9 -8.31 -10.50 22.50
CA SER A 9 -7.23 -9.51 22.67
C SER A 9 -6.01 -9.93 21.83
N HIS A 10 -5.90 -9.38 20.63
CA HIS A 10 -4.86 -9.80 19.68
C HIS A 10 -4.71 -8.80 18.52
N MET A 11 -3.46 -8.55 18.11
CA MET A 11 -3.20 -7.73 16.93
C MET A 11 -3.73 -8.42 15.67
N ASN A 12 -5.02 -8.20 15.38
CA ASN A 12 -5.71 -8.91 14.29
C ASN A 12 -5.17 -8.53 12.89
N HIS A 13 -4.07 -9.16 12.50
CA HIS A 13 -3.51 -9.01 11.15
C HIS A 13 -2.79 -10.29 10.70
N GLN A 14 -3.21 -10.84 9.57
CA GLN A 14 -2.51 -11.97 8.95
C GLN A 14 -1.50 -11.44 7.92
N HIS A 15 -1.91 -10.42 7.17
CA HIS A 15 -0.99 -9.67 6.32
C HIS A 15 -0.67 -8.31 6.95
N GLU A 16 0.37 -8.28 7.77
CA GLU A 16 0.80 -7.05 8.42
C GLU A 16 1.91 -6.36 7.60
N ALA A 17 1.50 -5.63 6.56
CA ALA A 17 2.43 -4.94 5.67
C ALA A 17 2.83 -3.57 6.23
N ARG A 18 3.96 -3.04 5.75
CA ARG A 18 4.48 -1.76 6.22
C ARG A 18 3.52 -0.60 5.85
N LYS A 19 3.48 0.43 6.70
CA LYS A 19 2.54 1.55 6.50
C LYS A 19 3.27 2.90 6.44
N VAL A 20 2.75 3.81 5.62
CA VAL A 20 3.33 5.15 5.46
C VAL A 20 2.26 6.24 5.65
N ARG A 21 2.69 7.44 6.04
CA ARG A 21 1.75 8.56 6.27
C ARG A 21 1.77 9.54 5.09
N ALA A 22 0.58 9.85 4.55
CA ALA A 22 0.45 10.82 3.47
C ALA A 22 0.68 12.26 3.98
N ILE A 23 1.66 12.95 3.41
CA ILE A 23 1.96 14.32 3.80
C ILE A 23 1.42 15.35 2.78
N TYR A 24 1.17 14.89 1.55
CA TYR A 24 0.62 15.76 0.51
C TYR A 24 -0.66 15.18 -0.11
N ASP A 25 -1.67 16.03 -0.29
CA ASP A 25 -2.97 15.64 -0.85
C ASP A 25 -2.85 15.34 -2.36
N PHE A 26 -3.55 14.29 -2.83
CA PHE A 26 -3.49 13.92 -4.25
C PHE A 26 -4.54 12.84 -4.63
N GLU A 27 -5.37 13.15 -5.62
CA GLU A 27 -6.23 12.12 -6.25
C GLU A 27 -5.54 11.55 -7.49
N ALA A 28 -5.71 10.26 -7.72
CA ALA A 28 -5.02 9.54 -8.80
C ALA A 28 -5.13 10.25 -10.15
N ALA A 29 -3.99 10.71 -10.68
CA ALA A 29 -3.94 11.31 -12.02
C ALA A 29 -4.28 10.27 -13.10
N GLU A 30 -3.89 9.03 -12.84
CA GLU A 30 -4.24 7.89 -13.70
C GLU A 30 -4.82 6.76 -12.86
N ASP A 31 -5.60 5.87 -13.48
CA ASP A 31 -6.18 4.73 -12.78
C ASP A 31 -5.09 3.79 -12.21
N ASN A 32 -3.86 3.95 -12.67
CA ASN A 32 -2.71 3.21 -12.14
C ASN A 32 -2.36 3.70 -10.72
N GLU A 33 -2.57 4.99 -10.46
CA GLU A 33 -2.22 5.61 -9.18
C GLU A 33 -3.28 5.34 -8.10
N LEU A 34 -2.90 5.56 -6.84
CA LEU A 34 -3.82 5.34 -5.71
C LEU A 34 -4.33 6.69 -5.15
N THR A 35 -5.65 6.82 -5.06
CA THR A 35 -6.28 8.04 -4.53
C THR A 35 -6.37 8.03 -3.00
N PHE A 36 -5.72 9.00 -2.36
CA PHE A 36 -5.82 9.22 -0.91
C PHE A 36 -5.37 10.64 -0.53
N LYS A 37 -5.86 11.15 0.59
CA LYS A 37 -5.60 12.53 0.99
C LYS A 37 -4.54 12.64 2.09
N ALA A 38 -4.14 13.88 2.39
CA ALA A 38 -3.13 14.14 3.42
C ALA A 38 -3.62 13.73 4.82
N GLY A 39 -2.73 13.10 5.59
CA GLY A 39 -3.11 12.63 6.92
C GLY A 39 -3.41 11.13 6.96
N GLU A 40 -3.85 10.59 5.83
CA GLU A 40 -4.21 9.17 5.74
C GLU A 40 -2.98 8.24 5.88
N ILE A 41 -3.22 7.06 6.45
CA ILE A 41 -2.18 6.05 6.61
C ILE A 41 -2.32 4.96 5.51
N ILE A 42 -1.35 4.90 4.60
CA ILE A 42 -1.40 3.96 3.48
C ILE A 42 -0.60 2.70 3.79
N THR A 43 -1.23 1.54 3.64
CA THR A 43 -0.54 0.26 3.82
C THR A 43 0.03 -0.24 2.49
N VAL A 44 1.35 -0.17 2.33
CA VAL A 44 1.98 -0.62 1.08
C VAL A 44 2.32 -2.11 1.14
N LEU A 45 1.60 -2.89 0.35
CA LEU A 45 1.69 -4.36 0.38
C LEU A 45 2.91 -4.86 -0.40
N ASP A 46 3.22 -4.19 -1.51
CA ASP A 46 4.30 -4.63 -2.40
C ASP A 46 5.33 -3.51 -2.67
N ASP A 47 6.56 -3.75 -2.22
CA ASP A 47 7.69 -2.86 -2.50
C ASP A 47 8.49 -3.40 -3.71
N SER A 48 8.40 -2.71 -4.83
CA SER A 48 9.12 -3.12 -6.06
C SER A 48 10.37 -2.27 -6.28
N ASP A 49 10.18 -0.96 -6.36
CA ASP A 49 11.27 -0.01 -6.56
C ASP A 49 11.24 1.07 -5.46
N PRO A 50 12.40 1.67 -5.12
CA PRO A 50 12.50 2.68 -4.06
C PRO A 50 11.42 3.78 -4.14
N ASN A 51 10.93 4.06 -5.35
CA ASN A 51 9.84 5.03 -5.55
C ASN A 51 8.50 4.34 -5.88
N TRP A 52 8.55 3.16 -6.49
CA TRP A 52 7.33 2.46 -6.93
C TRP A 52 6.80 1.49 -5.86
N TRP A 53 5.83 1.95 -5.09
CA TRP A 53 5.17 1.13 -4.07
C TRP A 53 3.70 0.85 -4.43
N LYS A 54 3.26 -0.39 -4.20
CA LYS A 54 1.85 -0.77 -4.42
C LYS A 54 1.13 -0.96 -3.08
N GLY A 55 0.13 -0.13 -2.82
CA GLY A 55 -0.54 -0.16 -1.52
C GLY A 55 -2.05 -0.31 -1.60
N GLU A 56 -2.68 -0.52 -0.46
CA GLU A 56 -4.14 -0.64 -0.36
C GLU A 56 -4.71 0.34 0.67
N THR A 57 -5.78 1.03 0.28
CA THR A 57 -6.51 1.93 1.18
C THR A 57 -8.00 1.58 1.17
N HIS A 58 -8.79 2.23 2.04
CA HIS A 58 -10.24 2.07 2.00
C HIS A 58 -10.83 2.74 0.75
N GLN A 59 -10.03 3.59 0.11
CA GLN A 59 -10.44 4.28 -1.11
C GLN A 59 -10.22 3.39 -2.34
N GLY A 60 -9.17 2.57 -2.32
CA GLY A 60 -8.89 1.66 -3.43
C GLY A 60 -7.48 1.10 -3.41
N ILE A 61 -7.06 0.47 -4.51
CA ILE A 61 -5.71 -0.10 -4.64
C ILE A 61 -4.99 0.48 -5.87
N GLY A 62 -3.69 0.76 -5.73
CA GLY A 62 -2.92 1.30 -6.84
C GLY A 62 -1.47 1.64 -6.49
N LEU A 63 -0.82 2.42 -7.34
CA LEU A 63 0.58 2.84 -7.14
C LEU A 63 0.66 4.31 -6.76
N PHE A 64 1.78 4.70 -6.17
CA PHE A 64 2.05 6.13 -5.91
C PHE A 64 3.55 6.44 -6.04
N PRO A 65 4.12 6.22 -7.25
CA PRO A 65 5.56 6.43 -7.51
C PRO A 65 5.98 7.90 -7.36
N SER A 66 5.01 8.81 -7.49
CA SER A 66 5.24 10.25 -7.28
C SER A 66 5.72 10.53 -5.85
N ASN A 67 5.44 9.58 -4.95
CA ASN A 67 5.88 9.63 -3.54
C ASN A 67 5.58 10.97 -2.84
N PHE A 68 4.32 11.14 -2.46
CA PHE A 68 3.88 12.30 -1.67
C PHE A 68 3.56 11.87 -0.22
N VAL A 69 4.22 10.79 0.20
CA VAL A 69 4.04 10.24 1.55
C VAL A 69 5.39 10.22 2.30
N THR A 70 5.37 9.71 3.53
CA THR A 70 6.60 9.58 4.32
C THR A 70 6.54 8.36 5.26
N ALA A 71 7.70 7.91 5.73
CA ALA A 71 7.78 6.73 6.60
C ALA A 71 8.54 7.02 7.90
N ASP A 72 7.81 6.97 9.03
CA ASP A 72 8.37 7.19 10.37
C ASP A 72 8.83 8.65 10.59
N MET A 1 5.33 -28.02 -27.62
CA MET A 1 4.22 -28.54 -26.77
C MET A 1 4.66 -28.65 -25.30
N GLY A 2 3.75 -28.35 -24.37
CA GLY A 2 4.09 -28.42 -22.95
C GLY A 2 2.90 -28.81 -22.08
N HIS A 3 1.85 -27.98 -22.09
CA HIS A 3 0.66 -28.20 -21.27
C HIS A 3 1.00 -28.16 -19.76
N HIS A 4 2.10 -27.49 -19.42
CA HIS A 4 2.52 -27.38 -18.01
C HIS A 4 1.92 -26.12 -17.35
N HIS A 5 1.69 -26.20 -16.04
CA HIS A 5 1.04 -25.12 -15.30
C HIS A 5 1.68 -24.89 -13.93
N HIS A 6 2.04 -23.64 -13.64
CA HIS A 6 2.71 -23.28 -12.39
C HIS A 6 1.70 -22.90 -11.29
N HIS A 7 0.51 -23.47 -11.35
CA HIS A 7 -0.55 -23.19 -10.36
C HIS A 7 -0.09 -23.54 -8.93
N HIS A 8 0.20 -22.52 -8.13
CA HIS A 8 0.64 -22.72 -6.74
C HIS A 8 -0.54 -22.51 -5.77
N SER A 9 -1.18 -21.35 -5.85
CA SER A 9 -2.40 -21.05 -5.06
C SER A 9 -2.15 -21.13 -3.54
N HIS A 10 -0.98 -20.70 -3.10
CA HIS A 10 -0.62 -20.74 -1.68
C HIS A 10 -0.24 -19.35 -1.16
N MET A 11 -1.10 -18.78 -0.32
CA MET A 11 -0.81 -17.50 0.33
C MET A 11 0.16 -17.71 1.50
N ASN A 12 1.45 -17.46 1.25
CA ASN A 12 2.50 -17.66 2.27
C ASN A 12 2.28 -16.76 3.50
N HIS A 13 2.90 -17.12 4.62
CA HIS A 13 2.77 -16.36 5.85
C HIS A 13 3.39 -14.96 5.72
N GLN A 14 2.61 -14.02 5.18
CA GLN A 14 3.03 -12.62 5.06
C GLN A 14 3.23 -12.00 6.45
N HIS A 15 4.38 -11.34 6.65
CA HIS A 15 4.68 -10.74 7.95
C HIS A 15 3.96 -9.40 8.14
N GLU A 16 4.39 -8.37 7.43
CA GLU A 16 3.70 -7.06 7.43
C GLU A 16 3.88 -6.34 6.10
N ALA A 17 2.87 -5.57 5.72
CA ALA A 17 3.00 -4.58 4.65
C ALA A 17 3.28 -3.20 5.28
N ARG A 18 4.50 -2.69 5.07
CA ARG A 18 4.95 -1.49 5.79
C ARG A 18 3.96 -0.30 5.70
N LYS A 19 3.82 0.41 6.82
CA LYS A 19 2.83 1.50 6.93
C LYS A 19 3.50 2.87 6.70
N VAL A 20 2.85 3.72 5.89
CA VAL A 20 3.38 5.06 5.61
C VAL A 20 2.28 6.15 5.73
N ARG A 21 2.65 7.30 6.27
CA ARG A 21 1.72 8.43 6.41
C ARG A 21 1.92 9.44 5.27
N ALA A 22 0.82 9.78 4.59
CA ALA A 22 0.88 10.78 3.51
C ALA A 22 0.87 12.20 4.07
N ILE A 23 1.91 12.97 3.77
CA ILE A 23 1.99 14.38 4.21
C ILE A 23 1.36 15.31 3.16
N TYR A 24 1.20 14.80 1.94
CA TYR A 24 0.52 15.53 0.86
C TYR A 24 -0.61 14.67 0.26
N ASP A 25 -1.54 15.30 -0.45
CA ASP A 25 -2.68 14.58 -1.04
C ASP A 25 -2.47 14.32 -2.55
N PHE A 26 -3.04 13.23 -3.05
CA PHE A 26 -2.89 12.84 -4.46
C PHE A 26 -4.09 12.02 -4.95
N GLU A 27 -4.63 12.41 -6.10
CA GLU A 27 -5.71 11.65 -6.75
C GLU A 27 -5.19 10.90 -7.99
N ALA A 28 -5.70 9.70 -8.22
CA ALA A 28 -5.23 8.83 -9.30
C ALA A 28 -5.29 9.52 -10.68
N ALA A 29 -4.13 9.89 -11.21
CA ALA A 29 -4.04 10.48 -12.54
C ALA A 29 -4.06 9.38 -13.62
N GLU A 30 -3.33 8.30 -13.36
CA GLU A 30 -3.29 7.14 -14.26
C GLU A 30 -4.07 5.94 -13.68
N ASP A 31 -4.44 5.00 -14.56
CA ASP A 31 -5.29 3.86 -14.20
C ASP A 31 -4.76 3.06 -12.98
N ASN A 32 -3.44 2.88 -12.93
CA ASN A 32 -2.82 2.04 -11.89
C ASN A 32 -2.54 2.81 -10.58
N GLU A 33 -2.94 4.07 -10.51
CA GLU A 33 -2.61 4.92 -9.35
C GLU A 33 -3.77 4.98 -8.33
N LEU A 34 -3.46 5.41 -7.11
CA LEU A 34 -4.42 5.41 -5.99
C LEU A 34 -4.89 6.83 -5.63
N THR A 35 -6.19 6.99 -5.38
CA THR A 35 -6.76 8.27 -4.95
C THR A 35 -6.91 8.34 -3.42
N PHE A 36 -6.16 9.24 -2.78
CA PHE A 36 -6.28 9.45 -1.33
C PHE A 36 -5.77 10.84 -0.91
N LYS A 37 -6.00 11.21 0.35
CA LYS A 37 -5.66 12.56 0.84
C LYS A 37 -4.58 12.53 1.95
N ALA A 38 -4.10 13.71 2.32
CA ALA A 38 -3.06 13.86 3.34
C ALA A 38 -3.59 13.56 4.76
N GLY A 39 -2.74 12.98 5.60
CA GLY A 39 -3.13 12.64 6.97
C GLY A 39 -3.56 11.19 7.12
N GLU A 40 -3.66 10.48 6.00
CA GLU A 40 -4.06 9.08 6.01
C GLU A 40 -2.87 8.13 6.17
N ILE A 41 -3.09 6.98 6.80
CA ILE A 41 -2.07 5.94 6.93
C ILE A 41 -2.22 4.89 5.82
N ILE A 42 -1.35 4.94 4.81
CA ILE A 42 -1.42 4.01 3.69
C ILE A 42 -0.59 2.75 3.96
N THR A 43 -1.21 1.59 3.78
CA THR A 43 -0.50 0.31 3.88
C THR A 43 0.01 -0.11 2.50
N VAL A 44 1.32 -0.02 2.28
CA VAL A 44 1.90 -0.33 0.96
C VAL A 44 2.27 -1.82 0.85
N LEU A 45 1.55 -2.52 -0.04
CA LEU A 45 1.70 -3.97 -0.21
C LEU A 45 2.95 -4.32 -1.02
N ASP A 46 3.23 -3.52 -2.06
CA ASP A 46 4.37 -3.78 -2.96
C ASP A 46 5.19 -2.51 -3.22
N ASP A 47 6.22 -2.30 -2.40
CA ASP A 47 7.16 -1.19 -2.60
C ASP A 47 8.44 -1.68 -3.30
N SER A 48 8.27 -2.56 -4.28
CA SER A 48 9.38 -3.20 -4.99
C SER A 48 10.30 -2.19 -5.70
N ASP A 49 9.70 -1.17 -6.31
CA ASP A 49 10.47 -0.16 -7.05
C ASP A 49 10.46 1.19 -6.30
N PRO A 50 11.62 1.87 -6.21
CA PRO A 50 11.75 3.13 -5.44
C PRO A 50 10.71 4.19 -5.81
N ASN A 51 10.44 4.34 -7.11
CA ASN A 51 9.49 5.34 -7.61
C ASN A 51 8.08 4.77 -7.78
N TRP A 52 7.87 3.49 -7.47
CA TRP A 52 6.57 2.85 -7.68
C TRP A 52 6.12 2.00 -6.48
N TRP A 53 5.45 2.65 -5.53
CA TRP A 53 4.90 1.99 -4.35
C TRP A 53 3.43 1.65 -4.55
N LYS A 54 3.09 0.37 -4.39
CA LYS A 54 1.71 -0.12 -4.53
C LYS A 54 1.05 -0.30 -3.16
N GLY A 55 0.02 0.48 -2.87
CA GLY A 55 -0.59 0.47 -1.54
C GLY A 55 -2.11 0.30 -1.56
N GLU A 56 -2.68 0.14 -0.36
CA GLU A 56 -4.12 -0.02 -0.19
C GLU A 56 -4.69 0.99 0.81
N THR A 57 -5.79 1.63 0.46
CA THR A 57 -6.52 2.52 1.37
C THR A 57 -8.00 2.09 1.46
N HIS A 58 -8.80 2.86 2.18
CA HIS A 58 -10.25 2.64 2.21
C HIS A 58 -10.93 3.24 0.97
N GLN A 59 -10.12 3.86 0.10
CA GLN A 59 -10.63 4.46 -1.15
C GLN A 59 -10.29 3.57 -2.37
N GLY A 60 -9.43 2.57 -2.16
CA GLY A 60 -9.04 1.67 -3.24
C GLY A 60 -7.59 1.19 -3.15
N ILE A 61 -7.14 0.47 -4.18
CA ILE A 61 -5.76 -0.03 -4.26
C ILE A 61 -5.06 0.50 -5.51
N GLY A 62 -3.82 0.93 -5.38
CA GLY A 62 -3.09 1.46 -6.53
C GLY A 62 -1.67 1.93 -6.22
N LEU A 63 -1.10 2.71 -7.13
CA LEU A 63 0.28 3.21 -7.00
C LEU A 63 0.31 4.69 -6.57
N PHE A 64 1.35 5.07 -5.83
CA PHE A 64 1.62 6.49 -5.51
C PHE A 64 3.11 6.82 -5.72
N PRO A 65 3.50 7.08 -6.98
CA PRO A 65 4.92 7.20 -7.36
C PRO A 65 5.63 8.47 -6.85
N SER A 66 4.86 9.51 -6.53
CA SER A 66 5.43 10.80 -6.12
C SER A 66 6.25 10.70 -4.82
N ASN A 67 6.06 9.63 -4.04
CA ASN A 67 6.84 9.39 -2.80
C ASN A 67 6.62 10.51 -1.74
N PHE A 68 5.41 11.04 -1.66
CA PHE A 68 5.08 12.11 -0.69
C PHE A 68 4.71 11.54 0.69
N VAL A 69 5.25 10.39 1.05
CA VAL A 69 4.89 9.71 2.30
C VAL A 69 6.12 9.51 3.22
N THR A 70 5.85 9.44 4.52
CA THR A 70 6.91 9.23 5.52
C THR A 70 6.57 8.06 6.46
N ALA A 71 7.54 7.64 7.28
CA ALA A 71 7.34 6.51 8.19
C ALA A 71 7.04 6.97 9.62
N ASP A 72 5.76 6.92 10.01
CA ASP A 72 5.35 7.23 11.39
C ASP A 72 5.24 5.93 12.23
#